data_7H3S
# 
_entry.id   7H3S 
# 
_audit_conform.dict_name       mmcif_pdbx.dic 
_audit_conform.dict_version    5.397 
_audit_conform.dict_location   http://mmcif.pdb.org/dictionaries/ascii/mmcif_pdbx.dic 
# 
loop_
_database_2.database_id 
_database_2.database_code 
_database_2.pdbx_database_accession 
_database_2.pdbx_DOI 
PDB   7H3S         pdb_00007h3s 10.2210/pdb7h3s/pdb 
WWPDB D_1001406987 ?            ?                   
# 
loop_
_pdbx_audit_revision_history.ordinal 
_pdbx_audit_revision_history.data_content_type 
_pdbx_audit_revision_history.major_revision 
_pdbx_audit_revision_history.minor_revision 
_pdbx_audit_revision_history.revision_date 
1 'Structure model' 1 0 2024-04-24 
2 'Structure model' 1 1 2024-10-16 
# 
_pdbx_audit_revision_details.ordinal             1 
_pdbx_audit_revision_details.revision_ordinal    1 
_pdbx_audit_revision_details.data_content_type   'Structure model' 
_pdbx_audit_revision_details.provider            repository 
_pdbx_audit_revision_details.type                'Initial release' 
_pdbx_audit_revision_details.description         ? 
_pdbx_audit_revision_details.details             ? 
# 
loop_
_pdbx_audit_revision_group.ordinal 
_pdbx_audit_revision_group.revision_ordinal 
_pdbx_audit_revision_group.data_content_type 
_pdbx_audit_revision_group.group 
1 2 'Structure model' 'Database references' 
2 2 'Structure model' 'Structure summary'   
# 
loop_
_pdbx_audit_revision_category.ordinal 
_pdbx_audit_revision_category.revision_ordinal 
_pdbx_audit_revision_category.data_content_type 
_pdbx_audit_revision_category.category 
1 2 'Structure model' citation           
2 2 'Structure model' citation_author    
3 2 'Structure model' pdbx_entry_details 
# 
loop_
_pdbx_audit_revision_item.ordinal 
_pdbx_audit_revision_item.revision_ordinal 
_pdbx_audit_revision_item.data_content_type 
_pdbx_audit_revision_item.item 
1 2 'Structure model' '_citation.country'                 
2 2 'Structure model' '_citation.journal_abbrev'          
3 2 'Structure model' '_citation.journal_id_CSD'          
4 2 'Structure model' '_citation.journal_id_ISSN'         
5 2 'Structure model' '_citation.pdbx_database_id_DOI'    
6 2 'Structure model' '_citation.pdbx_database_id_PubMed' 
7 2 'Structure model' '_citation.title'                   
8 2 'Structure model' '_citation.year'                    
# 
_pdbx_database_status.entry_id                        7H3S 
_pdbx_database_status.status_code                     REL 
_pdbx_database_status.status_code_sf                  REL 
_pdbx_database_status.status_code_mr                  ? 
_pdbx_database_status.status_code_cs                  ? 
_pdbx_database_status.recvd_initial_deposition_date   2024-04-04 
_pdbx_database_status.status_code_nmr_data            ? 
_pdbx_database_status.deposit_site                    RCSB 
_pdbx_database_status.process_site                    RCSB 
_pdbx_database_status.SG_entry                        ? 
_pdbx_database_status.pdb_format_compatible           Y 
_pdbx_database_status.methods_development_category    ? 
# 
_pdbx_contact_author.id                 1 
_pdbx_contact_author.email              frank.von-delft@diamond.ac.uk 
_pdbx_contact_author.name_first         Frank 
_pdbx_contact_author.name_last          'von Delft' 
_pdbx_contact_author.role               'principal investigator/group leader' 
_pdbx_contact_author.identifier_ORCID   0000-0003-0378-0017 
_pdbx_contact_author.name_mi            ? 
# 
loop_
_audit_author.name 
_audit_author.pdbx_ordinal 
'Lithgo, R.M.'        1  
'Fairhead, M.'        2  
'Koekemoer, L.'       3  
'Balcomb, B.H.'       4  
'Capkin, E.'          5  
'Chandran, A.V.'      6  
'Golding, M.'         7  
'Godoy, A.S.'         8  
'Aschenbrenner, J.C.' 9  
'Marples, P.G.'       10 
'Ni, X.'              11 
'Thompson, W.'        12 
'Tomlinson, C.W.E.'   13 
'Wild, C.'            14 
'Winokan, M.'         15 
'Xavier, M.-A.E.'     16 
'Fearon, D.'          17 
'von Delft, F.'       18 
# 
_citation.id                        primary 
_citation.title                     
;Crystallographic Fragment Screen of Coxsackievirus A16 2A Protease identifies new opportunities for the development of broad-spectrum anti-enterovirals.
;
_citation.journal_abbrev            Biorxiv 
_citation.journal_volume            ? 
_citation.page_first                ? 
_citation.page_last                 ? 
_citation.year                      2024 
_citation.journal_id_ASTM           ? 
_citation.country                   US 
_citation.journal_id_ISSN           2692-8205 
_citation.journal_id_CSD            ? 
_citation.book_publisher            ? 
_citation.pdbx_database_id_PubMed   38746446 
_citation.pdbx_database_id_DOI      10.1101/2024.04.29.591684 
# 
loop_
_citation_author.citation_id 
_citation_author.name 
_citation_author.identifier_ORCID 
_citation_author.ordinal 
primary 'Lithgo, R.M.'        0000-0002-4706-9916 1  
primary 'Tomlinson, C.W.E.'   0000-0002-1845-6028 2  
primary 'Fairhead, M.'        0000-0001-5361-3933 3  
primary 'Winokan, M.'         ?                   4  
primary 'Thompson, W.'        0000-0003-1474-7810 5  
primary 'Wild, C.'            0000-0003-0654-8141 6  
primary 'Aschenbrenner, J.C.' 0000-0002-4318-0481 7  
primary 'Balcomb, B.H.'       0000-0001-7599-8467 8  
primary 'Marples, P.G.'       0000-0002-8787-7969 9  
primary 'Chandran, A.V.'      0000-0001-9942-2614 10 
primary 'Golding, M.'         0009-0004-7472-8333 11 
primary 'Koekemoer, L.'       0000-0001-9226-9127 12 
primary 'Williams, E.P.'      0000-0002-1331-9518 13 
primary 'Wang, S.'            ?                   14 
primary 'Ni, X.'              0000-0002-7769-8297 15 
primary 'MacLean, E.'         0000-0003-1680-4292 16 
primary 'Giroud, C.'          0000-0002-1629-1581 17 
primary 'Godoy, A.S.'         0000-0002-0613-9164 18 
primary 'Xavier, M.A.'        0000-0002-1709-9479 19 
primary 'Walsh, M.'           0000-0001-5683-1151 20 
primary 'Fearon, D.'          0000-0003-3529-7863 21 
primary 'von Delft, F.'       0000-0003-0378-0017 22 
# 
loop_
_entity.id 
_entity.type 
_entity.src_method 
_entity.pdbx_description 
_entity.formula_weight 
_entity.pdbx_number_of_molecules 
_entity.pdbx_ec 
_entity.pdbx_mutation 
_entity.pdbx_fragment 
_entity.details 
1 polymer     man 'Protease 2A'                               16493.311 1   3.4.22.29 ? ? ? 
2 non-polymer man '2-(1H-indazol-1-yl)-N,N-dimethylacetamide' 203.240   1   ?         ? ? ? 
3 non-polymer syn 'ZINC ION'                                  65.409    1   ?         ? ? ? 
4 non-polymer syn 'DIMETHYL SULFOXIDE'                        78.133    5   ?         ? ? ? 
5 non-polymer syn 'SULFATE ION'                               96.063    1   ?         ? ? ? 
6 water       nat water                                       18.015    233 ?         ? ? ? 
# 
_entity_name_com.entity_id   1 
_entity_name_com.name        'P2A,Picornain 2A,Protein 2A' 
# 
_entity_poly.entity_id                      1 
_entity_poly.type                           'polypeptide(L)' 
_entity_poly.nstd_linkage                   no 
_entity_poly.nstd_monomer                   no 
_entity_poly.pdbx_seq_one_letter_code       
;QEQTGGSGAIYVGNYRVVNRHLATHNDWANLVWEDSSRDLLVSSTTAQGCDTIARCDCQTGVYYCSSRRKHYPVSFSKPS
LIFVEASEYYPARYQSHLMLAVGHSEPGDCGGILRCQHGVVGIVSTGGNGLVGFADVRDLLWLDEEAMEQ
;
_entity_poly.pdbx_seq_one_letter_code_can   
;QEQTGGSGAIYVGNYRVVNRHLATHNDWANLVWEDSSRDLLVSSTTAQGCDTIARCDCQTGVYYCSSRRKHYPVSFSKPS
LIFVEASEYYPARYQSHLMLAVGHSEPGDCGGILRCQHGVVGIVSTGGNGLVGFADVRDLLWLDEEAMEQ
;
_entity_poly.pdbx_strand_id                 A 
_entity_poly.pdbx_target_identifier         ? 
# 
loop_
_pdbx_entity_nonpoly.entity_id 
_pdbx_entity_nonpoly.name 
_pdbx_entity_nonpoly.comp_id 
2 '2-(1H-indazol-1-yl)-N,N-dimethylacetamide' YG5 
3 'ZINC ION'                                  ZN  
4 'DIMETHYL SULFOXIDE'                        DMS 
5 'SULFATE ION'                               SO4 
6 water                                       HOH 
# 
loop_
_entity_poly_seq.entity_id 
_entity_poly_seq.num 
_entity_poly_seq.mon_id 
_entity_poly_seq.hetero 
1 1   GLN n 
1 2   GLU n 
1 3   GLN n 
1 4   THR n 
1 5   GLY n 
1 6   GLY n 
1 7   SER n 
1 8   GLY n 
1 9   ALA n 
1 10  ILE n 
1 11  TYR n 
1 12  VAL n 
1 13  GLY n 
1 14  ASN n 
1 15  TYR n 
1 16  ARG n 
1 17  VAL n 
1 18  VAL n 
1 19  ASN n 
1 20  ARG n 
1 21  HIS n 
1 22  LEU n 
1 23  ALA n 
1 24  THR n 
1 25  HIS n 
1 26  ASN n 
1 27  ASP n 
1 28  TRP n 
1 29  ALA n 
1 30  ASN n 
1 31  LEU n 
1 32  VAL n 
1 33  TRP n 
1 34  GLU n 
1 35  ASP n 
1 36  SER n 
1 37  SER n 
1 38  ARG n 
1 39  ASP n 
1 40  LEU n 
1 41  LEU n 
1 42  VAL n 
1 43  SER n 
1 44  SER n 
1 45  THR n 
1 46  THR n 
1 47  ALA n 
1 48  GLN n 
1 49  GLY n 
1 50  CYS n 
1 51  ASP n 
1 52  THR n 
1 53  ILE n 
1 54  ALA n 
1 55  ARG n 
1 56  CYS n 
1 57  ASP n 
1 58  CYS n 
1 59  GLN n 
1 60  THR n 
1 61  GLY n 
1 62  VAL n 
1 63  TYR n 
1 64  TYR n 
1 65  CYS n 
1 66  SER n 
1 67  SER n 
1 68  ARG n 
1 69  ARG n 
1 70  LYS n 
1 71  HIS n 
1 72  TYR n 
1 73  PRO n 
1 74  VAL n 
1 75  SER n 
1 76  PHE n 
1 77  SER n 
1 78  LYS n 
1 79  PRO n 
1 80  SER n 
1 81  LEU n 
1 82  ILE n 
1 83  PHE n 
1 84  VAL n 
1 85  GLU n 
1 86  ALA n 
1 87  SER n 
1 88  GLU n 
1 89  TYR n 
1 90  TYR n 
1 91  PRO n 
1 92  ALA n 
1 93  ARG n 
1 94  TYR n 
1 95  GLN n 
1 96  SER n 
1 97  HIS n 
1 98  LEU n 
1 99  MET n 
1 100 LEU n 
1 101 ALA n 
1 102 VAL n 
1 103 GLY n 
1 104 HIS n 
1 105 SER n 
1 106 GLU n 
1 107 PRO n 
1 108 GLY n 
1 109 ASP n 
1 110 CYS n 
1 111 GLY n 
1 112 GLY n 
1 113 ILE n 
1 114 LEU n 
1 115 ARG n 
1 116 CYS n 
1 117 GLN n 
1 118 HIS n 
1 119 GLY n 
1 120 VAL n 
1 121 VAL n 
1 122 GLY n 
1 123 ILE n 
1 124 VAL n 
1 125 SER n 
1 126 THR n 
1 127 GLY n 
1 128 GLY n 
1 129 ASN n 
1 130 GLY n 
1 131 LEU n 
1 132 VAL n 
1 133 GLY n 
1 134 PHE n 
1 135 ALA n 
1 136 ASP n 
1 137 VAL n 
1 138 ARG n 
1 139 ASP n 
1 140 LEU n 
1 141 LEU n 
1 142 TRP n 
1 143 LEU n 
1 144 ASP n 
1 145 GLU n 
1 146 GLU n 
1 147 ALA n 
1 148 MET n 
1 149 GLU n 
1 150 GLN n 
# 
loop_
_entity_src_gen.entity_id 
_entity_src_gen.pdbx_src_id 
_entity_src_gen.pdbx_alt_source_flag 
_entity_src_gen.pdbx_seq_type 
_entity_src_gen.pdbx_beg_seq_num 
_entity_src_gen.pdbx_end_seq_num 
_entity_src_gen.gene_src_common_name 
_entity_src_gen.gene_src_genus 
_entity_src_gen.pdbx_gene_src_gene 
_entity_src_gen.gene_src_species 
_entity_src_gen.gene_src_strain 
_entity_src_gen.gene_src_tissue 
_entity_src_gen.gene_src_tissue_fraction 
_entity_src_gen.gene_src_details 
_entity_src_gen.pdbx_gene_src_fragment 
_entity_src_gen.pdbx_gene_src_scientific_name 
_entity_src_gen.pdbx_gene_src_ncbi_taxonomy_id 
_entity_src_gen.pdbx_gene_src_variant 
_entity_src_gen.pdbx_gene_src_cell_line 
_entity_src_gen.pdbx_gene_src_atcc 
_entity_src_gen.pdbx_gene_src_organ 
_entity_src_gen.pdbx_gene_src_organelle 
_entity_src_gen.pdbx_gene_src_cell 
_entity_src_gen.pdbx_gene_src_cellular_location 
_entity_src_gen.host_org_common_name 
_entity_src_gen.pdbx_host_org_scientific_name 
_entity_src_gen.pdbx_host_org_ncbi_taxonomy_id 
_entity_src_gen.host_org_genus 
_entity_src_gen.pdbx_host_org_gene 
_entity_src_gen.pdbx_host_org_organ 
_entity_src_gen.host_org_species 
_entity_src_gen.pdbx_host_org_tissue 
_entity_src_gen.pdbx_host_org_tissue_fraction 
_entity_src_gen.pdbx_host_org_strain 
_entity_src_gen.pdbx_host_org_variant 
_entity_src_gen.pdbx_host_org_cell_line 
_entity_src_gen.pdbx_host_org_atcc 
_entity_src_gen.pdbx_host_org_culture_collection 
_entity_src_gen.pdbx_host_org_cell 
_entity_src_gen.pdbx_host_org_organelle 
_entity_src_gen.pdbx_host_org_cellular_location 
_entity_src_gen.pdbx_host_org_vector_type 
_entity_src_gen.pdbx_host_org_vector 
_entity_src_gen.host_org_details 
_entity_src_gen.expression_system_id 
_entity_src_gen.plasmid_name 
_entity_src_gen.plasmid_details 
_entity_src_gen.pdbx_description 
1 1 sample 'Biological sequence' 1 150 ? ? ? ? ? ? ? ? ? 'Coxsackievirus A16' 31704 ? ? ? ? ? ? ? ? 'Escherichia coli' 562 ? ? ? ? 
? ? ? ? ? ? ? ? ? ? ? ? ? ? ? ? ? 
2 1 sample ?                     ? ?   ? ? ? ? ? ? ? ? ? 'Coxsackievirus A16' 31704 ? ? ? ? ? ? ? ? 'Escherichia coli' 562 ? ? ? ? 
? ? ? ? ? ? ? ? ? ? ? ? ? ? ? ? ? 
# 
loop_
_chem_comp.id 
_chem_comp.type 
_chem_comp.mon_nstd_flag 
_chem_comp.name 
_chem_comp.pdbx_synonyms 
_chem_comp.formula 
_chem_comp.formula_weight 
ALA 'L-peptide linking' y ALANINE                                     ? 'C3 H7 N O2'     89.093  
ARG 'L-peptide linking' y ARGININE                                    ? 'C6 H15 N4 O2 1' 175.209 
ASN 'L-peptide linking' y ASPARAGINE                                  ? 'C4 H8 N2 O3'    132.118 
ASP 'L-peptide linking' y 'ASPARTIC ACID'                             ? 'C4 H7 N O4'     133.103 
CYS 'L-peptide linking' y CYSTEINE                                    ? 'C3 H7 N O2 S'   121.158 
DMS non-polymer         . 'DIMETHYL SULFOXIDE'                        ? 'C2 H6 O S'      78.133  
GLN 'L-peptide linking' y GLUTAMINE                                   ? 'C5 H10 N2 O3'   146.144 
GLU 'L-peptide linking' y 'GLUTAMIC ACID'                             ? 'C5 H9 N O4'     147.129 
GLY 'peptide linking'   y GLYCINE                                     ? 'C2 H5 N O2'     75.067  
HIS 'L-peptide linking' y HISTIDINE                                   ? 'C6 H10 N3 O2 1' 156.162 
HOH non-polymer         . WATER                                       ? 'H2 O'           18.015  
ILE 'L-peptide linking' y ISOLEUCINE                                  ? 'C6 H13 N O2'    131.173 
LEU 'L-peptide linking' y LEUCINE                                     ? 'C6 H13 N O2'    131.173 
LYS 'L-peptide linking' y LYSINE                                      ? 'C6 H15 N2 O2 1' 147.195 
MET 'L-peptide linking' y METHIONINE                                  ? 'C5 H11 N O2 S'  149.211 
PHE 'L-peptide linking' y PHENYLALANINE                               ? 'C9 H11 N O2'    165.189 
PRO 'L-peptide linking' y PROLINE                                     ? 'C5 H9 N O2'     115.130 
SER 'L-peptide linking' y SERINE                                      ? 'C3 H7 N O3'     105.093 
SO4 non-polymer         . 'SULFATE ION'                               ? 'O4 S -2'        96.063  
THR 'L-peptide linking' y THREONINE                                   ? 'C4 H9 N O3'     119.119 
TRP 'L-peptide linking' y TRYPTOPHAN                                  ? 'C11 H12 N2 O2'  204.225 
TYR 'L-peptide linking' y TYROSINE                                    ? 'C9 H11 N O3'    181.189 
VAL 'L-peptide linking' y VALINE                                      ? 'C5 H11 N O2'    117.146 
YG5 non-polymer         . '2-(1H-indazol-1-yl)-N,N-dimethylacetamide' ? 'C11 H13 N3 O'   203.240 
ZN  non-polymer         . 'ZINC ION'                                  ? 'Zn 2'           65.409  
# 
loop_
_pdbx_poly_seq_scheme.asym_id 
_pdbx_poly_seq_scheme.entity_id 
_pdbx_poly_seq_scheme.seq_id 
_pdbx_poly_seq_scheme.mon_id 
_pdbx_poly_seq_scheme.ndb_seq_num 
_pdbx_poly_seq_scheme.pdb_seq_num 
_pdbx_poly_seq_scheme.auth_seq_num 
_pdbx_poly_seq_scheme.pdb_mon_id 
_pdbx_poly_seq_scheme.auth_mon_id 
_pdbx_poly_seq_scheme.pdb_strand_id 
_pdbx_poly_seq_scheme.pdb_ins_code 
_pdbx_poly_seq_scheme.hetero 
A 1 1   GLN 1   1   ?   ?   ?   A . n 
A 1 2   GLU 2   2   ?   ?   ?   A . n 
A 1 3   GLN 3   3   ?   ?   ?   A . n 
A 1 4   THR 4   4   ?   ?   ?   A . n 
A 1 5   GLY 5   5   ?   ?   ?   A . n 
A 1 6   GLY 6   6   ?   ?   ?   A . n 
A 1 7   SER 7   7   7   SER SER A . n 
A 1 8   GLY 8   8   8   GLY GLY A . n 
A 1 9   ALA 9   9   9   ALA ALA A . n 
A 1 10  ILE 10  10  10  ILE ILE A . n 
A 1 11  TYR 11  11  11  TYR TYR A . n 
A 1 12  VAL 12  12  12  VAL VAL A . n 
A 1 13  GLY 13  13  13  GLY GLY A . n 
A 1 14  ASN 14  14  14  ASN ASN A . n 
A 1 15  TYR 15  15  15  TYR TYR A . n 
A 1 16  ARG 16  16  16  ARG ARG A . n 
A 1 17  VAL 17  17  17  VAL VAL A . n 
A 1 18  VAL 18  18  18  VAL VAL A . n 
A 1 19  ASN 19  19  19  ASN ASN A . n 
A 1 20  ARG 20  20  20  ARG ARG A . n 
A 1 21  HIS 21  21  21  HIS HIS A . n 
A 1 22  LEU 22  22  22  LEU LEU A . n 
A 1 23  ALA 23  23  23  ALA ALA A . n 
A 1 24  THR 24  24  24  THR THR A . n 
A 1 25  HIS 25  25  25  HIS HIS A . n 
A 1 26  ASN 26  26  26  ASN ASN A . n 
A 1 27  ASP 27  27  27  ASP ASP A . n 
A 1 28  TRP 28  28  28  TRP TRP A . n 
A 1 29  ALA 29  29  29  ALA ALA A . n 
A 1 30  ASN 30  30  30  ASN ASN A . n 
A 1 31  LEU 31  31  31  LEU LEU A . n 
A 1 32  VAL 32  32  32  VAL VAL A . n 
A 1 33  TRP 33  33  33  TRP TRP A . n 
A 1 34  GLU 34  34  34  GLU GLU A . n 
A 1 35  ASP 35  35  35  ASP ASP A . n 
A 1 36  SER 36  36  36  SER SER A . n 
A 1 37  SER 37  37  37  SER SER A . n 
A 1 38  ARG 38  38  38  ARG ARG A . n 
A 1 39  ASP 39  39  39  ASP ASP A . n 
A 1 40  LEU 40  40  40  LEU LEU A . n 
A 1 41  LEU 41  41  41  LEU LEU A . n 
A 1 42  VAL 42  42  42  VAL VAL A . n 
A 1 43  SER 43  43  43  SER SER A . n 
A 1 44  SER 44  44  44  SER SER A . n 
A 1 45  THR 45  45  45  THR THR A . n 
A 1 46  THR 46  46  46  THR THR A . n 
A 1 47  ALA 47  47  47  ALA ALA A . n 
A 1 48  GLN 48  48  48  GLN GLN A . n 
A 1 49  GLY 49  49  49  GLY GLY A . n 
A 1 50  CYS 50  50  50  CYS CYS A . n 
A 1 51  ASP 51  51  51  ASP ASP A . n 
A 1 52  THR 52  52  52  THR THR A . n 
A 1 53  ILE 53  53  53  ILE ILE A . n 
A 1 54  ALA 54  54  54  ALA ALA A . n 
A 1 55  ARG 55  55  55  ARG ARG A . n 
A 1 56  CYS 56  56  56  CYS CYS A . n 
A 1 57  ASP 57  57  57  ASP ASP A . n 
A 1 58  CYS 58  58  58  CYS CYS A . n 
A 1 59  GLN 59  59  59  GLN GLN A . n 
A 1 60  THR 60  60  60  THR THR A . n 
A 1 61  GLY 61  61  61  GLY GLY A . n 
A 1 62  VAL 62  62  62  VAL VAL A . n 
A 1 63  TYR 63  63  63  TYR TYR A . n 
A 1 64  TYR 64  64  64  TYR TYR A . n 
A 1 65  CYS 65  65  65  CYS CYS A . n 
A 1 66  SER 66  66  66  SER SER A . n 
A 1 67  SER 67  67  67  SER SER A . n 
A 1 68  ARG 68  68  68  ARG ARG A . n 
A 1 69  ARG 69  69  69  ARG ARG A . n 
A 1 70  LYS 70  70  70  LYS LYS A . n 
A 1 71  HIS 71  71  71  HIS HIS A . n 
A 1 72  TYR 72  72  72  TYR TYR A . n 
A 1 73  PRO 73  73  73  PRO PRO A . n 
A 1 74  VAL 74  74  74  VAL VAL A . n 
A 1 75  SER 75  75  75  SER SER A . n 
A 1 76  PHE 76  76  76  PHE PHE A . n 
A 1 77  SER 77  77  77  SER SER A . n 
A 1 78  LYS 78  78  78  LYS LYS A . n 
A 1 79  PRO 79  79  79  PRO PRO A . n 
A 1 80  SER 80  80  80  SER SER A . n 
A 1 81  LEU 81  81  81  LEU LEU A . n 
A 1 82  ILE 82  82  82  ILE ILE A . n 
A 1 83  PHE 83  83  83  PHE PHE A . n 
A 1 84  VAL 84  84  84  VAL VAL A . n 
A 1 85  GLU 85  85  85  GLU GLU A . n 
A 1 86  ALA 86  86  86  ALA ALA A . n 
A 1 87  SER 87  87  87  SER SER A . n 
A 1 88  GLU 88  88  88  GLU GLU A . n 
A 1 89  TYR 89  89  89  TYR TYR A . n 
A 1 90  TYR 90  90  90  TYR TYR A . n 
A 1 91  PRO 91  91  91  PRO PRO A . n 
A 1 92  ALA 92  92  92  ALA ALA A . n 
A 1 93  ARG 93  93  93  ARG ARG A . n 
A 1 94  TYR 94  94  94  TYR TYR A . n 
A 1 95  GLN 95  95  95  GLN GLN A . n 
A 1 96  SER 96  96  96  SER SER A . n 
A 1 97  HIS 97  97  97  HIS HIS A . n 
A 1 98  LEU 98  98  98  LEU LEU A . n 
A 1 99  MET 99  99  99  MET MET A . n 
A 1 100 LEU 100 100 100 LEU LEU A . n 
A 1 101 ALA 101 101 101 ALA ALA A . n 
A 1 102 VAL 102 102 102 VAL VAL A . n 
A 1 103 GLY 103 103 103 GLY GLY A . n 
A 1 104 HIS 104 104 104 HIS HIS A . n 
A 1 105 SER 105 105 105 SER SER A . n 
A 1 106 GLU 106 106 106 GLU GLU A . n 
A 1 107 PRO 107 107 107 PRO PRO A . n 
A 1 108 GLY 108 108 108 GLY GLY A . n 
A 1 109 ASP 109 109 109 ASP ASP A . n 
A 1 110 CYS 110 110 110 CYS CYS A . n 
A 1 111 GLY 111 111 111 GLY GLY A . n 
A 1 112 GLY 112 112 112 GLY GLY A . n 
A 1 113 ILE 113 113 113 ILE ILE A . n 
A 1 114 LEU 114 114 114 LEU LEU A . n 
A 1 115 ARG 115 115 115 ARG ARG A . n 
A 1 116 CYS 116 116 116 CYS CYS A . n 
A 1 117 GLN 117 117 117 GLN GLN A . n 
A 1 118 HIS 118 118 118 HIS HIS A . n 
A 1 119 GLY 119 119 119 GLY GLY A . n 
A 1 120 VAL 120 120 120 VAL VAL A . n 
A 1 121 VAL 121 121 121 VAL VAL A . n 
A 1 122 GLY 122 122 122 GLY GLY A . n 
A 1 123 ILE 123 123 123 ILE ILE A . n 
A 1 124 VAL 124 124 124 VAL VAL A . n 
A 1 125 SER 125 125 125 SER SER A . n 
A 1 126 THR 126 126 126 THR THR A . n 
A 1 127 GLY 127 127 127 GLY GLY A . n 
A 1 128 GLY 128 128 128 GLY GLY A . n 
A 1 129 ASN 129 129 129 ASN ASN A . n 
A 1 130 GLY 130 130 130 GLY GLY A . n 
A 1 131 LEU 131 131 131 LEU LEU A . n 
A 1 132 VAL 132 132 132 VAL VAL A . n 
A 1 133 GLY 133 133 133 GLY GLY A . n 
A 1 134 PHE 134 134 134 PHE PHE A . n 
A 1 135 ALA 135 135 135 ALA ALA A . n 
A 1 136 ASP 136 136 136 ASP ASP A . n 
A 1 137 VAL 137 137 137 VAL VAL A . n 
A 1 138 ARG 138 138 138 ARG ARG A . n 
A 1 139 ASP 139 139 139 ASP ASP A . n 
A 1 140 LEU 140 140 140 LEU LEU A . n 
A 1 141 LEU 141 141 141 LEU LEU A . n 
A 1 142 TRP 142 142 142 TRP TRP A . n 
A 1 143 LEU 143 143 143 LEU LEU A . n 
A 1 144 ASP 144 144 144 ASP ASP A . n 
A 1 145 GLU 145 145 145 GLU GLU A . n 
A 1 146 GLU 146 146 146 GLU GLU A . n 
A 1 147 ALA 147 147 ?   ?   ?   A . n 
A 1 148 MET 148 148 ?   ?   ?   A . n 
A 1 149 GLU 149 149 ?   ?   ?   A . n 
A 1 150 GLN 150 150 ?   ?   ?   A . n 
# 
loop_
_pdbx_nonpoly_scheme.asym_id 
_pdbx_nonpoly_scheme.entity_id 
_pdbx_nonpoly_scheme.mon_id 
_pdbx_nonpoly_scheme.ndb_seq_num 
_pdbx_nonpoly_scheme.pdb_seq_num 
_pdbx_nonpoly_scheme.auth_seq_num 
_pdbx_nonpoly_scheme.pdb_mon_id 
_pdbx_nonpoly_scheme.auth_mon_id 
_pdbx_nonpoly_scheme.pdb_strand_id 
_pdbx_nonpoly_scheme.pdb_ins_code 
B 2 YG5 1   201 147 YG5 LIG A . 
C 3 ZN  1   202 1   ZN  ZN  A . 
D 4 DMS 1   203 -1  DMS DMS A . 
E 4 DMS 1   204 0   DMS DMS A . 
F 4 DMS 1   205 1   DMS DMS A . 
G 4 DMS 1   206 3   DMS DMS A . 
H 4 DMS 1   207 6   DMS DMS A . 
I 5 SO4 1   208 1   SO4 SO4 A . 
J 6 HOH 1   301 238 HOH HOH A . 
J 6 HOH 2   302 227 HOH HOH A . 
J 6 HOH 3   303 215 HOH HOH A . 
J 6 HOH 4   304 3   HOH HOH A . 
J 6 HOH 5   305 103 HOH HOH A . 
J 6 HOH 6   306 70  HOH HOH A . 
J 6 HOH 7   307 182 HOH HOH A . 
J 6 HOH 8   308 183 HOH HOH A . 
J 6 HOH 9   309 137 HOH HOH A . 
J 6 HOH 10  310 180 HOH HOH A . 
J 6 HOH 11  311 108 HOH HOH A . 
J 6 HOH 12  312 179 HOH HOH A . 
J 6 HOH 13  313 77  HOH HOH A . 
J 6 HOH 14  314 249 HOH HOH A . 
J 6 HOH 15  315 217 HOH HOH A . 
J 6 HOH 16  316 186 HOH HOH A . 
J 6 HOH 17  317 248 HOH HOH A . 
J 6 HOH 18  318 219 HOH HOH A . 
J 6 HOH 19  319 34  HOH HOH A . 
J 6 HOH 20  320 150 HOH HOH A . 
J 6 HOH 21  321 161 HOH HOH A . 
J 6 HOH 22  322 184 HOH HOH A . 
J 6 HOH 23  323 229 HOH HOH A . 
J 6 HOH 24  324 16  HOH HOH A . 
J 6 HOH 25  325 181 HOH HOH A . 
J 6 HOH 26  326 57  HOH HOH A . 
J 6 HOH 27  327 234 HOH HOH A . 
J 6 HOH 28  328 30  HOH HOH A . 
J 6 HOH 29  329 107 HOH HOH A . 
J 6 HOH 30  330 121 HOH HOH A . 
J 6 HOH 31  331 59  HOH HOH A . 
J 6 HOH 32  332 4   HOH HOH A . 
J 6 HOH 33  333 109 HOH HOH A . 
J 6 HOH 34  334 205 HOH HOH A . 
J 6 HOH 35  335 116 HOH HOH A . 
J 6 HOH 36  336 250 HOH HOH A . 
J 6 HOH 37  337 60  HOH HOH A . 
J 6 HOH 38  338 148 HOH HOH A . 
J 6 HOH 39  339 173 HOH HOH A . 
J 6 HOH 40  340 152 HOH HOH A . 
J 6 HOH 41  341 104 HOH HOH A . 
J 6 HOH 42  342 36  HOH HOH A . 
J 6 HOH 43  343 245 HOH HOH A . 
J 6 HOH 44  344 216 HOH HOH A . 
J 6 HOH 45  345 68  HOH HOH A . 
J 6 HOH 46  346 37  HOH HOH A . 
J 6 HOH 47  347 46  HOH HOH A . 
J 6 HOH 48  348 81  HOH HOH A . 
J 6 HOH 49  349 141 HOH HOH A . 
J 6 HOH 50  350 178 HOH HOH A . 
J 6 HOH 51  351 94  HOH HOH A . 
J 6 HOH 52  352 13  HOH HOH A . 
J 6 HOH 53  353 39  HOH HOH A . 
J 6 HOH 54  354 191 HOH HOH A . 
J 6 HOH 55  355 133 HOH HOH A . 
J 6 HOH 56  356 48  HOH HOH A . 
J 6 HOH 57  357 168 HOH HOH A . 
J 6 HOH 58  358 147 HOH HOH A . 
J 6 HOH 59  359 124 HOH HOH A . 
J 6 HOH 60  360 52  HOH HOH A . 
J 6 HOH 61  361 24  HOH HOH A . 
J 6 HOH 62  362 7   HOH HOH A . 
J 6 HOH 63  363 29  HOH HOH A . 
J 6 HOH 64  364 97  HOH HOH A . 
J 6 HOH 65  365 33  HOH HOH A . 
J 6 HOH 66  366 2   HOH HOH A . 
J 6 HOH 67  367 21  HOH HOH A . 
J 6 HOH 68  368 131 HOH HOH A . 
J 6 HOH 69  369 28  HOH HOH A . 
J 6 HOH 70  370 19  HOH HOH A . 
J 6 HOH 71  371 42  HOH HOH A . 
J 6 HOH 72  372 88  HOH HOH A . 
J 6 HOH 73  373 211 HOH HOH A . 
J 6 HOH 74  374 82  HOH HOH A . 
J 6 HOH 75  375 67  HOH HOH A . 
J 6 HOH 76  376 9   HOH HOH A . 
J 6 HOH 77  377 247 HOH HOH A . 
J 6 HOH 78  378 167 HOH HOH A . 
J 6 HOH 79  379 113 HOH HOH A . 
J 6 HOH 80  380 50  HOH HOH A . 
J 6 HOH 81  381 25  HOH HOH A . 
J 6 HOH 82  382 53  HOH HOH A . 
J 6 HOH 83  383 106 HOH HOH A . 
J 6 HOH 84  384 27  HOH HOH A . 
J 6 HOH 85  385 79  HOH HOH A . 
J 6 HOH 86  386 12  HOH HOH A . 
J 6 HOH 87  387 17  HOH HOH A . 
J 6 HOH 88  388 84  HOH HOH A . 
J 6 HOH 89  389 26  HOH HOH A . 
J 6 HOH 90  390 47  HOH HOH A . 
J 6 HOH 91  391 93  HOH HOH A . 
J 6 HOH 92  392 5   HOH HOH A . 
J 6 HOH 93  393 43  HOH HOH A . 
J 6 HOH 94  394 78  HOH HOH A . 
J 6 HOH 95  395 174 HOH HOH A . 
J 6 HOH 96  396 111 HOH HOH A . 
J 6 HOH 97  397 62  HOH HOH A . 
J 6 HOH 98  398 45  HOH HOH A . 
J 6 HOH 99  399 112 HOH HOH A . 
J 6 HOH 100 400 177 HOH HOH A . 
J 6 HOH 101 401 63  HOH HOH A . 
J 6 HOH 102 402 204 HOH HOH A . 
J 6 HOH 103 403 49  HOH HOH A . 
J 6 HOH 104 404 169 HOH HOH A . 
J 6 HOH 105 405 90  HOH HOH A . 
J 6 HOH 106 406 176 HOH HOH A . 
J 6 HOH 107 407 8   HOH HOH A . 
J 6 HOH 108 408 144 HOH HOH A . 
J 6 HOH 109 409 72  HOH HOH A . 
J 6 HOH 110 410 41  HOH HOH A . 
J 6 HOH 111 411 198 HOH HOH A . 
J 6 HOH 112 412 40  HOH HOH A . 
J 6 HOH 113 413 35  HOH HOH A . 
J 6 HOH 114 414 71  HOH HOH A . 
J 6 HOH 115 415 55  HOH HOH A . 
J 6 HOH 116 416 96  HOH HOH A . 
J 6 HOH 117 417 214 HOH HOH A . 
J 6 HOH 118 418 15  HOH HOH A . 
J 6 HOH 119 419 91  HOH HOH A . 
J 6 HOH 120 420 120 HOH HOH A . 
J 6 HOH 121 421 38  HOH HOH A . 
J 6 HOH 122 422 146 HOH HOH A . 
J 6 HOH 123 423 31  HOH HOH A . 
J 6 HOH 124 424 101 HOH HOH A . 
J 6 HOH 125 425 197 HOH HOH A . 
J 6 HOH 126 426 105 HOH HOH A . 
J 6 HOH 127 427 18  HOH HOH A . 
J 6 HOH 128 428 20  HOH HOH A . 
J 6 HOH 129 429 126 HOH HOH A . 
J 6 HOH 130 430 11  HOH HOH A . 
J 6 HOH 131 431 80  HOH HOH A . 
J 6 HOH 132 432 95  HOH HOH A . 
J 6 HOH 133 433 76  HOH HOH A . 
J 6 HOH 134 434 155 HOH HOH A . 
J 6 HOH 135 435 14  HOH HOH A . 
J 6 HOH 136 436 138 HOH HOH A . 
J 6 HOH 137 437 119 HOH HOH A . 
J 6 HOH 138 438 66  HOH HOH A . 
J 6 HOH 139 439 195 HOH HOH A . 
J 6 HOH 140 440 193 HOH HOH A . 
J 6 HOH 141 441 61  HOH HOH A . 
J 6 HOH 142 442 246 HOH HOH A . 
J 6 HOH 143 443 64  HOH HOH A . 
J 6 HOH 144 444 51  HOH HOH A . 
J 6 HOH 145 445 132 HOH HOH A . 
J 6 HOH 146 446 58  HOH HOH A . 
J 6 HOH 147 447 118 HOH HOH A . 
J 6 HOH 148 448 136 HOH HOH A . 
J 6 HOH 149 449 89  HOH HOH A . 
J 6 HOH 150 450 200 HOH HOH A . 
J 6 HOH 151 451 203 HOH HOH A . 
J 6 HOH 152 452 192 HOH HOH A . 
J 6 HOH 153 453 69  HOH HOH A . 
J 6 HOH 154 454 10  HOH HOH A . 
J 6 HOH 155 455 54  HOH HOH A . 
J 6 HOH 156 456 23  HOH HOH A . 
J 6 HOH 157 457 213 HOH HOH A . 
J 6 HOH 158 458 102 HOH HOH A . 
J 6 HOH 159 459 110 HOH HOH A . 
J 6 HOH 160 460 224 HOH HOH A . 
J 6 HOH 161 461 123 HOH HOH A . 
J 6 HOH 162 462 220 HOH HOH A . 
J 6 HOH 163 463 170 HOH HOH A . 
J 6 HOH 164 464 6   HOH HOH A . 
J 6 HOH 165 465 128 HOH HOH A . 
J 6 HOH 166 466 159 HOH HOH A . 
J 6 HOH 167 467 210 HOH HOH A . 
J 6 HOH 168 468 237 HOH HOH A . 
J 6 HOH 169 469 230 HOH HOH A . 
J 6 HOH 170 470 222 HOH HOH A . 
J 6 HOH 171 471 156 HOH HOH A . 
J 6 HOH 172 472 98  HOH HOH A . 
J 6 HOH 173 473 212 HOH HOH A . 
J 6 HOH 174 474 74  HOH HOH A . 
J 6 HOH 175 475 22  HOH HOH A . 
J 6 HOH 176 476 207 HOH HOH A . 
J 6 HOH 177 477 226 HOH HOH A . 
J 6 HOH 178 478 117 HOH HOH A . 
J 6 HOH 179 479 158 HOH HOH A . 
J 6 HOH 180 480 231 HOH HOH A . 
J 6 HOH 181 481 154 HOH HOH A . 
J 6 HOH 182 482 228 HOH HOH A . 
J 6 HOH 183 483 171 HOH HOH A . 
J 6 HOH 184 484 232 HOH HOH A . 
J 6 HOH 185 485 218 HOH HOH A . 
J 6 HOH 186 486 65  HOH HOH A . 
J 6 HOH 187 487 135 HOH HOH A . 
J 6 HOH 188 488 175 HOH HOH A . 
J 6 HOH 189 489 163 HOH HOH A . 
J 6 HOH 190 490 87  HOH HOH A . 
J 6 HOH 191 491 190 HOH HOH A . 
J 6 HOH 192 492 201 HOH HOH A . 
J 6 HOH 193 493 157 HOH HOH A . 
J 6 HOH 194 494 162 HOH HOH A . 
J 6 HOH 195 495 185 HOH HOH A . 
J 6 HOH 196 496 122 HOH HOH A . 
J 6 HOH 197 497 142 HOH HOH A . 
J 6 HOH 198 498 189 HOH HOH A . 
J 6 HOH 199 499 134 HOH HOH A . 
J 6 HOH 200 500 140 HOH HOH A . 
J 6 HOH 201 501 239 HOH HOH A . 
J 6 HOH 202 502 151 HOH HOH A . 
J 6 HOH 203 503 172 HOH HOH A . 
J 6 HOH 204 504 99  HOH HOH A . 
J 6 HOH 205 505 86  HOH HOH A . 
J 6 HOH 206 506 225 HOH HOH A . 
J 6 HOH 207 507 32  HOH HOH A . 
J 6 HOH 208 508 187 HOH HOH A . 
J 6 HOH 209 509 243 HOH HOH A . 
J 6 HOH 210 510 73  HOH HOH A . 
J 6 HOH 211 511 202 HOH HOH A . 
J 6 HOH 212 512 85  HOH HOH A . 
J 6 HOH 213 513 236 HOH HOH A . 
J 6 HOH 214 514 241 HOH HOH A . 
J 6 HOH 215 515 221 HOH HOH A . 
J 6 HOH 216 516 209 HOH HOH A . 
J 6 HOH 217 517 56  HOH HOH A . 
J 6 HOH 218 518 75  HOH HOH A . 
J 6 HOH 219 519 83  HOH HOH A . 
J 6 HOH 220 520 129 HOH HOH A . 
J 6 HOH 221 521 235 HOH HOH A . 
J 6 HOH 222 522 208 HOH HOH A . 
J 6 HOH 223 523 165 HOH HOH A . 
J 6 HOH 224 524 206 HOH HOH A . 
J 6 HOH 225 525 153 HOH HOH A . 
J 6 HOH 226 526 114 HOH HOH A . 
J 6 HOH 227 527 199 HOH HOH A . 
J 6 HOH 228 528 125 HOH HOH A . 
J 6 HOH 229 529 92  HOH HOH A . 
J 6 HOH 230 530 242 HOH HOH A . 
J 6 HOH 231 531 160 HOH HOH A . 
J 6 HOH 232 532 164 HOH HOH A . 
J 6 HOH 233 533 244 HOH HOH A . 
# 
loop_
_software.classification 
_software.name 
_software.version 
_software.citation_id 
_software.pdbx_ordinal 
refinement       REFMAC  5.8.0267 ? 1 
refinement       REFMAC5 .        ? 2 
'data scaling'   Aimless .        ? 3 
phasing          PHASER  .        ? 4 
'data reduction' XDS     .        ? 5 
# 
_cell.entry_id           7H3S 
_cell.length_a           86.196 
_cell.length_b           56.593 
_cell.length_c           32.441 
_cell.angle_alpha        90.00 
_cell.angle_beta         94.77 
_cell.angle_gamma        90.00 
_cell.Z_PDB              4 
_cell.pdbx_unique_axis   ? 
# 
_symmetry.entry_id                         7H3S 
_symmetry.space_group_name_H-M             'C 1 2 1' 
_symmetry.pdbx_full_space_group_name_H-M   ? 
_symmetry.cell_setting                     ? 
_symmetry.Int_Tables_number                5 
# 
_exptl.entry_id          7H3S 
_exptl.method            'X-RAY DIFFRACTION' 
_exptl.crystals_number   1 
# 
_exptl_crystal.id                    1 
_exptl_crystal.density_meas          ? 
_exptl_crystal.density_Matthews      2.39 
_exptl_crystal.density_percent_sol   48.54 
_exptl_crystal.description           ? 
# 
_exptl_crystal_grow.crystal_id      1 
_exptl_crystal_grow.method          'VAPOR DIFFUSION, SITTING DROP' 
_exptl_crystal_grow.pH              6.05 
_exptl_crystal_grow.temp            293.15 
_exptl_crystal_grow.pdbx_details    '0.1 M MES, pH 6.05, 16 % PEG 20,000' 
_exptl_crystal_grow.temp_details    ? 
_exptl_crystal_grow.pdbx_pH_range   ? 
# 
_diffrn.id                     1 
_diffrn.ambient_temp           100 
_diffrn.crystal_id             1 
_diffrn.ambient_temp_details   ? 
# 
_diffrn_detector.detector               PIXEL 
_diffrn_detector.type                   'DECTRIS EIGER2 XE 16M' 
_diffrn_detector.pdbx_collection_date   2023-10-11 
_diffrn_detector.diffrn_id              1 
_diffrn_detector.details                ? 
# 
_diffrn_radiation.diffrn_id                        1 
_diffrn_radiation.wavelength_id                    1 
_diffrn_radiation.pdbx_diffrn_protocol             'SINGLE WAVELENGTH' 
_diffrn_radiation.pdbx_monochromatic_or_laue_m_l   ? 
_diffrn_radiation.monochromator                    ? 
_diffrn_radiation.pdbx_scattering_type             x-ray 
# 
_diffrn_radiation_wavelength.id           1 
_diffrn_radiation_wavelength.wavelength   0.94054 
_diffrn_radiation_wavelength.wt           1.0 
# 
_diffrn_source.diffrn_id                   1 
_diffrn_source.source                      SYNCHROTRON 
_diffrn_source.type                        'DIAMOND BEAMLINE I03' 
_diffrn_source.pdbx_wavelength_list        0.94054 
_diffrn_source.pdbx_synchrotron_site       Diamond 
_diffrn_source.pdbx_synchrotron_beamline   I03 
_diffrn_source.pdbx_wavelength             ? 
# 
_reflns.entry_id                     7H3S 
_reflns.pdbx_diffrn_id               1 
_reflns.pdbx_ordinal                 1 
_reflns.d_resolution_low             47.29 
_reflns.d_resolution_high            1.24 
_reflns.number_obs                   43650 
_reflns.percent_possible_obs         99.0 
_reflns.pdbx_Rmerge_I_obs            0.133 
_reflns.pdbx_netI_over_sigmaI        12.8 
_reflns.pdbx_redundancy              6.7 
_reflns.pdbx_Rrim_I_all              0.145 
_reflns.pdbx_Rpim_I_all              0.058 
_reflns.pdbx_CC_half                 0.966 
_reflns.pdbx_number_measured_all     290780 
_reflns.pdbx_chi_squared             0.84 
_reflns.observed_criterion_sigma_I   ? 
_reflns.observed_criterion_sigma_F   ? 
_reflns.number_all                   ? 
_reflns.pdbx_Rsym_value              ? 
_reflns.B_iso_Wilson_estimate        ? 
# 
_reflns_shell.pdbx_diffrn_id              1 
_reflns_shell.pdbx_ordinal                1 
_reflns_shell.d_res_high                  1.24 
_reflns_shell.d_res_low                   1.26 
_reflns_shell.number_measured_all         14307 
_reflns_shell.number_unique_obs           2182 
_reflns_shell.Rmerge_I_obs                5.756 
_reflns_shell.pdbx_chi_squared            0.47 
_reflns_shell.pdbx_redundancy             6.6 
_reflns_shell.percent_possible_obs        95.9 
_reflns_shell.pdbx_netI_over_sigmaI_obs   0.8 
_reflns_shell.pdbx_Rrim_I_all             6.277 
_reflns_shell.pdbx_Rpim_I_all             2.465 
_reflns_shell.pdbx_CC_half                0.276 
_reflns_shell.percent_possible_all        ? 
_reflns_shell.pdbx_Rsym_value             ? 
_reflns_shell.meanI_over_sigI_obs         ? 
# 
_refine.pdbx_refine_id                           'X-RAY DIFFRACTION' 
_refine.entry_id                                 7H3S 
_refine.pdbx_diffrn_id                           1 
_refine.pdbx_TLS_residual_ADP_flag               ? 
_refine.ls_number_reflns_obs                     41371 
_refine.ls_number_reflns_all                     ? 
_refine.pdbx_ls_sigma_I                          ? 
_refine.pdbx_ls_sigma_F                          ? 
_refine.pdbx_data_cutoff_high_absF               ? 
_refine.pdbx_data_cutoff_low_absF                ? 
_refine.pdbx_data_cutoff_high_rms_absF           ? 
_refine.ls_d_res_low                             47.26 
_refine.ls_d_res_high                            1.24 
_refine.ls_percent_reflns_obs                    98.60 
_refine.ls_R_factor_obs                          0.19768 
_refine.ls_R_factor_all                          ? 
_refine.ls_R_factor_R_work                       0.19660 
_refine.ls_R_factor_R_free                       0.21758 
_refine.ls_R_factor_R_free_error                 ? 
_refine.ls_R_factor_R_free_error_details         ? 
_refine.ls_percent_reflns_R_free                 5.0 
_refine.ls_number_reflns_R_free                  2159 
_refine.ls_number_parameters                     ? 
_refine.ls_number_restraints                     ? 
_refine.occupancy_min                            ? 
_refine.occupancy_max                            ? 
_refine.correlation_coeff_Fo_to_Fc               0.968 
_refine.correlation_coeff_Fo_to_Fc_free          0.962 
_refine.B_iso_mean                               20.969 
_refine.aniso_B[1][1]                            0.29 
_refine.aniso_B[2][2]                            0.32 
_refine.aniso_B[3][3]                            -0.59 
_refine.aniso_B[1][2]                            -0.00 
_refine.aniso_B[1][3]                            -0.08 
_refine.aniso_B[2][3]                            0.00 
_refine.solvent_model_details                    MASK 
_refine.solvent_model_param_ksol                 ? 
_refine.solvent_model_param_bsol                 ? 
_refine.pdbx_solvent_vdw_probe_radii             1.20 
_refine.pdbx_solvent_ion_probe_radii             0.80 
_refine.pdbx_solvent_shrinkage_radii             0.80 
_refine.pdbx_ls_cross_valid_method               THROUGHOUT 
_refine.details                                  'HYDROGENS HAVE BEEN ADDED IN THE RIDING POSITIONS' 
_refine.pdbx_starting_model                      ? 
_refine.pdbx_method_to_determine_struct          'MOLECULAR REPLACEMENT' 
_refine.pdbx_isotropic_thermal_model             ? 
_refine.pdbx_stereochemistry_target_values       'MAXIMUM LIKELIHOOD' 
_refine.pdbx_stereochem_target_val_spec_case     ? 
_refine.pdbx_R_Free_selection_details            RANDOM 
_refine.pdbx_overall_ESU_R                       0.050 
_refine.pdbx_overall_ESU_R_Free                  0.052 
_refine.overall_SU_ML                            ? 
_refine.pdbx_overall_phase_error                 ? 
_refine.overall_SU_B                             ? 
_refine.overall_SU_R_Cruickshank_DPI             ? 
_refine.pdbx_overall_SU_R_free_Cruickshank_DPI   ? 
_refine.pdbx_overall_SU_R_Blow_DPI               ? 
_refine.pdbx_overall_SU_R_free_Blow_DPI          ? 
# 
_refine_hist.pdbx_refine_id                   'X-RAY DIFFRACTION' 
_refine_hist.cycle_id                         1 
_refine_hist.pdbx_number_atoms_protein        1083 
_refine_hist.pdbx_number_atoms_nucleic_acid   0 
_refine_hist.pdbx_number_atoms_ligand         41 
_refine_hist.number_atoms_solvent             233 
_refine_hist.number_atoms_total               1357 
_refine_hist.d_res_high                       1.24 
_refine_hist.d_res_low                        47.26 
# 
loop_
_refine_ls_restr.type 
_refine_ls_restr.dev_ideal 
_refine_ls_restr.dev_ideal_target 
_refine_ls_restr.weight 
_refine_ls_restr.number 
_refine_ls_restr.pdbx_refine_id 
_refine_ls_restr.pdbx_restraint_function 
r_bond_refined_d             0.014  0.013  ? 1308 'X-RAY DIFFRACTION' ? 
r_bond_other_d               0.035  0.014  ? 1112 'X-RAY DIFFRACTION' ? 
r_angle_refined_deg          1.938  1.607  ? 1690 'X-RAY DIFFRACTION' ? 
r_angle_other_deg            2.424  1.609  ? 2517 'X-RAY DIFFRACTION' ? 
r_dihedral_angle_1_deg       6.648  5.000  ? 157  'X-RAY DIFFRACTION' ? 
r_dihedral_angle_2_deg       32.803 21.385 ? 65   'X-RAY DIFFRACTION' ? 
r_dihedral_angle_3_deg       12.337 15.000 ? 175  'X-RAY DIFFRACTION' ? 
r_dihedral_angle_4_deg       23.102 15.000 ? 9    'X-RAY DIFFRACTION' ? 
r_chiral_restr               0.093  0.200  ? 146  'X-RAY DIFFRACTION' ? 
r_gen_planes_refined         0.013  0.020  ? 1583 'X-RAY DIFFRACTION' ? 
r_gen_planes_other           0.022  0.020  ? 303  'X-RAY DIFFRACTION' ? 
r_nbd_refined                ?      ?      ? ?    'X-RAY DIFFRACTION' ? 
r_nbd_other                  ?      ?      ? ?    'X-RAY DIFFRACTION' ? 
r_nbtor_refined              ?      ?      ? ?    'X-RAY DIFFRACTION' ? 
r_nbtor_other                ?      ?      ? ?    'X-RAY DIFFRACTION' ? 
r_xyhbond_nbd_refined        ?      ?      ? ?    'X-RAY DIFFRACTION' ? 
r_xyhbond_nbd_other          ?      ?      ? ?    'X-RAY DIFFRACTION' ? 
r_metal_ion_refined          ?      ?      ? ?    'X-RAY DIFFRACTION' ? 
r_metal_ion_other            ?      ?      ? ?    'X-RAY DIFFRACTION' ? 
r_symmetry_vdw_refined       ?      ?      ? ?    'X-RAY DIFFRACTION' ? 
r_symmetry_vdw_other         ?      ?      ? ?    'X-RAY DIFFRACTION' ? 
r_symmetry_hbond_refined     ?      ?      ? ?    'X-RAY DIFFRACTION' ? 
r_symmetry_hbond_other       ?      ?      ? ?    'X-RAY DIFFRACTION' ? 
r_symmetry_metal_ion_refined ?      ?      ? ?    'X-RAY DIFFRACTION' ? 
r_symmetry_metal_ion_other   ?      ?      ? ?    'X-RAY DIFFRACTION' ? 
r_mcbond_it                  1.811  1.922  ? 642  'X-RAY DIFFRACTION' ? 
r_mcbond_other               1.823  1.886  ? 634  'X-RAY DIFFRACTION' ? 
r_mcangle_it                 2.636  2.816  ? 771  'X-RAY DIFFRACTION' ? 
r_mcangle_other              2.635  2.816  ? 772  'X-RAY DIFFRACTION' ? 
r_scbond_it                  2.480  2.211  ? 663  'X-RAY DIFFRACTION' ? 
r_scbond_other               2.478  2.212  ? 663  'X-RAY DIFFRACTION' ? 
r_scangle_it                 ?      ?      ? ?    'X-RAY DIFFRACTION' ? 
r_scangle_other              3.391  3.189  ? 914  'X-RAY DIFFRACTION' ? 
r_long_range_B_refined       6.430  26.052 ? 1483 'X-RAY DIFFRACTION' ? 
r_long_range_B_other         6.429  26.091 ? 1484 'X-RAY DIFFRACTION' ? 
r_rigid_bond_restr           ?      ?      ? ?    'X-RAY DIFFRACTION' ? 
r_sphericity_free            ?      ?      ? ?    'X-RAY DIFFRACTION' ? 
r_sphericity_bonded          ?      ?      ? ?    'X-RAY DIFFRACTION' ? 
# 
_refine_ls_shell.pdbx_refine_id                   'X-RAY DIFFRACTION' 
_refine_ls_shell.pdbx_total_number_of_bins_used   20 
_refine_ls_shell.d_res_high                       1.239 
_refine_ls_shell.d_res_low                        1.271 
_refine_ls_shell.number_reflns_R_work             2920 
_refine_ls_shell.R_factor_R_work                  0.427 
_refine_ls_shell.percent_reflns_obs               94.69 
_refine_ls_shell.R_factor_R_free                  0.404 
_refine_ls_shell.R_factor_R_free_error            ? 
_refine_ls_shell.percent_reflns_R_free            ? 
_refine_ls_shell.number_reflns_R_free             167 
_refine_ls_shell.number_reflns_all                ? 
_refine_ls_shell.R_factor_all                     ? 
# 
_struct.entry_id                  7H3S 
_struct.title                     
;Group deposition for crystallographic fragment screening of Coxsackievirus A16 (G-10) 2A protease -- Crystal structure of Coxsackievirus A16 (G-10) 2A protease in complex with Z1148165337 (A71EV2A-x0486)
;
_struct.pdbx_model_details        ? 
_struct.pdbx_CASP_flag            ? 
_struct.pdbx_model_type_details   ? 
# 
_struct_keywords.entry_id        7H3S 
_struct_keywords.pdbx_keywords   HYDROLASE 
_struct_keywords.text            
;Diamond Light Source, I03, ASAP, Coxsackievirus A16, crystallographic fragment screening, PanDDA, Pandda2, XChemExplorer, viral protein, HYDROLASE
;
# 
loop_
_struct_asym.id 
_struct_asym.pdbx_blank_PDB_chainid_flag 
_struct_asym.pdbx_modified 
_struct_asym.entity_id 
_struct_asym.details 
A N N 1 ? 
B N N 2 ? 
C N N 3 ? 
D N N 4 ? 
E N N 4 ? 
F N N 4 ? 
G N N 4 ? 
H N N 4 ? 
I N N 5 ? 
J N N 6 ? 
# 
_struct_ref.id                         1 
_struct_ref.db_name                    UNP 
_struct_ref.db_code                    POLG_CX16G 
_struct_ref.pdbx_db_accession          Q65900 
_struct_ref.pdbx_db_isoform            ? 
_struct_ref.entity_id                  1 
_struct_ref.pdbx_seq_one_letter_code   
;SGAIYVGNYRVVNRHLATHNDWANLVWEDSSRDLLVSSTTAQGCDTIARCDCQTGVYYCSSRRKHYPVSFSKPSLIFVEA
SEYYPARYQSHLMLAVGHSEPGDCGGILRCQHGVVGIVSTGGNGLVGFADVRDLLWLDEEAMEQ
;
_struct_ref.pdbx_align_begin           869 
# 
_struct_ref_seq.align_id                      1 
_struct_ref_seq.ref_id                        1 
_struct_ref_seq.pdbx_PDB_id_code              7H3S 
_struct_ref_seq.pdbx_strand_id                A 
_struct_ref_seq.seq_align_beg                 7 
_struct_ref_seq.pdbx_seq_align_beg_ins_code   ? 
_struct_ref_seq.seq_align_end                 150 
_struct_ref_seq.pdbx_seq_align_end_ins_code   ? 
_struct_ref_seq.pdbx_db_accession             Q65900 
_struct_ref_seq.db_align_beg                  869 
_struct_ref_seq.pdbx_db_align_beg_ins_code    ? 
_struct_ref_seq.db_align_end                  1012 
_struct_ref_seq.pdbx_db_align_end_ins_code    ? 
_struct_ref_seq.pdbx_auth_seq_align_beg       7 
_struct_ref_seq.pdbx_auth_seq_align_end       150 
# 
loop_
_struct_ref_seq_dif.align_id 
_struct_ref_seq_dif.pdbx_pdb_id_code 
_struct_ref_seq_dif.mon_id 
_struct_ref_seq_dif.pdbx_pdb_strand_id 
_struct_ref_seq_dif.seq_num 
_struct_ref_seq_dif.pdbx_pdb_ins_code 
_struct_ref_seq_dif.pdbx_seq_db_name 
_struct_ref_seq_dif.pdbx_seq_db_accession_code 
_struct_ref_seq_dif.db_mon_id 
_struct_ref_seq_dif.pdbx_seq_db_seq_num 
_struct_ref_seq_dif.details 
_struct_ref_seq_dif.pdbx_auth_seq_num 
_struct_ref_seq_dif.pdbx_ordinal 
1 7H3S GLN A 1 ? UNP Q65900 ? ? 'expression tag' 1 1 
1 7H3S GLU A 2 ? UNP Q65900 ? ? 'expression tag' 2 2 
1 7H3S GLN A 3 ? UNP Q65900 ? ? 'expression tag' 3 3 
1 7H3S THR A 4 ? UNP Q65900 ? ? 'expression tag' 4 4 
1 7H3S GLY A 5 ? UNP Q65900 ? ? 'expression tag' 5 5 
1 7H3S GLY A 6 ? UNP Q65900 ? ? 'expression tag' 6 6 
# 
_pdbx_struct_assembly.id                   1 
_pdbx_struct_assembly.details              author_and_software_defined_assembly 
_pdbx_struct_assembly.method_details       PISA 
_pdbx_struct_assembly.oligomeric_details   monomeric 
_pdbx_struct_assembly.oligomeric_count     1 
# 
loop_
_pdbx_struct_assembly_prop.biol_id 
_pdbx_struct_assembly_prop.type 
_pdbx_struct_assembly_prop.value 
_pdbx_struct_assembly_prop.details 
1 'ABSA (A^2)' 840  ? 
1 MORE         -5   ? 
1 'SSA (A^2)'  7540 ? 
# 
_pdbx_struct_assembly_gen.assembly_id       1 
_pdbx_struct_assembly_gen.oper_expression   1 
_pdbx_struct_assembly_gen.asym_id_list      A,B,C,D,E,F,G,H,I,J 
# 
_pdbx_struct_oper_list.id                   1 
_pdbx_struct_oper_list.type                 'identity operation' 
_pdbx_struct_oper_list.name                 1_555 
_pdbx_struct_oper_list.symmetry_operation   x,y,z 
_pdbx_struct_oper_list.matrix[1][1]         1.0000000000 
_pdbx_struct_oper_list.matrix[1][2]         0.0000000000 
_pdbx_struct_oper_list.matrix[1][3]         0.0000000000 
_pdbx_struct_oper_list.vector[1]            0.0000000000 
_pdbx_struct_oper_list.matrix[2][1]         0.0000000000 
_pdbx_struct_oper_list.matrix[2][2]         1.0000000000 
_pdbx_struct_oper_list.matrix[2][3]         0.0000000000 
_pdbx_struct_oper_list.vector[2]            0.0000000000 
_pdbx_struct_oper_list.matrix[3][1]         0.0000000000 
_pdbx_struct_oper_list.matrix[3][2]         0.0000000000 
_pdbx_struct_oper_list.matrix[3][3]         1.0000000000 
_pdbx_struct_oper_list.vector[3]            0.0000000000 
# 
loop_
_struct_conf.conf_type_id 
_struct_conf.id 
_struct_conf.pdbx_PDB_helix_id 
_struct_conf.beg_label_comp_id 
_struct_conf.beg_label_asym_id 
_struct_conf.beg_label_seq_id 
_struct_conf.pdbx_beg_PDB_ins_code 
_struct_conf.end_label_comp_id 
_struct_conf.end_label_asym_id 
_struct_conf.end_label_seq_id 
_struct_conf.pdbx_end_PDB_ins_code 
_struct_conf.beg_auth_comp_id 
_struct_conf.beg_auth_asym_id 
_struct_conf.beg_auth_seq_id 
_struct_conf.end_auth_comp_id 
_struct_conf.end_auth_asym_id 
_struct_conf.end_auth_seq_id 
_struct_conf.pdbx_PDB_helix_class 
_struct_conf.details 
_struct_conf.pdbx_PDB_helix_length 
HELX_P HELX_P1 AA1 HIS A 21  ? ALA A 23  ? HIS A 21  ALA A 23  5 ? 3 
HELX_P HELX_P2 AA2 THR A 24  ? ASN A 30  ? THR A 24  ASN A 30  1 ? 7 
HELX_P HELX_P3 AA3 SER A 36  ? ARG A 38  ? SER A 36  ARG A 38  5 ? 3 
HELX_P HELX_P4 AA4 SER A 66  ? ARG A 69  ? SER A 66  ARG A 69  5 ? 4 
HELX_P HELX_P5 AA5 GLU A 106 ? CYS A 110 ? GLU A 106 CYS A 110 5 ? 5 
HELX_P HELX_P6 AA6 LEU A 140 ? GLU A 145 ? LEU A 140 GLU A 145 5 ? 6 
# 
_struct_conf_type.id          HELX_P 
_struct_conf_type.criteria    ? 
_struct_conf_type.reference   ? 
# 
loop_
_struct_conn.id 
_struct_conn.conn_type_id 
_struct_conn.pdbx_leaving_atom_flag 
_struct_conn.pdbx_PDB_id 
_struct_conn.ptnr1_label_asym_id 
_struct_conn.ptnr1_label_comp_id 
_struct_conn.ptnr1_label_seq_id 
_struct_conn.ptnr1_label_atom_id 
_struct_conn.pdbx_ptnr1_label_alt_id 
_struct_conn.pdbx_ptnr1_PDB_ins_code 
_struct_conn.pdbx_ptnr1_standard_comp_id 
_struct_conn.ptnr1_symmetry 
_struct_conn.ptnr2_label_asym_id 
_struct_conn.ptnr2_label_comp_id 
_struct_conn.ptnr2_label_seq_id 
_struct_conn.ptnr2_label_atom_id 
_struct_conn.pdbx_ptnr2_label_alt_id 
_struct_conn.pdbx_ptnr2_PDB_ins_code 
_struct_conn.ptnr1_auth_asym_id 
_struct_conn.ptnr1_auth_comp_id 
_struct_conn.ptnr1_auth_seq_id 
_struct_conn.ptnr2_auth_asym_id 
_struct_conn.ptnr2_auth_comp_id 
_struct_conn.ptnr2_auth_seq_id 
_struct_conn.ptnr2_symmetry 
_struct_conn.pdbx_ptnr3_label_atom_id 
_struct_conn.pdbx_ptnr3_label_seq_id 
_struct_conn.pdbx_ptnr3_label_comp_id 
_struct_conn.pdbx_ptnr3_label_asym_id 
_struct_conn.pdbx_ptnr3_label_alt_id 
_struct_conn.pdbx_ptnr3_PDB_ins_code 
_struct_conn.details 
_struct_conn.pdbx_dist_value 
_struct_conn.pdbx_value_order 
_struct_conn.pdbx_role 
metalc1 metalc ? ? A CYS 56  SG  ? ? ? 1_555 C ZN . ZN ? ? A CYS 56  A ZN 202 1_555 ? ? ? ? ? ? ? 2.321 ? ? 
metalc2 metalc ? ? A CYS 58  SG  ? ? ? 1_555 C ZN . ZN ? ? A CYS 58  A ZN 202 1_555 ? ? ? ? ? ? ? 2.323 ? ? 
metalc3 metalc ? ? A CYS 116 SG  ? ? ? 1_555 C ZN . ZN ? ? A CYS 116 A ZN 202 1_555 ? ? ? ? ? ? ? 2.261 ? ? 
metalc4 metalc ? ? A HIS 118 ND1 ? ? ? 1_555 C ZN . ZN ? ? A HIS 118 A ZN 202 1_555 ? ? ? ? ? ? ? 2.069 ? ? 
# 
_struct_conn_type.id          metalc 
_struct_conn_type.criteria    ? 
_struct_conn_type.reference   ? 
# 
loop_
_pdbx_struct_conn_angle.id 
_pdbx_struct_conn_angle.ptnr1_label_atom_id 
_pdbx_struct_conn_angle.ptnr1_label_alt_id 
_pdbx_struct_conn_angle.ptnr1_label_asym_id 
_pdbx_struct_conn_angle.ptnr1_label_comp_id 
_pdbx_struct_conn_angle.ptnr1_label_seq_id 
_pdbx_struct_conn_angle.ptnr1_auth_atom_id 
_pdbx_struct_conn_angle.ptnr1_auth_asym_id 
_pdbx_struct_conn_angle.ptnr1_auth_comp_id 
_pdbx_struct_conn_angle.ptnr1_auth_seq_id 
_pdbx_struct_conn_angle.ptnr1_PDB_ins_code 
_pdbx_struct_conn_angle.ptnr1_symmetry 
_pdbx_struct_conn_angle.ptnr2_label_atom_id 
_pdbx_struct_conn_angle.ptnr2_label_alt_id 
_pdbx_struct_conn_angle.ptnr2_label_asym_id 
_pdbx_struct_conn_angle.ptnr2_label_comp_id 
_pdbx_struct_conn_angle.ptnr2_label_seq_id 
_pdbx_struct_conn_angle.ptnr2_auth_atom_id 
_pdbx_struct_conn_angle.ptnr2_auth_asym_id 
_pdbx_struct_conn_angle.ptnr2_auth_comp_id 
_pdbx_struct_conn_angle.ptnr2_auth_seq_id 
_pdbx_struct_conn_angle.ptnr2_PDB_ins_code 
_pdbx_struct_conn_angle.ptnr2_symmetry 
_pdbx_struct_conn_angle.ptnr3_label_atom_id 
_pdbx_struct_conn_angle.ptnr3_label_alt_id 
_pdbx_struct_conn_angle.ptnr3_label_asym_id 
_pdbx_struct_conn_angle.ptnr3_label_comp_id 
_pdbx_struct_conn_angle.ptnr3_label_seq_id 
_pdbx_struct_conn_angle.ptnr3_auth_atom_id 
_pdbx_struct_conn_angle.ptnr3_auth_asym_id 
_pdbx_struct_conn_angle.ptnr3_auth_comp_id 
_pdbx_struct_conn_angle.ptnr3_auth_seq_id 
_pdbx_struct_conn_angle.ptnr3_PDB_ins_code 
_pdbx_struct_conn_angle.ptnr3_symmetry 
_pdbx_struct_conn_angle.value 
_pdbx_struct_conn_angle.value_esd 
1 SG ? A CYS 56  ? A CYS 56  ? 1_555 ZN ? C ZN . ? A ZN 202 ? 1_555 SG  ? A CYS 58  ? A CYS 58  ? 1_555 110.4 ? 
2 SG ? A CYS 56  ? A CYS 56  ? 1_555 ZN ? C ZN . ? A ZN 202 ? 1_555 SG  ? A CYS 116 ? A CYS 116 ? 1_555 106.4 ? 
3 SG ? A CYS 58  ? A CYS 58  ? 1_555 ZN ? C ZN . ? A ZN 202 ? 1_555 SG  ? A CYS 116 ? A CYS 116 ? 1_555 117.8 ? 
4 SG ? A CYS 56  ? A CYS 56  ? 1_555 ZN ? C ZN . ? A ZN 202 ? 1_555 ND1 ? A HIS 118 ? A HIS 118 ? 1_555 104.5 ? 
5 SG ? A CYS 58  ? A CYS 58  ? 1_555 ZN ? C ZN . ? A ZN 202 ? 1_555 ND1 ? A HIS 118 ? A HIS 118 ? 1_555 101.9 ? 
6 SG ? A CYS 116 ? A CYS 116 ? 1_555 ZN ? C ZN . ? A ZN 202 ? 1_555 ND1 ? A HIS 118 ? A HIS 118 ? 1_555 115.1 ? 
# 
loop_
_struct_sheet.id 
_struct_sheet.type 
_struct_sheet.number_strands 
_struct_sheet.details 
AA1 ? 3 ? 
AA2 ? 7 ? 
# 
loop_
_struct_sheet_order.sheet_id 
_struct_sheet_order.range_id_1 
_struct_sheet_order.range_id_2 
_struct_sheet_order.offset 
_struct_sheet_order.sense 
AA1 1 2 ? anti-parallel 
AA1 2 3 ? anti-parallel 
AA2 1 2 ? anti-parallel 
AA2 2 3 ? anti-parallel 
AA2 3 4 ? anti-parallel 
AA2 4 5 ? anti-parallel 
AA2 5 6 ? anti-parallel 
AA2 6 7 ? anti-parallel 
# 
loop_
_struct_sheet_range.sheet_id 
_struct_sheet_range.id 
_struct_sheet_range.beg_label_comp_id 
_struct_sheet_range.beg_label_asym_id 
_struct_sheet_range.beg_label_seq_id 
_struct_sheet_range.pdbx_beg_PDB_ins_code 
_struct_sheet_range.end_label_comp_id 
_struct_sheet_range.end_label_asym_id 
_struct_sheet_range.end_label_seq_id 
_struct_sheet_range.pdbx_end_PDB_ins_code 
_struct_sheet_range.beg_auth_comp_id 
_struct_sheet_range.beg_auth_asym_id 
_struct_sheet_range.beg_auth_seq_id 
_struct_sheet_range.end_auth_comp_id 
_struct_sheet_range.end_auth_asym_id 
_struct_sheet_range.end_auth_seq_id 
AA1 1 LEU A 31  ? ASP A 35  ? LEU A 31  ASP A 35  
AA1 2 LEU A 40  ? CYS A 50  ? LEU A 40  CYS A 50  
AA1 3 ILE A 10  ? ASN A 19  ? ILE A 10  ASN A 19  
AA2 1 LYS A 70  ? SER A 75  ? LYS A 70  SER A 75  
AA2 2 THR A 60  ? CYS A 65  ? THR A 60  CYS A 65  
AA2 3 ILE A 113 ? CYS A 116 ? ILE A 113 CYS A 116 
AA2 4 GLY A 119 ? THR A 126 ? GLY A 119 THR A 126 
AA2 5 LEU A 131 ? ASP A 136 ? LEU A 131 ASP A 136 
AA2 6 ARG A 93  ? VAL A 102 ? ARG A 93  VAL A 102 
AA2 7 SER A 80  ? VAL A 84  ? SER A 80  VAL A 84  
# 
loop_
_pdbx_struct_sheet_hbond.sheet_id 
_pdbx_struct_sheet_hbond.range_id_1 
_pdbx_struct_sheet_hbond.range_id_2 
_pdbx_struct_sheet_hbond.range_1_label_atom_id 
_pdbx_struct_sheet_hbond.range_1_label_comp_id 
_pdbx_struct_sheet_hbond.range_1_label_asym_id 
_pdbx_struct_sheet_hbond.range_1_label_seq_id 
_pdbx_struct_sheet_hbond.range_1_PDB_ins_code 
_pdbx_struct_sheet_hbond.range_1_auth_atom_id 
_pdbx_struct_sheet_hbond.range_1_auth_comp_id 
_pdbx_struct_sheet_hbond.range_1_auth_asym_id 
_pdbx_struct_sheet_hbond.range_1_auth_seq_id 
_pdbx_struct_sheet_hbond.range_2_label_atom_id 
_pdbx_struct_sheet_hbond.range_2_label_comp_id 
_pdbx_struct_sheet_hbond.range_2_label_asym_id 
_pdbx_struct_sheet_hbond.range_2_label_seq_id 
_pdbx_struct_sheet_hbond.range_2_PDB_ins_code 
_pdbx_struct_sheet_hbond.range_2_auth_atom_id 
_pdbx_struct_sheet_hbond.range_2_auth_comp_id 
_pdbx_struct_sheet_hbond.range_2_auth_asym_id 
_pdbx_struct_sheet_hbond.range_2_auth_seq_id 
AA1 1 2 N TRP A 33  ? N TRP A 33  O VAL A 42  ? O VAL A 42  
AA1 2 3 N LEU A 41  ? N LEU A 41  O VAL A 18  ? O VAL A 18  
AA2 1 2 O LYS A 70  ? O LYS A 70  N CYS A 65  ? N CYS A 65  
AA2 2 3 N VAL A 62  ? N VAL A 62  O ARG A 115 ? O ARG A 115 
AA2 3 4 N LEU A 114 ? N LEU A 114 O VAL A 121 ? O VAL A 121 
AA2 4 5 N SER A 125 ? N SER A 125 O GLY A 133 ? O GLY A 133 
AA2 5 6 O VAL A 132 ? O VAL A 132 N ALA A 101 ? N ALA A 101 
AA2 6 7 O ARG A 93  ? O ARG A 93  N VAL A 84  ? N VAL A 84  
# 
_pdbx_entry_details.entry_id                   7H3S 
_pdbx_entry_details.compound_details           ? 
_pdbx_entry_details.source_details             ? 
_pdbx_entry_details.nonpolymer_details         ? 
_pdbx_entry_details.sequence_details           ? 
_pdbx_entry_details.has_ligand_of_interest     ? 
_pdbx_entry_details.has_protein_modification   N 
# 
loop_
_pdbx_validate_close_contact.id 
_pdbx_validate_close_contact.PDB_model_num 
_pdbx_validate_close_contact.auth_atom_id_1 
_pdbx_validate_close_contact.auth_asym_id_1 
_pdbx_validate_close_contact.auth_comp_id_1 
_pdbx_validate_close_contact.auth_seq_id_1 
_pdbx_validate_close_contact.PDB_ins_code_1 
_pdbx_validate_close_contact.label_alt_id_1 
_pdbx_validate_close_contact.auth_atom_id_2 
_pdbx_validate_close_contact.auth_asym_id_2 
_pdbx_validate_close_contact.auth_comp_id_2 
_pdbx_validate_close_contact.auth_seq_id_2 
_pdbx_validate_close_contact.PDB_ins_code_2 
_pdbx_validate_close_contact.label_alt_id_2 
_pdbx_validate_close_contact.dist 
1 1 O A HOH 314 ? ? O A HOH 354 ? ? 2.06 
2 1 O A HOH 304 ? ? O A HOH 483 ? ? 2.13 
3 1 O A HOH 356 ? ? O A HOH 508 ? ? 2.16 
4 1 O A HOH 317 ? ? O A HOH 471 ? ? 2.19 
# 
loop_
_pdbx_validate_symm_contact.id 
_pdbx_validate_symm_contact.PDB_model_num 
_pdbx_validate_symm_contact.auth_atom_id_1 
_pdbx_validate_symm_contact.auth_asym_id_1 
_pdbx_validate_symm_contact.auth_comp_id_1 
_pdbx_validate_symm_contact.auth_seq_id_1 
_pdbx_validate_symm_contact.PDB_ins_code_1 
_pdbx_validate_symm_contact.label_alt_id_1 
_pdbx_validate_symm_contact.site_symmetry_1 
_pdbx_validate_symm_contact.auth_atom_id_2 
_pdbx_validate_symm_contact.auth_asym_id_2 
_pdbx_validate_symm_contact.auth_comp_id_2 
_pdbx_validate_symm_contact.auth_seq_id_2 
_pdbx_validate_symm_contact.PDB_ins_code_2 
_pdbx_validate_symm_contact.label_alt_id_2 
_pdbx_validate_symm_contact.site_symmetry_2 
_pdbx_validate_symm_contact.dist 
1 1 O3 A SO4 208 ? ? 1_555 O4 A SO4 208 ? ? 2_556 1.21 
2 1 S  A SO4 208 ? ? 1_555 O3 A SO4 208 ? ? 2_556 1.60 
3 1 O3 A SO4 208 ? ? 1_555 O3 A SO4 208 ? ? 2_556 1.62 
# 
_pdbx_validate_rmsd_angle.id                         1 
_pdbx_validate_rmsd_angle.PDB_model_num              1 
_pdbx_validate_rmsd_angle.auth_atom_id_1             NE 
_pdbx_validate_rmsd_angle.auth_asym_id_1             A 
_pdbx_validate_rmsd_angle.auth_comp_id_1             ARG 
_pdbx_validate_rmsd_angle.auth_seq_id_1              115 
_pdbx_validate_rmsd_angle.PDB_ins_code_1             ? 
_pdbx_validate_rmsd_angle.label_alt_id_1             ? 
_pdbx_validate_rmsd_angle.auth_atom_id_2             CZ 
_pdbx_validate_rmsd_angle.auth_asym_id_2             A 
_pdbx_validate_rmsd_angle.auth_comp_id_2             ARG 
_pdbx_validate_rmsd_angle.auth_seq_id_2              115 
_pdbx_validate_rmsd_angle.PDB_ins_code_2             ? 
_pdbx_validate_rmsd_angle.label_alt_id_2             ? 
_pdbx_validate_rmsd_angle.auth_atom_id_3             NH1 
_pdbx_validate_rmsd_angle.auth_asym_id_3             A 
_pdbx_validate_rmsd_angle.auth_comp_id_3             ARG 
_pdbx_validate_rmsd_angle.auth_seq_id_3              115 
_pdbx_validate_rmsd_angle.PDB_ins_code_3             ? 
_pdbx_validate_rmsd_angle.label_alt_id_3             ? 
_pdbx_validate_rmsd_angle.angle_value                123.77 
_pdbx_validate_rmsd_angle.angle_target_value         120.30 
_pdbx_validate_rmsd_angle.angle_deviation            3.47 
_pdbx_validate_rmsd_angle.angle_standard_deviation   0.50 
_pdbx_validate_rmsd_angle.linker_flag                N 
# 
_pdbx_distant_solvent_atoms.id                                1 
_pdbx_distant_solvent_atoms.PDB_model_num                     1 
_pdbx_distant_solvent_atoms.auth_atom_id                      O 
_pdbx_distant_solvent_atoms.label_alt_id                      ? 
_pdbx_distant_solvent_atoms.auth_asym_id                      A 
_pdbx_distant_solvent_atoms.auth_comp_id                      HOH 
_pdbx_distant_solvent_atoms.auth_seq_id                       533 
_pdbx_distant_solvent_atoms.PDB_ins_code                      ? 
_pdbx_distant_solvent_atoms.neighbor_macromolecule_distance   7.91 
_pdbx_distant_solvent_atoms.neighbor_ligand_distance          . 
# 
loop_
_pdbx_unobs_or_zero_occ_residues.id 
_pdbx_unobs_or_zero_occ_residues.PDB_model_num 
_pdbx_unobs_or_zero_occ_residues.polymer_flag 
_pdbx_unobs_or_zero_occ_residues.occupancy_flag 
_pdbx_unobs_or_zero_occ_residues.auth_asym_id 
_pdbx_unobs_or_zero_occ_residues.auth_comp_id 
_pdbx_unobs_or_zero_occ_residues.auth_seq_id 
_pdbx_unobs_or_zero_occ_residues.PDB_ins_code 
_pdbx_unobs_or_zero_occ_residues.label_asym_id 
_pdbx_unobs_or_zero_occ_residues.label_comp_id 
_pdbx_unobs_or_zero_occ_residues.label_seq_id 
1  1 Y 1 A GLN 1   ? A GLN 1   
2  1 Y 1 A GLU 2   ? A GLU 2   
3  1 Y 1 A GLN 3   ? A GLN 3   
4  1 Y 1 A THR 4   ? A THR 4   
5  1 Y 1 A GLY 5   ? A GLY 5   
6  1 Y 1 A GLY 6   ? A GLY 6   
7  1 Y 1 A ALA 147 ? A ALA 147 
8  1 Y 1 A MET 148 ? A MET 148 
9  1 Y 1 A GLU 149 ? A GLU 149 
10 1 Y 1 A GLN 150 ? A GLN 150 
# 
loop_
_chem_comp_atom.comp_id 
_chem_comp_atom.atom_id 
_chem_comp_atom.type_symbol 
_chem_comp_atom.pdbx_aromatic_flag 
_chem_comp_atom.pdbx_stereo_config 
_chem_comp_atom.pdbx_ordinal 
ALA N    N  N N 1   
ALA CA   C  N S 2   
ALA C    C  N N 3   
ALA O    O  N N 4   
ALA CB   C  N N 5   
ALA OXT  O  N N 6   
ALA H    H  N N 7   
ALA H2   H  N N 8   
ALA HA   H  N N 9   
ALA HB1  H  N N 10  
ALA HB2  H  N N 11  
ALA HB3  H  N N 12  
ALA HXT  H  N N 13  
ARG N    N  N N 14  
ARG CA   C  N S 15  
ARG C    C  N N 16  
ARG O    O  N N 17  
ARG CB   C  N N 18  
ARG CG   C  N N 19  
ARG CD   C  N N 20  
ARG NE   N  N N 21  
ARG CZ   C  N N 22  
ARG NH1  N  N N 23  
ARG NH2  N  N N 24  
ARG OXT  O  N N 25  
ARG H    H  N N 26  
ARG H2   H  N N 27  
ARG HA   H  N N 28  
ARG HB2  H  N N 29  
ARG HB3  H  N N 30  
ARG HG2  H  N N 31  
ARG HG3  H  N N 32  
ARG HD2  H  N N 33  
ARG HD3  H  N N 34  
ARG HE   H  N N 35  
ARG HH11 H  N N 36  
ARG HH12 H  N N 37  
ARG HH21 H  N N 38  
ARG HH22 H  N N 39  
ARG HXT  H  N N 40  
ASN N    N  N N 41  
ASN CA   C  N S 42  
ASN C    C  N N 43  
ASN O    O  N N 44  
ASN CB   C  N N 45  
ASN CG   C  N N 46  
ASN OD1  O  N N 47  
ASN ND2  N  N N 48  
ASN OXT  O  N N 49  
ASN H    H  N N 50  
ASN H2   H  N N 51  
ASN HA   H  N N 52  
ASN HB2  H  N N 53  
ASN HB3  H  N N 54  
ASN HD21 H  N N 55  
ASN HD22 H  N N 56  
ASN HXT  H  N N 57  
ASP N    N  N N 58  
ASP CA   C  N S 59  
ASP C    C  N N 60  
ASP O    O  N N 61  
ASP CB   C  N N 62  
ASP CG   C  N N 63  
ASP OD1  O  N N 64  
ASP OD2  O  N N 65  
ASP OXT  O  N N 66  
ASP H    H  N N 67  
ASP H2   H  N N 68  
ASP HA   H  N N 69  
ASP HB2  H  N N 70  
ASP HB3  H  N N 71  
ASP HD2  H  N N 72  
ASP HXT  H  N N 73  
CYS N    N  N N 74  
CYS CA   C  N R 75  
CYS C    C  N N 76  
CYS O    O  N N 77  
CYS CB   C  N N 78  
CYS SG   S  N N 79  
CYS OXT  O  N N 80  
CYS H    H  N N 81  
CYS H2   H  N N 82  
CYS HA   H  N N 83  
CYS HB2  H  N N 84  
CYS HB3  H  N N 85  
CYS HG   H  N N 86  
CYS HXT  H  N N 87  
DMS S    S  N N 88  
DMS O    O  N N 89  
DMS C1   C  N N 90  
DMS C2   C  N N 91  
DMS H11  H  N N 92  
DMS H12  H  N N 93  
DMS H13  H  N N 94  
DMS H21  H  N N 95  
DMS H22  H  N N 96  
DMS H23  H  N N 97  
GLN N    N  N N 98  
GLN CA   C  N S 99  
GLN C    C  N N 100 
GLN O    O  N N 101 
GLN CB   C  N N 102 
GLN CG   C  N N 103 
GLN CD   C  N N 104 
GLN OE1  O  N N 105 
GLN NE2  N  N N 106 
GLN OXT  O  N N 107 
GLN H    H  N N 108 
GLN H2   H  N N 109 
GLN HA   H  N N 110 
GLN HB2  H  N N 111 
GLN HB3  H  N N 112 
GLN HG2  H  N N 113 
GLN HG3  H  N N 114 
GLN HE21 H  N N 115 
GLN HE22 H  N N 116 
GLN HXT  H  N N 117 
GLU N    N  N N 118 
GLU CA   C  N S 119 
GLU C    C  N N 120 
GLU O    O  N N 121 
GLU CB   C  N N 122 
GLU CG   C  N N 123 
GLU CD   C  N N 124 
GLU OE1  O  N N 125 
GLU OE2  O  N N 126 
GLU OXT  O  N N 127 
GLU H    H  N N 128 
GLU H2   H  N N 129 
GLU HA   H  N N 130 
GLU HB2  H  N N 131 
GLU HB3  H  N N 132 
GLU HG2  H  N N 133 
GLU HG3  H  N N 134 
GLU HE2  H  N N 135 
GLU HXT  H  N N 136 
GLY N    N  N N 137 
GLY CA   C  N N 138 
GLY C    C  N N 139 
GLY O    O  N N 140 
GLY OXT  O  N N 141 
GLY H    H  N N 142 
GLY H2   H  N N 143 
GLY HA2  H  N N 144 
GLY HA3  H  N N 145 
GLY HXT  H  N N 146 
HIS N    N  N N 147 
HIS CA   C  N S 148 
HIS C    C  N N 149 
HIS O    O  N N 150 
HIS CB   C  N N 151 
HIS CG   C  Y N 152 
HIS ND1  N  Y N 153 
HIS CD2  C  Y N 154 
HIS CE1  C  Y N 155 
HIS NE2  N  Y N 156 
HIS OXT  O  N N 157 
HIS H    H  N N 158 
HIS H2   H  N N 159 
HIS HA   H  N N 160 
HIS HB2  H  N N 161 
HIS HB3  H  N N 162 
HIS HD1  H  N N 163 
HIS HD2  H  N N 164 
HIS HE1  H  N N 165 
HIS HE2  H  N N 166 
HIS HXT  H  N N 167 
HOH O    O  N N 168 
HOH H1   H  N N 169 
HOH H2   H  N N 170 
ILE N    N  N N 171 
ILE CA   C  N S 172 
ILE C    C  N N 173 
ILE O    O  N N 174 
ILE CB   C  N S 175 
ILE CG1  C  N N 176 
ILE CG2  C  N N 177 
ILE CD1  C  N N 178 
ILE OXT  O  N N 179 
ILE H    H  N N 180 
ILE H2   H  N N 181 
ILE HA   H  N N 182 
ILE HB   H  N N 183 
ILE HG12 H  N N 184 
ILE HG13 H  N N 185 
ILE HG21 H  N N 186 
ILE HG22 H  N N 187 
ILE HG23 H  N N 188 
ILE HD11 H  N N 189 
ILE HD12 H  N N 190 
ILE HD13 H  N N 191 
ILE HXT  H  N N 192 
LEU N    N  N N 193 
LEU CA   C  N S 194 
LEU C    C  N N 195 
LEU O    O  N N 196 
LEU CB   C  N N 197 
LEU CG   C  N N 198 
LEU CD1  C  N N 199 
LEU CD2  C  N N 200 
LEU OXT  O  N N 201 
LEU H    H  N N 202 
LEU H2   H  N N 203 
LEU HA   H  N N 204 
LEU HB2  H  N N 205 
LEU HB3  H  N N 206 
LEU HG   H  N N 207 
LEU HD11 H  N N 208 
LEU HD12 H  N N 209 
LEU HD13 H  N N 210 
LEU HD21 H  N N 211 
LEU HD22 H  N N 212 
LEU HD23 H  N N 213 
LEU HXT  H  N N 214 
LYS N    N  N N 215 
LYS CA   C  N S 216 
LYS C    C  N N 217 
LYS O    O  N N 218 
LYS CB   C  N N 219 
LYS CG   C  N N 220 
LYS CD   C  N N 221 
LYS CE   C  N N 222 
LYS NZ   N  N N 223 
LYS OXT  O  N N 224 
LYS H    H  N N 225 
LYS H2   H  N N 226 
LYS HA   H  N N 227 
LYS HB2  H  N N 228 
LYS HB3  H  N N 229 
LYS HG2  H  N N 230 
LYS HG3  H  N N 231 
LYS HD2  H  N N 232 
LYS HD3  H  N N 233 
LYS HE2  H  N N 234 
LYS HE3  H  N N 235 
LYS HZ1  H  N N 236 
LYS HZ2  H  N N 237 
LYS HZ3  H  N N 238 
LYS HXT  H  N N 239 
MET N    N  N N 240 
MET CA   C  N S 241 
MET C    C  N N 242 
MET O    O  N N 243 
MET CB   C  N N 244 
MET CG   C  N N 245 
MET SD   S  N N 246 
MET CE   C  N N 247 
MET OXT  O  N N 248 
MET H    H  N N 249 
MET H2   H  N N 250 
MET HA   H  N N 251 
MET HB2  H  N N 252 
MET HB3  H  N N 253 
MET HG2  H  N N 254 
MET HG3  H  N N 255 
MET HE1  H  N N 256 
MET HE2  H  N N 257 
MET HE3  H  N N 258 
MET HXT  H  N N 259 
PHE N    N  N N 260 
PHE CA   C  N S 261 
PHE C    C  N N 262 
PHE O    O  N N 263 
PHE CB   C  N N 264 
PHE CG   C  Y N 265 
PHE CD1  C  Y N 266 
PHE CD2  C  Y N 267 
PHE CE1  C  Y N 268 
PHE CE2  C  Y N 269 
PHE CZ   C  Y N 270 
PHE OXT  O  N N 271 
PHE H    H  N N 272 
PHE H2   H  N N 273 
PHE HA   H  N N 274 
PHE HB2  H  N N 275 
PHE HB3  H  N N 276 
PHE HD1  H  N N 277 
PHE HD2  H  N N 278 
PHE HE1  H  N N 279 
PHE HE2  H  N N 280 
PHE HZ   H  N N 281 
PHE HXT  H  N N 282 
PRO N    N  N N 283 
PRO CA   C  N S 284 
PRO C    C  N N 285 
PRO O    O  N N 286 
PRO CB   C  N N 287 
PRO CG   C  N N 288 
PRO CD   C  N N 289 
PRO OXT  O  N N 290 
PRO H    H  N N 291 
PRO HA   H  N N 292 
PRO HB2  H  N N 293 
PRO HB3  H  N N 294 
PRO HG2  H  N N 295 
PRO HG3  H  N N 296 
PRO HD2  H  N N 297 
PRO HD3  H  N N 298 
PRO HXT  H  N N 299 
SER N    N  N N 300 
SER CA   C  N S 301 
SER C    C  N N 302 
SER O    O  N N 303 
SER CB   C  N N 304 
SER OG   O  N N 305 
SER OXT  O  N N 306 
SER H    H  N N 307 
SER H2   H  N N 308 
SER HA   H  N N 309 
SER HB2  H  N N 310 
SER HB3  H  N N 311 
SER HG   H  N N 312 
SER HXT  H  N N 313 
SO4 S    S  N N 314 
SO4 O1   O  N N 315 
SO4 O2   O  N N 316 
SO4 O3   O  N N 317 
SO4 O4   O  N N 318 
THR N    N  N N 319 
THR CA   C  N S 320 
THR C    C  N N 321 
THR O    O  N N 322 
THR CB   C  N R 323 
THR OG1  O  N N 324 
THR CG2  C  N N 325 
THR OXT  O  N N 326 
THR H    H  N N 327 
THR H2   H  N N 328 
THR HA   H  N N 329 
THR HB   H  N N 330 
THR HG1  H  N N 331 
THR HG21 H  N N 332 
THR HG22 H  N N 333 
THR HG23 H  N N 334 
THR HXT  H  N N 335 
TRP N    N  N N 336 
TRP CA   C  N S 337 
TRP C    C  N N 338 
TRP O    O  N N 339 
TRP CB   C  N N 340 
TRP CG   C  Y N 341 
TRP CD1  C  Y N 342 
TRP CD2  C  Y N 343 
TRP NE1  N  Y N 344 
TRP CE2  C  Y N 345 
TRP CE3  C  Y N 346 
TRP CZ2  C  Y N 347 
TRP CZ3  C  Y N 348 
TRP CH2  C  Y N 349 
TRP OXT  O  N N 350 
TRP H    H  N N 351 
TRP H2   H  N N 352 
TRP HA   H  N N 353 
TRP HB2  H  N N 354 
TRP HB3  H  N N 355 
TRP HD1  H  N N 356 
TRP HE1  H  N N 357 
TRP HE3  H  N N 358 
TRP HZ2  H  N N 359 
TRP HZ3  H  N N 360 
TRP HH2  H  N N 361 
TRP HXT  H  N N 362 
TYR N    N  N N 363 
TYR CA   C  N S 364 
TYR C    C  N N 365 
TYR O    O  N N 366 
TYR CB   C  N N 367 
TYR CG   C  Y N 368 
TYR CD1  C  Y N 369 
TYR CD2  C  Y N 370 
TYR CE1  C  Y N 371 
TYR CE2  C  Y N 372 
TYR CZ   C  Y N 373 
TYR OH   O  N N 374 
TYR OXT  O  N N 375 
TYR H    H  N N 376 
TYR H2   H  N N 377 
TYR HA   H  N N 378 
TYR HB2  H  N N 379 
TYR HB3  H  N N 380 
TYR HD1  H  N N 381 
TYR HD2  H  N N 382 
TYR HE1  H  N N 383 
TYR HE2  H  N N 384 
TYR HH   H  N N 385 
TYR HXT  H  N N 386 
VAL N    N  N N 387 
VAL CA   C  N S 388 
VAL C    C  N N 389 
VAL O    O  N N 390 
VAL CB   C  N N 391 
VAL CG1  C  N N 392 
VAL CG2  C  N N 393 
VAL OXT  O  N N 394 
VAL H    H  N N 395 
VAL H2   H  N N 396 
VAL HA   H  N N 397 
VAL HB   H  N N 398 
VAL HG11 H  N N 399 
VAL HG12 H  N N 400 
VAL HG13 H  N N 401 
VAL HG21 H  N N 402 
VAL HG22 H  N N 403 
VAL HG23 H  N N 404 
VAL HXT  H  N N 405 
YG5 C10  C  Y N 406 
YG5 C13  C  Y N 407 
YG5 C15  C  Y N 408 
YG5 C01  C  N N 409 
YG5 N02  N  N N 410 
YG5 C03  C  N N 411 
YG5 C04  C  N N 412 
YG5 O05  O  N N 413 
YG5 C06  C  N N 414 
YG5 N07  N  Y N 415 
YG5 N08  N  Y N 416 
YG5 C09  C  Y N 417 
YG5 C11  C  Y N 418 
YG5 C12  C  Y N 419 
YG5 C14  C  Y N 420 
YG5 H131 H  N N 421 
YG5 H012 H  N N 422 
YG5 H011 H  N N 423 
YG5 H013 H  N N 424 
YG5 H032 H  N N 425 
YG5 H033 H  N N 426 
YG5 H031 H  N N 427 
YG5 H061 H  N N 428 
YG5 H062 H  N N 429 
YG5 H091 H  N N 430 
YG5 H111 H  N N 431 
YG5 H121 H  N N 432 
YG5 H141 H  N N 433 
ZN  ZN   ZN N N 434 
# 
loop_
_chem_comp_bond.comp_id 
_chem_comp_bond.atom_id_1 
_chem_comp_bond.atom_id_2 
_chem_comp_bond.value_order 
_chem_comp_bond.pdbx_aromatic_flag 
_chem_comp_bond.pdbx_stereo_config 
_chem_comp_bond.pdbx_ordinal 
ALA N   CA   sing N N 1   
ALA N   H    sing N N 2   
ALA N   H2   sing N N 3   
ALA CA  C    sing N N 4   
ALA CA  CB   sing N N 5   
ALA CA  HA   sing N N 6   
ALA C   O    doub N N 7   
ALA C   OXT  sing N N 8   
ALA CB  HB1  sing N N 9   
ALA CB  HB2  sing N N 10  
ALA CB  HB3  sing N N 11  
ALA OXT HXT  sing N N 12  
ARG N   CA   sing N N 13  
ARG N   H    sing N N 14  
ARG N   H2   sing N N 15  
ARG CA  C    sing N N 16  
ARG CA  CB   sing N N 17  
ARG CA  HA   sing N N 18  
ARG C   O    doub N N 19  
ARG C   OXT  sing N N 20  
ARG CB  CG   sing N N 21  
ARG CB  HB2  sing N N 22  
ARG CB  HB3  sing N N 23  
ARG CG  CD   sing N N 24  
ARG CG  HG2  sing N N 25  
ARG CG  HG3  sing N N 26  
ARG CD  NE   sing N N 27  
ARG CD  HD2  sing N N 28  
ARG CD  HD3  sing N N 29  
ARG NE  CZ   sing N N 30  
ARG NE  HE   sing N N 31  
ARG CZ  NH1  sing N N 32  
ARG CZ  NH2  doub N N 33  
ARG NH1 HH11 sing N N 34  
ARG NH1 HH12 sing N N 35  
ARG NH2 HH21 sing N N 36  
ARG NH2 HH22 sing N N 37  
ARG OXT HXT  sing N N 38  
ASN N   CA   sing N N 39  
ASN N   H    sing N N 40  
ASN N   H2   sing N N 41  
ASN CA  C    sing N N 42  
ASN CA  CB   sing N N 43  
ASN CA  HA   sing N N 44  
ASN C   O    doub N N 45  
ASN C   OXT  sing N N 46  
ASN CB  CG   sing N N 47  
ASN CB  HB2  sing N N 48  
ASN CB  HB3  sing N N 49  
ASN CG  OD1  doub N N 50  
ASN CG  ND2  sing N N 51  
ASN ND2 HD21 sing N N 52  
ASN ND2 HD22 sing N N 53  
ASN OXT HXT  sing N N 54  
ASP N   CA   sing N N 55  
ASP N   H    sing N N 56  
ASP N   H2   sing N N 57  
ASP CA  C    sing N N 58  
ASP CA  CB   sing N N 59  
ASP CA  HA   sing N N 60  
ASP C   O    doub N N 61  
ASP C   OXT  sing N N 62  
ASP CB  CG   sing N N 63  
ASP CB  HB2  sing N N 64  
ASP CB  HB3  sing N N 65  
ASP CG  OD1  doub N N 66  
ASP CG  OD2  sing N N 67  
ASP OD2 HD2  sing N N 68  
ASP OXT HXT  sing N N 69  
CYS N   CA   sing N N 70  
CYS N   H    sing N N 71  
CYS N   H2   sing N N 72  
CYS CA  C    sing N N 73  
CYS CA  CB   sing N N 74  
CYS CA  HA   sing N N 75  
CYS C   O    doub N N 76  
CYS C   OXT  sing N N 77  
CYS CB  SG   sing N N 78  
CYS CB  HB2  sing N N 79  
CYS CB  HB3  sing N N 80  
CYS SG  HG   sing N N 81  
CYS OXT HXT  sing N N 82  
DMS S   O    doub N N 83  
DMS S   C1   sing N N 84  
DMS S   C2   sing N N 85  
DMS C1  H11  sing N N 86  
DMS C1  H12  sing N N 87  
DMS C1  H13  sing N N 88  
DMS C2  H21  sing N N 89  
DMS C2  H22  sing N N 90  
DMS C2  H23  sing N N 91  
GLN N   CA   sing N N 92  
GLN N   H    sing N N 93  
GLN N   H2   sing N N 94  
GLN CA  C    sing N N 95  
GLN CA  CB   sing N N 96  
GLN CA  HA   sing N N 97  
GLN C   O    doub N N 98  
GLN C   OXT  sing N N 99  
GLN CB  CG   sing N N 100 
GLN CB  HB2  sing N N 101 
GLN CB  HB3  sing N N 102 
GLN CG  CD   sing N N 103 
GLN CG  HG2  sing N N 104 
GLN CG  HG3  sing N N 105 
GLN CD  OE1  doub N N 106 
GLN CD  NE2  sing N N 107 
GLN NE2 HE21 sing N N 108 
GLN NE2 HE22 sing N N 109 
GLN OXT HXT  sing N N 110 
GLU N   CA   sing N N 111 
GLU N   H    sing N N 112 
GLU N   H2   sing N N 113 
GLU CA  C    sing N N 114 
GLU CA  CB   sing N N 115 
GLU CA  HA   sing N N 116 
GLU C   O    doub N N 117 
GLU C   OXT  sing N N 118 
GLU CB  CG   sing N N 119 
GLU CB  HB2  sing N N 120 
GLU CB  HB3  sing N N 121 
GLU CG  CD   sing N N 122 
GLU CG  HG2  sing N N 123 
GLU CG  HG3  sing N N 124 
GLU CD  OE1  doub N N 125 
GLU CD  OE2  sing N N 126 
GLU OE2 HE2  sing N N 127 
GLU OXT HXT  sing N N 128 
GLY N   CA   sing N N 129 
GLY N   H    sing N N 130 
GLY N   H2   sing N N 131 
GLY CA  C    sing N N 132 
GLY CA  HA2  sing N N 133 
GLY CA  HA3  sing N N 134 
GLY C   O    doub N N 135 
GLY C   OXT  sing N N 136 
GLY OXT HXT  sing N N 137 
HIS N   CA   sing N N 138 
HIS N   H    sing N N 139 
HIS N   H2   sing N N 140 
HIS CA  C    sing N N 141 
HIS CA  CB   sing N N 142 
HIS CA  HA   sing N N 143 
HIS C   O    doub N N 144 
HIS C   OXT  sing N N 145 
HIS CB  CG   sing N N 146 
HIS CB  HB2  sing N N 147 
HIS CB  HB3  sing N N 148 
HIS CG  ND1  sing Y N 149 
HIS CG  CD2  doub Y N 150 
HIS ND1 CE1  doub Y N 151 
HIS ND1 HD1  sing N N 152 
HIS CD2 NE2  sing Y N 153 
HIS CD2 HD2  sing N N 154 
HIS CE1 NE2  sing Y N 155 
HIS CE1 HE1  sing N N 156 
HIS NE2 HE2  sing N N 157 
HIS OXT HXT  sing N N 158 
HOH O   H1   sing N N 159 
HOH O   H2   sing N N 160 
ILE N   CA   sing N N 161 
ILE N   H    sing N N 162 
ILE N   H2   sing N N 163 
ILE CA  C    sing N N 164 
ILE CA  CB   sing N N 165 
ILE CA  HA   sing N N 166 
ILE C   O    doub N N 167 
ILE C   OXT  sing N N 168 
ILE CB  CG1  sing N N 169 
ILE CB  CG2  sing N N 170 
ILE CB  HB   sing N N 171 
ILE CG1 CD1  sing N N 172 
ILE CG1 HG12 sing N N 173 
ILE CG1 HG13 sing N N 174 
ILE CG2 HG21 sing N N 175 
ILE CG2 HG22 sing N N 176 
ILE CG2 HG23 sing N N 177 
ILE CD1 HD11 sing N N 178 
ILE CD1 HD12 sing N N 179 
ILE CD1 HD13 sing N N 180 
ILE OXT HXT  sing N N 181 
LEU N   CA   sing N N 182 
LEU N   H    sing N N 183 
LEU N   H2   sing N N 184 
LEU CA  C    sing N N 185 
LEU CA  CB   sing N N 186 
LEU CA  HA   sing N N 187 
LEU C   O    doub N N 188 
LEU C   OXT  sing N N 189 
LEU CB  CG   sing N N 190 
LEU CB  HB2  sing N N 191 
LEU CB  HB3  sing N N 192 
LEU CG  CD1  sing N N 193 
LEU CG  CD2  sing N N 194 
LEU CG  HG   sing N N 195 
LEU CD1 HD11 sing N N 196 
LEU CD1 HD12 sing N N 197 
LEU CD1 HD13 sing N N 198 
LEU CD2 HD21 sing N N 199 
LEU CD2 HD22 sing N N 200 
LEU CD2 HD23 sing N N 201 
LEU OXT HXT  sing N N 202 
LYS N   CA   sing N N 203 
LYS N   H    sing N N 204 
LYS N   H2   sing N N 205 
LYS CA  C    sing N N 206 
LYS CA  CB   sing N N 207 
LYS CA  HA   sing N N 208 
LYS C   O    doub N N 209 
LYS C   OXT  sing N N 210 
LYS CB  CG   sing N N 211 
LYS CB  HB2  sing N N 212 
LYS CB  HB3  sing N N 213 
LYS CG  CD   sing N N 214 
LYS CG  HG2  sing N N 215 
LYS CG  HG3  sing N N 216 
LYS CD  CE   sing N N 217 
LYS CD  HD2  sing N N 218 
LYS CD  HD3  sing N N 219 
LYS CE  NZ   sing N N 220 
LYS CE  HE2  sing N N 221 
LYS CE  HE3  sing N N 222 
LYS NZ  HZ1  sing N N 223 
LYS NZ  HZ2  sing N N 224 
LYS NZ  HZ3  sing N N 225 
LYS OXT HXT  sing N N 226 
MET N   CA   sing N N 227 
MET N   H    sing N N 228 
MET N   H2   sing N N 229 
MET CA  C    sing N N 230 
MET CA  CB   sing N N 231 
MET CA  HA   sing N N 232 
MET C   O    doub N N 233 
MET C   OXT  sing N N 234 
MET CB  CG   sing N N 235 
MET CB  HB2  sing N N 236 
MET CB  HB3  sing N N 237 
MET CG  SD   sing N N 238 
MET CG  HG2  sing N N 239 
MET CG  HG3  sing N N 240 
MET SD  CE   sing N N 241 
MET CE  HE1  sing N N 242 
MET CE  HE2  sing N N 243 
MET CE  HE3  sing N N 244 
MET OXT HXT  sing N N 245 
PHE N   CA   sing N N 246 
PHE N   H    sing N N 247 
PHE N   H2   sing N N 248 
PHE CA  C    sing N N 249 
PHE CA  CB   sing N N 250 
PHE CA  HA   sing N N 251 
PHE C   O    doub N N 252 
PHE C   OXT  sing N N 253 
PHE CB  CG   sing N N 254 
PHE CB  HB2  sing N N 255 
PHE CB  HB3  sing N N 256 
PHE CG  CD1  doub Y N 257 
PHE CG  CD2  sing Y N 258 
PHE CD1 CE1  sing Y N 259 
PHE CD1 HD1  sing N N 260 
PHE CD2 CE2  doub Y N 261 
PHE CD2 HD2  sing N N 262 
PHE CE1 CZ   doub Y N 263 
PHE CE1 HE1  sing N N 264 
PHE CE2 CZ   sing Y N 265 
PHE CE2 HE2  sing N N 266 
PHE CZ  HZ   sing N N 267 
PHE OXT HXT  sing N N 268 
PRO N   CA   sing N N 269 
PRO N   CD   sing N N 270 
PRO N   H    sing N N 271 
PRO CA  C    sing N N 272 
PRO CA  CB   sing N N 273 
PRO CA  HA   sing N N 274 
PRO C   O    doub N N 275 
PRO C   OXT  sing N N 276 
PRO CB  CG   sing N N 277 
PRO CB  HB2  sing N N 278 
PRO CB  HB3  sing N N 279 
PRO CG  CD   sing N N 280 
PRO CG  HG2  sing N N 281 
PRO CG  HG3  sing N N 282 
PRO CD  HD2  sing N N 283 
PRO CD  HD3  sing N N 284 
PRO OXT HXT  sing N N 285 
SER N   CA   sing N N 286 
SER N   H    sing N N 287 
SER N   H2   sing N N 288 
SER CA  C    sing N N 289 
SER CA  CB   sing N N 290 
SER CA  HA   sing N N 291 
SER C   O    doub N N 292 
SER C   OXT  sing N N 293 
SER CB  OG   sing N N 294 
SER CB  HB2  sing N N 295 
SER CB  HB3  sing N N 296 
SER OG  HG   sing N N 297 
SER OXT HXT  sing N N 298 
SO4 S   O1   doub N N 299 
SO4 S   O2   doub N N 300 
SO4 S   O3   sing N N 301 
SO4 S   O4   sing N N 302 
THR N   CA   sing N N 303 
THR N   H    sing N N 304 
THR N   H2   sing N N 305 
THR CA  C    sing N N 306 
THR CA  CB   sing N N 307 
THR CA  HA   sing N N 308 
THR C   O    doub N N 309 
THR C   OXT  sing N N 310 
THR CB  OG1  sing N N 311 
THR CB  CG2  sing N N 312 
THR CB  HB   sing N N 313 
THR OG1 HG1  sing N N 314 
THR CG2 HG21 sing N N 315 
THR CG2 HG22 sing N N 316 
THR CG2 HG23 sing N N 317 
THR OXT HXT  sing N N 318 
TRP N   CA   sing N N 319 
TRP N   H    sing N N 320 
TRP N   H2   sing N N 321 
TRP CA  C    sing N N 322 
TRP CA  CB   sing N N 323 
TRP CA  HA   sing N N 324 
TRP C   O    doub N N 325 
TRP C   OXT  sing N N 326 
TRP CB  CG   sing N N 327 
TRP CB  HB2  sing N N 328 
TRP CB  HB3  sing N N 329 
TRP CG  CD1  doub Y N 330 
TRP CG  CD2  sing Y N 331 
TRP CD1 NE1  sing Y N 332 
TRP CD1 HD1  sing N N 333 
TRP CD2 CE2  doub Y N 334 
TRP CD2 CE3  sing Y N 335 
TRP NE1 CE2  sing Y N 336 
TRP NE1 HE1  sing N N 337 
TRP CE2 CZ2  sing Y N 338 
TRP CE3 CZ3  doub Y N 339 
TRP CE3 HE3  sing N N 340 
TRP CZ2 CH2  doub Y N 341 
TRP CZ2 HZ2  sing N N 342 
TRP CZ3 CH2  sing Y N 343 
TRP CZ3 HZ3  sing N N 344 
TRP CH2 HH2  sing N N 345 
TRP OXT HXT  sing N N 346 
TYR N   CA   sing N N 347 
TYR N   H    sing N N 348 
TYR N   H2   sing N N 349 
TYR CA  C    sing N N 350 
TYR CA  CB   sing N N 351 
TYR CA  HA   sing N N 352 
TYR C   O    doub N N 353 
TYR C   OXT  sing N N 354 
TYR CB  CG   sing N N 355 
TYR CB  HB2  sing N N 356 
TYR CB  HB3  sing N N 357 
TYR CG  CD1  doub Y N 358 
TYR CG  CD2  sing Y N 359 
TYR CD1 CE1  sing Y N 360 
TYR CD1 HD1  sing N N 361 
TYR CD2 CE2  doub Y N 362 
TYR CD2 HD2  sing N N 363 
TYR CE1 CZ   doub Y N 364 
TYR CE1 HE1  sing N N 365 
TYR CE2 CZ   sing Y N 366 
TYR CE2 HE2  sing N N 367 
TYR CZ  OH   sing N N 368 
TYR OH  HH   sing N N 369 
TYR OXT HXT  sing N N 370 
VAL N   CA   sing N N 371 
VAL N   H    sing N N 372 
VAL N   H2   sing N N 373 
VAL CA  C    sing N N 374 
VAL CA  CB   sing N N 375 
VAL CA  HA   sing N N 376 
VAL C   O    doub N N 377 
VAL C   OXT  sing N N 378 
VAL CB  CG1  sing N N 379 
VAL CB  CG2  sing N N 380 
VAL CB  HB   sing N N 381 
VAL CG1 HG11 sing N N 382 
VAL CG1 HG12 sing N N 383 
VAL CG1 HG13 sing N N 384 
VAL CG2 HG21 sing N N 385 
VAL CG2 HG22 sing N N 386 
VAL CG2 HG23 sing N N 387 
VAL OXT HXT  sing N N 388 
YG5 N02 C01  sing N N 389 
YG5 C03 N02  sing N N 390 
YG5 C04 N02  sing N N 391 
YG5 O05 C04  doub N N 392 
YG5 C06 C04  sing N N 393 
YG5 N07 C06  sing N N 394 
YG5 N08 N07  sing Y N 395 
YG5 C09 N08  doub Y N 396 
YG5 C10 C09  sing Y N 397 
YG5 C11 C10  doub Y N 398 
YG5 C12 C11  sing Y N 399 
YG5 C13 C12  doub Y N 400 
YG5 C14 C13  sing Y N 401 
YG5 C15 C14  doub Y N 402 
YG5 N07 C15  sing Y N 403 
YG5 C10 C15  sing Y N 404 
YG5 C13 H131 sing N N 405 
YG5 C01 H012 sing N N 406 
YG5 C01 H011 sing N N 407 
YG5 C01 H013 sing N N 408 
YG5 C03 H032 sing N N 409 
YG5 C03 H033 sing N N 410 
YG5 C03 H031 sing N N 411 
YG5 C06 H061 sing N N 412 
YG5 C06 H062 sing N N 413 
YG5 C09 H091 sing N N 414 
YG5 C11 H111 sing N N 415 
YG5 C12 H121 sing N N 416 
YG5 C14 H141 sing N N 417 
# 
_pdbx_audit_support.funding_organization   
'National Institutes of Health/National Institute Of Allergy and Infectious Diseases (NIH/NIAID)' 
_pdbx_audit_support.country                'United States' 
_pdbx_audit_support.grant_number           U19AI171399 
_pdbx_audit_support.ordinal                1 
# 
_pdbx_deposit_group.group_id            G_1002288 
_pdbx_deposit_group.group_description   'Crystallographic fragment screening of Coxsackievirus A16 (G-10) 2A protease' 
_pdbx_deposit_group.group_title         
'Group deposition for crystallographic fragment screening of Coxsackievirus A16 (G-10) 2A protease' 
_pdbx_deposit_group.group_type          'changed state' 
# 
_atom_sites.entry_id                    7H3S 
_atom_sites.fract_transf_matrix[1][1]   0.00174887 
_atom_sites.fract_transf_matrix[1][2]   -0.00540681 
_atom_sites.fract_transf_matrix[1][3]   -0.01016012 
_atom_sites.fract_transf_matrix[2][1]   0.00170704 
_atom_sites.fract_transf_matrix[2][2]   0.01564597 
_atom_sites.fract_transf_matrix[2][3]   -0.00803234 
_atom_sites.fract_transf_matrix[3][1]   0.03071561 
_atom_sites.fract_transf_matrix[3][2]   -0.00168853 
_atom_sites.fract_transf_matrix[3][3]   0.00323864 
_atom_sites.fract_transf_vector[1]      0.185105 
_atom_sites.fract_transf_vector[2]      0.124864 
_atom_sites.fract_transf_vector[3]      0.447058 
# 
loop_
_atom_type.symbol 
C  
N  
O  
S  
ZN 
# 
loop_
_atom_site.group_PDB 
_atom_site.id 
_atom_site.type_symbol 
_atom_site.label_atom_id 
_atom_site.label_alt_id 
_atom_site.label_comp_id 
_atom_site.label_asym_id 
_atom_site.label_entity_id 
_atom_site.label_seq_id 
_atom_site.pdbx_PDB_ins_code 
_atom_site.Cartn_x 
_atom_site.Cartn_y 
_atom_site.Cartn_z 
_atom_site.occupancy 
_atom_site.B_iso_or_equiv 
_atom_site.pdbx_formal_charge 
_atom_site.auth_seq_id 
_atom_site.auth_comp_id 
_atom_site.auth_asym_id 
_atom_site.auth_atom_id 
_atom_site.pdbx_PDB_model_num 
ATOM   1    N  N   . SER A 1 7   ? 10.351  -2.566  -1.829  1.00 20.19 ? 7   SER A N   1 
ATOM   2    C  CA  . SER A 1 7   ? 9.624   -3.017  -3.023  1.00 20.13 ? 7   SER A CA  1 
ATOM   3    C  C   . SER A 1 7   ? 8.534   -3.992  -2.620  1.00 19.26 ? 7   SER A C   1 
ATOM   4    O  O   . SER A 1 7   ? 8.582   -4.552  -1.503  1.00 19.83 ? 7   SER A O   1 
ATOM   5    C  CB  . SER A 1 7   ? 10.551  -3.643  -4.044  1.00 23.76 ? 7   SER A CB  1 
ATOM   6    O  OG  . SER A 1 7   ? 11.247  -4.688  -3.408  1.00 25.66 ? 7   SER A OG  1 
ATOM   7    N  N   . GLY A 1 8   ? 7.614   -4.211  -3.544  1.00 17.65 ? 8   GLY A N   1 
ATOM   8    C  CA  . GLY A 1 8   ? 6.537   -5.178  -3.345  1.00 17.84 ? 8   GLY A CA  1 
ATOM   9    C  C   . GLY A 1 8   ? 5.272   -4.742  -4.031  1.00 16.07 ? 8   GLY A C   1 
ATOM   10   O  O   . GLY A 1 8   ? 5.113   -3.556  -4.319  1.00 16.88 ? 8   GLY A O   1 
ATOM   11   N  N   . ALA A 1 9   ? 4.407   -5.684  -4.349  1.00 16.21 ? 9   ALA A N   1 
ATOM   12   C  CA  . ALA A 1 9   ? 3.171   -5.454  -5.088  1.00 15.50 ? 9   ALA A CA  1 
ATOM   13   C  C   . ALA A 1 9   ? 2.074   -6.352  -4.553  1.00 14.95 ? 9   ALA A C   1 
ATOM   14   O  O   . ALA A 1 9   ? 2.383   -7.378  -3.907  1.00 17.28 ? 9   ALA A O   1 
ATOM   15   C  CB  . ALA A 1 9   ? 3.382   -5.693  -6.556  1.00 15.92 ? 9   ALA A CB  1 
ATOM   16   N  N   . ILE A 1 10  ? 0.859   -6.010  -4.880  1.00 16.52 ? 10  ILE A N   1 
ATOM   17   C  CA  . ILE A 1 10  ? -0.337  -6.869  -4.696  1.00 17.00 ? 10  ILE A CA  1 
ATOM   18   C  C   . ILE A 1 10  ? -0.689  -7.387  -6.074  1.00 18.81 ? 10  ILE A C   1 
ATOM   19   O  O   . ILE A 1 10  ? -0.787  -6.561  -6.993  1.00 18.29 ? 10  ILE A O   1 
ATOM   20   C  CB  . ILE A 1 10  ? -1.544  -6.096  -4.076  1.00 15.18 ? 10  ILE A CB  1 
ATOM   21   C  CG1 . ILE A 1 10  ? -1.174  -5.346  -2.790  1.00 17.95 ? 10  ILE A CG1 1 
ATOM   22   C  CG2 . ILE A 1 10  ? -2.689  -7.093  -3.800  1.00 15.96 ? 10  ILE A CG2 1 
ATOM   23   C  CD1 . ILE A 1 10  ? -2.208  -4.313  -2.397  1.00 16.24 ? 10  ILE A CD1 1 
ATOM   24   N  N   . TYR A 1 11  ? -0.964  -8.694  -6.176  1.00 21.25 ? 11  TYR A N   1 
ATOM   25   C  CA  . TYR A 1 11  ? -1.376  -9.363  -7.434  1.00 24.92 ? 11  TYR A CA  1 
ATOM   26   C  C   . TYR A 1 11  ? -2.783  -9.896  -7.218  1.00 23.21 ? 11  TYR A C   1 
ATOM   27   O  O   . TYR A 1 11  ? -2.870  -10.967 -6.595  1.00 24.27 ? 11  TYR A O   1 
ATOM   28   C  CB  . TYR A 1 11  ? -0.350  -10.415 -7.861  1.00 24.33 ? 11  TYR A CB  1 
ATOM   29   C  CG  . TYR A 1 11  ? 0.991   -9.820  -8.199  1.00 23.49 ? 11  TYR A CG  1 
ATOM   30   C  CD1 . TYR A 1 11  ? 1.202   -9.201  -9.419  1.00 23.07 ? 11  TYR A CD1 1 
ATOM   31   C  CD2 . TYR A 1 11  ? 2.031   -9.833  -7.303  1.00 24.13 ? 11  TYR A CD2 1 
ATOM   32   C  CE1 . TYR A 1 11  ? 2.419   -8.612  -9.725  1.00 20.73 ? 11  TYR A CE1 1 
ATOM   33   C  CE2 . TYR A 1 11  ? 3.259   -9.236  -7.584  1.00 22.52 ? 11  TYR A CE2 1 
ATOM   34   C  CZ  . TYR A 1 11  ? 3.439   -8.592  -8.805  1.00 22.41 ? 11  TYR A CZ  1 
ATOM   35   O  OH  . TYR A 1 11  ? 4.643   -8.024  -9.149  1.00 23.43 ? 11  TYR A OH  1 
ATOM   36   N  N   . VAL A 1 12  ? -3.774  -9.189  -7.729  1.00 21.58 ? 12  VAL A N   1 
ATOM   37   C  CA  . VAL A 1 12  ? -5.217  -9.582  -7.628  1.00 22.77 ? 12  VAL A CA  1 
ATOM   38   C  C   . VAL A 1 12  ? -5.829  -9.633  -9.024  1.00 27.20 ? 12  VAL A C   1 
ATOM   39   O  O   . VAL A 1 12  ? -5.765  -8.647  -9.759  1.00 26.65 ? 12  VAL A O   1 
ATOM   40   C  CB  . VAL A 1 12  ? -6.024  -8.671  -6.671  1.00 22.38 ? 12  VAL A CB  1 
ATOM   41   C  CG1 . VAL A 1 12  ? -5.931  -7.191  -6.957  1.00 22.96 ? 12  VAL A CG1 1 
ATOM   42   C  CG2 . VAL A 1 12  ? -7.475  -9.121  -6.563  1.00 25.08 ? 12  VAL A CG2 1 
ATOM   43   N  N   . GLY A 1 13  ? -6.482  -10.753 -9.357  1.00 27.90 ? 13  GLY A N   1 
ATOM   44   C  CA  . GLY A 1 13  ? -6.933  -10.967 -10.734 1.00 29.23 ? 13  GLY A CA  1 
ATOM   45   C  C   . GLY A 1 13  ? -5.827  -10.658 -11.742 1.00 23.13 ? 13  GLY A C   1 
ATOM   46   O  O   . GLY A 1 13  ? -4.708  -11.220 -11.558 1.00 27.91 ? 13  GLY A O   1 
ATOM   47   N  N   . ASN A 1 14  ? -6.152  -9.800  -12.696 1.00 27.62 ? 14  ASN A N   1 
ATOM   48   C  CA  . ASN A 1 14  ? -5.247  -9.373  -13.794 1.00 28.68 ? 14  ASN A CA  1 
ATOM   49   C  C   . ASN A 1 14  ? -4.768  -7.947  -13.471 1.00 29.55 ? 14  ASN A C   1 
ATOM   50   O  O   . ASN A 1 14  ? -4.658  -7.073  -14.370 1.00 26.56 ? 14  ASN A O   1 
ATOM   51   C  CB  . ASN A 1 14  ? -5.878  -9.628  -15.172 1.00 34.01 ? 14  ASN A CB  1 
ATOM   52   C  CG  . ASN A 1 14  ? -5.806  -11.111 -15.523 1.00 33.09 ? 14  ASN A CG  1 
ATOM   53   O  OD1 . ASN A 1 14  ? -4.846  -11.570 -16.131 1.00 38.02 ? 14  ASN A OD1 1 
ATOM   54   N  ND2 . ASN A 1 14  ? -6.751  -11.899 -15.037 1.00 30.50 ? 14  ASN A ND2 1 
ATOM   55   N  N   . TYR A 1 15  ? -4.480  -7.704  -12.189 1.00 26.94 ? 15  TYR A N   1 
ATOM   56   C  CA  . TYR A 1 15  ? -4.009  -6.376  -11.732 1.00 22.84 ? 15  TYR A CA  1 
ATOM   57   C  C   . TYR A 1 15  ? -2.770  -6.541  -10.880 1.00 21.82 ? 15  TYR A C   1 
ATOM   58   O  O   . TYR A 1 15  ? -2.602  -7.465  -10.081 1.00 21.42 ? 15  TYR A O   1 
ATOM   59   C  CB  . TYR A 1 15  ? -5.066  -5.645  -10.923 1.00 23.40 ? 15  TYR A CB  1 
ATOM   60   C  CG  . TYR A 1 15  ? -6.356  -5.350  -11.626 1.00 24.40 ? 15  TYR A CG  1 
ATOM   61   C  CD1 . TYR A 1 15  ? -6.385  -4.589  -12.788 1.00 26.70 ? 15  TYR A CD1 1 
ATOM   62   C  CD2 . TYR A 1 15  ? -7.571  -5.802  -11.123 1.00 26.76 ? 15  TYR A CD2 1 
ATOM   63   C  CE1 . TYR A 1 15  ? -7.571  -4.305  -13.445 1.00 25.99 ? 15  TYR A CE1 1 
ATOM   64   C  CE2 . TYR A 1 15  ? -8.764  -5.519  -11.767 1.00 27.15 ? 15  TYR A CE2 1 
ATOM   65   C  CZ  . TYR A 1 15  ? -8.775  -4.752  -12.923 1.00 29.96 ? 15  TYR A CZ  1 
ATOM   66   O  OH  . TYR A 1 15  ? -9.942  -4.448  -13.562 1.00 35.95 ? 15  TYR A OH  1 
ATOM   67   N  N   . ARG A 1 16  ? -1.907  -5.532  -11.015 1.00 21.31 ? 16  ARG A N   1 
ATOM   68   C  CA  . ARG A 1 16  ? -0.684  -5.379  -10.231 1.00 18.77 ? 16  ARG A CA  1 
ATOM   69   C  C   . ARG A 1 16  ? -0.771  -4.027  -9.529  1.00 18.72 ? 16  ARG A C   1 
ATOM   70   O  O   . ARG A 1 16  ? -0.896  -2.994  -10.202 1.00 18.80 ? 16  ARG A O   1 
ATOM   71   C  CB  . ARG A 1 16  ? 0.558   -5.470  -11.122 1.00 18.67 ? 16  ARG A CB  1 
ATOM   72   C  CG  . ARG A 1 16  ? 1.822   -4.903  -10.486 1.00 19.82 ? 16  ARG A CG  1 
ATOM   73   C  CD  . ARG A 1 16  ? 3.034   -5.260  -11.351 1.00 20.03 ? 16  ARG A CD  1 
ATOM   74   N  NE  . ARG A 1 16  ? 4.055   -4.214  -11.310 1.00 19.06 ? 16  ARG A NE  1 
ATOM   75   C  CZ  . ARG A 1 16  ? 5.096   -4.199  -10.547 1.00 18.35 ? 16  ARG A CZ  1 
ATOM   76   N  NH1 . ARG A 1 16  ? 5.340   -5.154  -9.669  1.00 21.67 ? 16  ARG A NH1 1 
ATOM   77   N  NH2 . ARG A 1 16  ? 5.916   -3.174  -10.612 1.00 19.24 ? 16  ARG A NH2 1 
ATOM   78   N  N   . VAL A 1 17  ? -0.738  -4.051  -8.195  1.00 15.47 ? 17  VAL A N   1 
ATOM   79   C  CA  . VAL A 1 17  ? -0.902  -2.802  -7.402  1.00 14.86 ? 17  VAL A CA  1 
ATOM   80   C  C   . VAL A 1 17  ? 0.443   -2.487  -6.785  1.00 14.95 ? 17  VAL A C   1 
ATOM   81   O  O   . VAL A 1 17  ? 0.976   -3.307  -5.976  1.00 14.39 ? 17  VAL A O   1 
ATOM   82   C  CB  . VAL A 1 17  ? -1.941  -2.911  -6.278  1.00 15.11 ? 17  VAL A CB  1 
ATOM   83   C  CG1 . VAL A 1 17  ? -2.128  -1.524  -5.653  1.00 14.97 ? 17  VAL A CG1 1 
ATOM   84   C  CG2 . VAL A 1 17  ? -3.201  -3.588  -6.789  1.00 16.75 ? 17  VAL A CG2 1 
ATOM   85   N  N   . VAL A 1 18  ? 0.995   -1.321  -7.125  1.00 14.63 ? 18  VAL A N   1 
ATOM   86   C  CA  . VAL A 1 18  ? 2.311   -0.893  -6.663  1.00 15.12 ? 18  VAL A CA  1 
ATOM   87   C  C   . VAL A 1 18  ? 2.247   0.512   -6.131  1.00 13.78 ? 18  VAL A C   1 
ATOM   88   O  O   . VAL A 1 18  ? 1.308   1.261   -6.415  1.00 14.20 ? 18  VAL A O   1 
ATOM   89   C  CB  . VAL A 1 18  ? 3.409   -0.972  -7.735  1.00 14.02 ? 18  VAL A CB  1 
ATOM   90   C  CG1 . VAL A 1 18  ? 3.796   -2.415  -7.972  1.00 17.72 ? 18  VAL A CG1 1 
ATOM   91   C  CG2 . VAL A 1 18  ? 3.079   -0.218  -9.050  1.00 15.09 ? 18  VAL A CG2 1 
ATOM   92   N  N   . ASN A 1 19  ? 3.248   0.846   -5.321  1.00 13.28 ? 19  ASN A N   1 
ATOM   93   C  CA  . ASN A 1 19  ? 3.479   2.266   -4.969  1.00 12.77 ? 19  ASN A CA  1 
ATOM   94   C  C   . ASN A 1 19  ? 3.703   3.062   -6.284  1.00 14.12 ? 19  ASN A C   1 
ATOM   95   O  O   . ASN A 1 19  ? 4.581   2.683   -7.107  1.00 12.86 ? 19  ASN A O   1 
ATOM   96   C  CB  . ASN A 1 19  ? 4.700   2.487   -4.079  1.00 12.53 ? 19  ASN A CB  1 
ATOM   97   C  CG  . ASN A 1 19  ? 4.616   1.763   -2.751  1.00 12.77 ? 19  ASN A CG  1 
ATOM   98   O  OD1 . ASN A 1 19  ? 5.065   0.614   -2.636  1.00 13.79 ? 19  ASN A OD1 1 
ATOM   99   N  ND2 . ASN A 1 19  ? 3.977   2.382   -1.790  1.00 14.13 ? 19  ASN A ND2 1 
ATOM   100  N  N   . ARG A 1 20  ? 2.974   4.153   -6.448  1.00 13.32 ? 20  ARG A N   1 
ATOM   101  C  CA  . ARG A 1 20  ? 3.129   5.014   -7.655  1.00 14.24 ? 20  ARG A CA  1 
ATOM   102  C  C   . ARG A 1 20  ? 4.604   5.377   -7.860  1.00 15.61 ? 20  ARG A C   1 
ATOM   103  O  O   . ARG A 1 20  ? 5.123   5.281   -9.021  1.00 15.08 ? 20  ARG A O   1 
ATOM   104  C  CB  . ARG A 1 20  ? 2.261   6.255   -7.574  1.00 14.53 ? 20  ARG A CB  1 
ATOM   105  C  CG  . ARG A 1 20  ? 2.149   6.982   -8.914  1.00 16.12 ? 20  ARG A CG  1 
ATOM   106  C  CD  . ARG A 1 20  ? 1.281   8.192   -8.751  1.00 17.64 ? 20  ARG A CD  1 
ATOM   107  N  NE  . ARG A 1 20  ? 1.154   9.028   -9.951  1.00 19.72 ? 20  ARG A NE  1 
ATOM   108  C  CZ  . ARG A 1 20  ? 2.034   9.926   -10.375 1.00 19.04 ? 20  ARG A CZ  1 
ATOM   109  N  NH1 . ARG A 1 20  ? 3.178   10.130  -9.758  1.00 22.70 ? 20  ARG A NH1 1 
ATOM   110  N  NH2 . ARG A 1 20  ? 1.767   10.644  -11.477 1.00 20.83 ? 20  ARG A NH2 1 
ATOM   111  N  N   . HIS A 1 21  ? 5.299   5.709   -6.768  1.00 14.92 ? 21  HIS A N   1 
ATOM   112  C  CA  . HIS A 1 21  ? 6.692   6.189   -6.901  1.00 15.13 ? 21  HIS A CA  1 
ATOM   113  C  C   . HIS A 1 21  ? 7.623   5.060   -7.327  1.00 14.92 ? 21  HIS A C   1 
ATOM   114  O  O   . HIS A 1 21  ? 8.763   5.372   -7.687  1.00 17.78 ? 21  HIS A O   1 
ATOM   115  C  CB  . HIS A 1 21  ? 7.219   6.948   -5.674  1.00 15.01 ? 21  HIS A CB  1 
ATOM   116  C  CG  . HIS A 1 21  ? 7.466   6.092   -4.468  1.00 15.28 ? 21  HIS A CG  1 
ATOM   117  N  ND1 . HIS A 1 21  ? 6.450   5.738   -3.608  1.00 15.66 ? 21  HIS A ND1 1 
ATOM   118  C  CD2 . HIS A 1 21  ? 8.614   5.514   -4.023  1.00 15.21 ? 21  HIS A CD2 1 
ATOM   119  C  CE1 . HIS A 1 21  ? 6.991   5.025   -2.633  1.00 15.34 ? 21  HIS A CE1 1 
ATOM   120  N  NE2 . HIS A 1 21  ? 8.298   4.857   -2.843  1.00 17.50 ? 21  HIS A NE2 1 
ATOM   121  N  N   . LEU A 1 22  ? 7.237   3.796   -7.284  1.00 12.84 ? 22  LEU A N   1 
ATOM   122  C  CA  . LEU A 1 22  ? 8.091   2.641   -7.683  1.00 14.70 ? 22  LEU A CA  1 
ATOM   123  C  C   . LEU A 1 22  ? 7.580   1.991   -8.968  1.00 15.66 ? 22  LEU A C   1 
ATOM   124  O  O   . LEU A 1 22  ? 8.148   0.954   -9.413  1.00 17.30 ? 22  LEU A O   1 
ATOM   125  C  CB  . LEU A 1 22  ? 8.143   1.614   -6.558  1.00 16.35 ? 22  LEU A CB  1 
ATOM   126  C  CG  . LEU A 1 22  ? 8.733   2.134   -5.252  1.00 16.78 ? 22  LEU A CG  1 
ATOM   127  C  CD1 . LEU A 1 22  ? 8.714   1.090   -4.164  1.00 16.28 ? 22  LEU A CD1 1 
ATOM   128  C  CD2 . LEU A 1 22  ? 10.194  2.593   -5.480  1.00 16.94 ? 22  LEU A CD2 1 
ATOM   129  N  N   . ALA A 1 23  ? 6.562   2.576   -9.604  1.00 15.06 ? 23  ALA A N   1 
ATOM   130  C  CA  . ALA A 1 23  ? 5.983   2.014   -10.828 1.00 15.13 ? 23  ALA A CA  1 
ATOM   131  C  C   . ALA A 1 23  ? 7.075   2.028   -11.919 1.00 15.99 ? 23  ALA A C   1 
ATOM   132  O  O   . ALA A 1 23  ? 7.851   3.019   -12.018 1.00 17.19 ? 23  ALA A O   1 
ATOM   133  C  CB  . ALA A 1 23  ? 4.744   2.757   -11.244 1.00 14.87 ? 23  ALA A CB  1 
ATOM   134  N  N   . THR A 1 24  ? 7.141   0.998   -12.722 1.00 16.31 ? 24  THR A N   1 
ATOM   135  C  CA  . THR A 1 24  ? 8.127   0.859   -13.831 1.00 17.35 ? 24  THR A CA  1 
ATOM   136  C  C   . THR A 1 24  ? 7.566   1.467   -15.117 1.00 17.49 ? 24  THR A C   1 
ATOM   137  O  O   . THR A 1 24  ? 6.388   1.782   -15.208 1.00 15.42 ? 24  THR A O   1 
ATOM   138  C  CB  . THR A 1 24  ? 8.471   -0.621  -14.033 1.00 18.02 ? 24  THR A CB  1 
ATOM   139  O  OG1 . THR A 1 24  ? 7.299   -1.278  -14.522 1.00 19.10 ? 24  THR A OG1 1 
ATOM   140  C  CG2 . THR A 1 24  ? 8.979   -1.253  -12.743 1.00 19.77 ? 24  THR A CG2 1 
ATOM   141  N  N   . HIS A 1 25  ? 8.387   1.572   -16.181 1.00 18.34 ? 25  HIS A N   1 
ATOM   142  C  CA  . HIS A 1 25  ? 7.862   1.998   -17.502 1.00 19.03 ? 25  HIS A CA  1 
ATOM   143  C  C   . HIS A 1 25  ? 6.784   0.998   -17.951 1.00 18.17 ? 25  HIS A C   1 
ATOM   144  O  O   . HIS A 1 25  ? 5.779   1.396   -18.510 1.00 18.01 ? 25  HIS A O   1 
ATOM   145  C  CB  . HIS A 1 25  ? 9.009   2.136   -18.532 1.00 21.39 ? 25  HIS A CB  1 
ATOM   146  C  CG  . HIS A 1 25  ? 8.480   2.089   -19.931 1.00 23.60 ? 25  HIS A CG  1 
ATOM   147  N  ND1 . HIS A 1 25  ? 7.965   3.200   -20.564 1.00 22.62 ? 25  HIS A ND1 1 
ATOM   148  C  CD2 . HIS A 1 25  ? 8.255   1.042   -20.783 1.00 26.89 ? 25  HIS A CD2 1 
ATOM   149  C  CE1 . HIS A 1 25  ? 7.566   2.880   -21.771 1.00 25.20 ? 25  HIS A CE1 1 
ATOM   150  N  NE2 . HIS A 1 25  ? 7.693   1.551   -21.925 1.00 28.49 ? 25  HIS A NE2 1 
ATOM   151  N  N   . ASN A 1 26  ? 7.013   -0.293  -17.743 1.00 17.91 ? 26  ASN A N   1 
ATOM   152  C  CA  . ASN A 1 26  ? 6.037   -1.318  -18.164 1.00 20.28 ? 26  ASN A CA  1 
ATOM   153  C  C   . ASN A 1 26  ? 4.717   -1.075  -17.411 1.00 17.57 ? 26  ASN A C   1 
ATOM   154  O  O   . ASN A 1 26  ? 3.621   -1.175  -17.975 1.00 18.14 ? 26  ASN A O   1 
ATOM   155  C  CB  . ASN A 1 26  ? 6.532   -2.737  -17.909 1.00 24.29 ? 26  ASN A CB  1 
ATOM   156  C  CG  . ASN A 1 26  ? 5.525   -3.766  -18.388 1.00 30.70 ? 26  ASN A CG  1 
ATOM   157  O  OD1 . ASN A 1 26  ? 5.345   -3.950  -19.593 1.00 33.68 ? 26  ASN A OD1 1 
ATOM   158  N  ND2 . ASN A 1 26  ? 4.777   -4.374  -17.476 1.00 28.07 ? 26  ASN A ND2 1 
ATOM   159  N  N   . ASP A 1 27  ? 4.782   -0.738  -16.113 1.00 16.02 ? 27  ASP A N   1 
ATOM   160  C  CA  . ASP A 1 27  ? 3.521   -0.364  -15.411 1.00 15.80 ? 27  ASP A CA  1 
ATOM   161  C  C   . ASP A 1 27  ? 2.780   0.774   -16.109 1.00 14.99 ? 27  ASP A C   1 
ATOM   162  O  O   . ASP A 1 27  ? 1.564   0.694   -16.300 1.00 15.02 ? 27  ASP A O   1 
ATOM   163  C  CB  . ASP A 1 27  ? 3.748   -0.015  -13.935 1.00 16.27 ? 27  ASP A CB  1 
ATOM   164  C  CG  . ASP A 1 27  ? 4.195   -1.191  -13.087 1.00 17.59 ? 27  ASP A CG  1 
ATOM   165  O  OD1 . ASP A 1 27  ? 3.612   -2.268  -13.280 1.00 18.38 ? 27  ASP A OD1 1 
ATOM   166  O  OD2 . ASP A 1 27  ? 5.081   -1.035  -12.220 1.00 16.73 ? 27  ASP A OD2 1 
ATOM   167  N  N   . TRP A 1 28  ? 3.482   1.868   -16.438 1.00 15.35 ? 28  TRP A N   1 
ATOM   168  C  CA  . TRP A 1 28  ? 2.868   3.074   -17.019 1.00 15.10 ? 28  TRP A CA  1 
ATOM   169  C  C   . TRP A 1 28  ? 2.367   2.769   -18.442 1.00 14.69 ? 28  TRP A C   1 
ATOM   170  O  O   . TRP A 1 28  ? 1.365   3.290   -18.820 1.00 15.78 ? 28  TRP A O   1 
ATOM   171  C  CB  . TRP A 1 28  ? 3.913   4.196   -17.052 1.00 15.06 ? 28  TRP A CB  1 
ATOM   172  C  CG  . TRP A 1 28  ? 4.082   4.938   -15.756 1.00 15.79 ? 28  TRP A CG  1 
ATOM   173  C  CD1 . TRP A 1 28  ? 5.056   4.803   -14.801 1.00 16.64 ? 28  TRP A CD1 1 
ATOM   174  C  CD2 . TRP A 1 28  ? 3.135   5.869   -15.214 1.00 15.93 ? 28  TRP A CD2 1 
ATOM   175  N  NE1 . TRP A 1 28  ? 4.816   5.686   -13.777 1.00 15.56 ? 28  TRP A NE1 1 
ATOM   176  C  CE2 . TRP A 1 28  ? 3.621   6.330   -13.974 1.00 13.98 ? 28  TRP A CE2 1 
ATOM   177  C  CE3 . TRP A 1 28  ? 1.966   6.458   -15.703 1.00 16.15 ? 28  TRP A CE3 1 
ATOM   178  C  CZ2 . TRP A 1 28  ? 2.989   7.365   -13.259 1.00 15.57 ? 28  TRP A CZ2 1 
ATOM   179  C  CZ3 . TRP A 1 28  ? 1.310   7.400   -14.967 1.00 17.04 ? 28  TRP A CZ3 1 
ATOM   180  C  CH2 . TRP A 1 28  ? 1.809   7.859   -13.754 1.00 15.20 ? 28  TRP A CH2 1 
ATOM   181  N  N   . ALA A 1 29  ? 3.034   1.841   -19.132 1.00 14.98 ? 29  ALA A N   1 
ATOM   182  C  CA  . ALA A 1 29  ? 2.681   1.423   -20.515 1.00 17.58 ? 29  ALA A CA  1 
ATOM   183  C  C   . ALA A 1 29  ? 1.472   0.498   -20.489 1.00 20.38 ? 29  ALA A C   1 
ATOM   184  O  O   . ALA A 1 29  ? 0.892   0.258   -21.550 1.00 20.05 ? 29  ALA A O   1 
ATOM   185  C  CB  . ALA A 1 29  ? 3.886   0.783   -21.149 1.00 18.50 ? 29  ALA A CB  1 
ATOM   186  N  N   . ASN A 1 30  ? 1.096   0.000   -19.301 1.00 20.38 ? 30  ASN A N   1 
ATOM   187  C  CA  . ASN A 1 30  ? -0.064  -0.929  -19.163 1.00 20.26 ? 30  ASN A CA  1 
ATOM   188  C  C   . ASN A 1 30  ? -0.959  -0.396  -18.050 1.00 19.73 ? 30  ASN A C   1 
ATOM   189  O  O   . ASN A 1 30  ? -1.451  -1.199  -17.226 1.00 21.65 ? 30  ASN A O   1 
ATOM   190  C  CB  . ASN A 1 30  ? 0.452   -2.325  -18.904 1.00 22.65 ? 30  ASN A CB  1 
ATOM   191  C  CG  . ASN A 1 30  ? 1.115   -2.947  -20.116 1.00 23.81 ? 30  ASN A CG  1 
ATOM   192  O  OD1 . ASN A 1 30  ? 0.436   -3.420  -21.019 1.00 30.52 ? 30  ASN A OD1 1 
ATOM   193  N  ND2 . ASN A 1 30  ? 2.425   -2.912  -20.146 1.00 25.62 ? 30  ASN A ND2 1 
ATOM   194  N  N   . LEU A 1 31  ? -1.162  0.903   -18.011 1.00 20.46 ? 31  LEU A N   1 
ATOM   195  C  CA  . LEU A 1 31  ? -1.740  1.573   -16.839 1.00 20.19 ? 31  LEU A CA  1 
ATOM   196  C  C   . LEU A 1 31  ? -3.226  1.218   -16.799 1.00 21.86 ? 31  LEU A C   1 
ATOM   197  O  O   . LEU A 1 31  ? -3.918  1.341   -17.845 1.00 21.69 ? 31  LEU A O   1 
ATOM   198  C  CB  . LEU A 1 31  ? -1.541  3.077   -16.959 1.00 18.90 ? 31  LEU A CB  1 
ATOM   199  C  CG  . LEU A 1 31  ? -2.157  3.889   -15.822 1.00 19.69 ? 31  LEU A CG  1 
ATOM   200  C  CD1 . LEU A 1 31  ? -1.483  3.562   -14.501 1.00 18.36 ? 31  LEU A CD1 1 
ATOM   201  C  CD2 . LEU A 1 31  ? -2.075  5.361   -16.098 1.00 19.14 ? 31  LEU A CD2 1 
ATOM   202  N  N   . VAL A 1 32  ? -3.765  0.922   -15.611 1.00 19.19 ? 32  VAL A N   1 
ATOM   203  C  CA  . VAL A 1 32  ? -5.226  0.885   -15.352 1.00 21.00 ? 32  VAL A CA  1 
ATOM   204  C  C   . VAL A 1 32  ? -5.660  2.163   -14.630 1.00 20.64 ? 32  VAL A C   1 
ATOM   205  O  O   . VAL A 1 32  ? -6.672  2.778   -14.965 1.00 22.88 ? 32  VAL A O   1 
ATOM   206  C  CB  . VAL A 1 32  ? -5.516  -0.391  -14.557 1.00 23.00 ? 32  VAL A CB  1 
ATOM   207  C  CG1 . VAL A 1 32  ? -6.961  -0.468  -14.112 1.00 22.83 ? 32  VAL A CG1 1 
ATOM   208  C  CG2 . VAL A 1 32  ? -5.069  -1.609  -15.333 1.00 22.45 ? 32  VAL A CG2 1 
ATOM   209  N  N   . TRP A 1 33  ? -4.963  2.542   -13.551 1.00 18.26 ? 33  TRP A N   1 
ATOM   210  C  CA  . TRP A 1 33  ? -5.384  3.695   -12.728 1.00 19.47 ? 33  TRP A CA  1 
ATOM   211  C  C   . TRP A 1 33  ? -4.183  4.124   -11.887 1.00 17.75 ? 33  TRP A C   1 
ATOM   212  O  O   . TRP A 1 33  ? -3.386  3.231   -11.490 1.00 17.33 ? 33  TRP A O   1 
ATOM   213  C  CB  . TRP A 1 33  ? -6.596  3.283   -11.865 1.00 20.35 ? 33  TRP A CB  1 
ATOM   214  C  CG  . TRP A 1 33  ? -6.904  4.179   -10.708 1.00 20.33 ? 33  TRP A CG  1 
ATOM   215  C  CD1 . TRP A 1 33  ? -7.689  5.288   -10.743 1.00 24.84 ? 33  TRP A CD1 1 
ATOM   216  C  CD2 . TRP A 1 33  ? -6.501  4.047   -9.324  1.00 19.42 ? 33  TRP A CD2 1 
ATOM   217  N  NE1 . TRP A 1 33  ? -7.779  5.881   -9.508  1.00 26.35 ? 33  TRP A NE1 1 
ATOM   218  C  CE2 . TRP A 1 33  ? -7.043  5.145   -8.618  1.00 21.79 ? 33  TRP A CE2 1 
ATOM   219  C  CE3 . TRP A 1 33  ? -5.692  3.161   -8.635  1.00 17.57 ? 33  TRP A CE3 1 
ATOM   220  C  CZ2 . TRP A 1 33  ? -6.916  5.278   -7.240  1.00 21.73 ? 33  TRP A CZ2 1 
ATOM   221  C  CZ3 . TRP A 1 33  ? -5.527  3.323   -7.271  1.00 20.11 ? 33  TRP A CZ3 1 
ATOM   222  C  CH2 . TRP A 1 33  ? -6.098  4.387   -6.600  1.00 20.21 ? 33  TRP A CH2 1 
ATOM   223  N  N   . GLU A 1 34  ? -4.015  5.414   -11.662 1.00 17.68 ? 34  GLU A N   1 
ATOM   224  C  CA  . GLU A 1 34  ? -2.948  5.917   -10.766 1.00 19.03 ? 34  GLU A CA  1 
ATOM   225  C  C   . GLU A 1 34  ? -3.464  7.136   -10.014 1.00 18.46 ? 34  GLU A C   1 
ATOM   226  O  O   . GLU A 1 34  ? -4.367  7.829   -10.514 1.00 20.16 ? 34  GLU A O   1 
ATOM   227  C  CB  . GLU A 1 34  ? -1.669  6.259   -11.511 1.00 19.04 ? 34  GLU A CB  1 
ATOM   228  C  CG  . GLU A 1 34  ? -1.878  7.232   -12.669 1.00 19.54 ? 34  GLU A CG  1 
ATOM   229  C  CD  . GLU A 1 34  ? -1.882  8.708   -12.312 1.00 19.69 ? 34  GLU A CD  1 
ATOM   230  O  OE1 . GLU A 1 34  ? -2.400  9.513   -13.120 1.00 21.64 ? 34  GLU A OE1 1 
ATOM   231  O  OE2 . GLU A 1 34  ? -1.355  9.068   -11.281 1.00 20.53 ? 34  GLU A OE2 1 
ATOM   232  N  N   . ASP A 1 35  ? -2.948  7.374   -8.819  1.00 19.44 ? 35  ASP A N   1 
ATOM   233  C  CA  . ASP A 1 35  ? -3.372  8.513   -7.970  1.00 18.78 ? 35  ASP A CA  1 
ATOM   234  C  C   . ASP A 1 35  ? -2.185  8.925   -7.106  1.00 19.93 ? 35  ASP A C   1 
ATOM   235  O  O   . ASP A 1 35  ? -1.807  8.157   -6.196  1.00 18.88 ? 35  ASP A O   1 
ATOM   236  C  CB  . ASP A 1 35  ? -4.588  8.101   -7.144  1.00 20.85 ? 35  ASP A CB  1 
ATOM   237  C  CG  . ASP A 1 35  ? -5.154  9.166   -6.235  1.00 19.92 ? 35  ASP A CG  1 
ATOM   238  O  OD1 . ASP A 1 35  ? -4.378  9.935   -5.625  1.00 25.08 ? 35  ASP A OD1 1 
ATOM   239  O  OD2 . ASP A 1 35  ? -6.389  9.130   -6.106  1.00 27.69 ? 35  ASP A OD2 1 
ATOM   240  N  N   A SER A 1 36  ? -1.531  10.050  -7.413  0.25 19.37 ? 36  SER A N   1 
ATOM   241  N  N   B SER A 1 36  ? -1.531  10.050  -7.413  0.25 19.37 ? 36  SER A N   1 
ATOM   242  C  CA  A SER A 1 36  ? -0.342  10.570  -6.690  0.25 19.62 ? 36  SER A CA  1 
ATOM   243  C  CA  B SER A 1 36  ? -0.342  10.559  -6.688  0.25 20.69 ? 36  SER A CA  1 
ATOM   244  C  C   A SER A 1 36  ? -0.683  10.837  -5.222  0.25 20.25 ? 36  SER A C   1 
ATOM   245  C  C   B SER A 1 36  ? -0.683  10.837  -5.222  0.25 20.25 ? 36  SER A C   1 
ATOM   246  O  O   A SER A 1 36  ? 0.122   10.497  -4.362  0.25 21.52 ? 36  SER A O   1 
ATOM   247  O  O   B SER A 1 36  ? 0.122   10.497  -4.362  0.25 21.52 ? 36  SER A O   1 
ATOM   248  C  CB  A SER A 1 36  ? 0.191   11.833  -7.351  0.25 19.96 ? 36  SER A CB  1 
ATOM   249  C  CB  B SER A 1 36  ? 0.203   11.800  -7.352  0.25 22.37 ? 36  SER A CB  1 
ATOM   250  O  OG  A SER A 1 36  ? 1.230   12.446  -6.600  0.25 20.49 ? 36  SER A OG  1 
ATOM   251  O  OG  B SER A 1 36  ? -0.834  12.489  -8.043  0.25 25.82 ? 36  SER A OG  1 
ATOM   252  N  N   . SER A 1 37  ? -1.868  11.370  -4.979  1.00 20.62 ? 37  SER A N   1 
ATOM   253  C  CA  . SER A 1 37  ? -2.254  11.710  -3.588  1.00 21.01 ? 37  SER A CA  1 
ATOM   254  C  C   . SER A 1 37  ? -2.270  10.432  -2.739  1.00 21.73 ? 37  SER A C   1 
ATOM   255  O  O   . SER A 1 37  ? -1.976  10.532  -1.535  1.00 21.37 ? 37  SER A O   1 
ATOM   256  C  CB  . SER A 1 37  ? -3.567  12.422  -3.500  1.00 21.27 ? 37  SER A CB  1 
ATOM   257  O  OG  . SER A 1 37  ? -4.648  11.566  -3.794  1.00 26.53 ? 37  SER A OG  1 
ATOM   258  N  N   . ARG A 1 38  ? -2.515  9.266   -3.356  1.00 17.69 ? 38  ARG A N   1 
ATOM   259  C  CA  . ARG A 1 38  ? -2.560  7.960   -2.595  1.00 15.60 ? 38  ARG A CA  1 
ATOM   260  C  C   . ARG A 1 38  ? -1.234  7.192   -2.701  1.00 16.99 ? 38  ARG A C   1 
ATOM   261  O  O   . ARG A 1 38  ? -1.141  6.110   -2.069  1.00 17.15 ? 38  ARG A O   1 
ATOM   262  C  CB  . ARG A 1 38  ? -3.701  7.111   -3.167  1.00 16.57 ? 38  ARG A CB  1 
ATOM   263  C  CG  . ARG A 1 38  ? -5.085  7.711   -2.990  1.00 18.19 ? 38  ARG A CG  1 
ATOM   264  C  CD  . ARG A 1 38  ? -6.136  6.789   -3.472  1.00 18.13 ? 38  ARG A CD  1 
ATOM   265  N  NE  . ARG A 1 38  ? -6.249  5.557   -2.704  1.00 16.74 ? 38  ARG A NE  1 
ATOM   266  C  CZ  . ARG A 1 38  ? -7.406  4.873   -2.547  1.00 16.37 ? 38  ARG A CZ  1 
ATOM   267  N  NH1 . ARG A 1 38  ? -8.547  5.335   -3.063  1.00 18.06 ? 38  ARG A NH1 1 
ATOM   268  N  NH2 . ARG A 1 38  ? -7.453  3.814   -1.737  1.00 17.29 ? 38  ARG A NH2 1 
ATOM   269  N  N   . ASP A 1 39  ? -0.302  7.641   -3.535  1.00 16.30 ? 39  ASP A N   1 
ATOM   270  C  CA  . ASP A 1 39  ? 0.901   6.844   -3.876  1.00 14.13 ? 39  ASP A CA  1 
ATOM   271  C  C   . ASP A 1 39  ? 0.558   5.464   -4.423  1.00 13.46 ? 39  ASP A C   1 
ATOM   272  O  O   . ASP A 1 39  ? 1.261   4.532   -4.076  1.00 14.67 ? 39  ASP A O   1 
ATOM   273  C  CB  . ASP A 1 39  ? 1.822   6.691   -2.635  1.00 15.28 ? 39  ASP A CB  1 
ATOM   274  C  CG  . ASP A 1 39  ? 3.170   6.073   -2.931  1.00 17.71 ? 39  ASP A CG  1 
ATOM   275  O  OD1 . ASP A 1 39  ? 3.688   6.324   -4.068  1.00 17.18 ? 39  ASP A OD1 1 
ATOM   276  O  OD2 . ASP A 1 39  ? 3.706   5.325   -2.072  1.00 17.53 ? 39  ASP A OD2 1 
ATOM   277  N  N   . LEU A 1 40  ? -0.497  5.350   -5.241  1.00 13.71 ? 40  LEU A N   1 
ATOM   278  C  CA  . LEU A 1 40  ? -0.883  4.059   -5.823  1.00 14.10 ? 40  LEU A CA  1 
ATOM   279  C  C   . LEU A 1 40  ? -0.862  4.132   -7.348  1.00 14.23 ? 40  LEU A C   1 
ATOM   280  O  O   . LEU A 1 40  ? -1.295  5.139   -7.920  1.00 14.68 ? 40  LEU A O   1 
ATOM   281  C  CB  . LEU A 1 40  ? -2.254  3.622   -5.341  1.00 13.69 ? 40  LEU A CB  1 
ATOM   282  C  CG  . LEU A 1 40  ? -2.331  3.152   -3.889  1.00 14.36 ? 40  LEU A CG  1 
ATOM   283  C  CD1 . LEU A 1 40  ? -3.766  2.769   -3.578  1.00 15.22 ? 40  LEU A CD1 1 
ATOM   284  C  CD2 . LEU A 1 40  ? -1.397  1.996   -3.593  1.00 15.34 ? 40  LEU A CD2 1 
ATOM   285  N  N   . LEU A 1 41  ? -0.498  3.009   -7.934  1.00 14.00 ? 41  LEU A N   1 
ATOM   286  C  CA  . LEU A 1 41  ? -0.664  2.760   -9.371  1.00 12.92 ? 41  LEU A CA  1 
ATOM   287  C  C   . LEU A 1 41  ? -1.018  1.289   -9.563  1.00 13.12 ? 41  LEU A C   1 
ATOM   288  O  O   . LEU A 1 41  ? -0.436  0.397   -8.911  1.00 15.20 ? 41  LEU A O   1 
ATOM   289  C  CB  . LEU A 1 41  ? 0.613   3.183   -10.127 1.00 14.59 ? 41  LEU A CB  1 
ATOM   290  C  CG  . LEU A 1 41  ? 0.586   3.028   -11.666 1.00 14.41 ? 41  LEU A CG  1 
ATOM   291  C  CD1 . LEU A 1 41  ? 1.484   4.046   -12.344 1.00 13.42 ? 41  LEU A CD1 1 
ATOM   292  C  CD2 . LEU A 1 41  ? 1.039   1.637   -12.057 1.00 14.86 ? 41  LEU A CD2 1 
ATOM   293  N  N   . VAL A 1 42  ? -1.946  1.091   -10.476 1.00 14.96 ? 42  VAL A N   1 
ATOM   294  C  CA  . VAL A 1 42  ? -2.397  -0.250  -10.871 1.00 17.30 ? 42  VAL A CA  1 
ATOM   295  C  C   . VAL A 1 42  ? -2.138  -0.412  -12.369 1.00 18.11 ? 42  VAL A C   1 
ATOM   296  O  O   . VAL A 1 42  ? -2.565  0.447   -13.135 1.00 18.18 ? 42  VAL A O   1 
ATOM   297  C  CB  . VAL A 1 42  ? -3.860  -0.495  -10.504 1.00 18.41 ? 42  VAL A CB  1 
ATOM   298  C  CG1 . VAL A 1 42  ? -4.263  -1.895  -10.899 1.00 18.35 ? 42  VAL A CG1 1 
ATOM   299  C  CG2 . VAL A 1 42  ? -4.109  -0.261  -9.019  1.00 16.67 ? 42  VAL A CG2 1 
ATOM   300  N  N   . SER A 1 43  ? -1.502  -1.513  -12.715 1.00 16.88 ? 43  SER A N   1 
ATOM   301  C  CA  . SER A 1 43  ? -1.259  -1.923  -14.116 1.00 17.68 ? 43  SER A CA  1 
ATOM   302  C  C   . SER A 1 43  ? -1.890  -3.303  -14.347 1.00 21.90 ? 43  SER A C   1 
ATOM   303  O  O   . SER A 1 43  ? -2.144  -4.081  -13.387 1.00 21.50 ? 43  SER A O   1 
ATOM   304  C  CB  . SER A 1 43  ? 0.208   -1.901  -14.428 1.00 17.30 ? 43  SER A CB  1 
ATOM   305  O  OG  . SER A 1 43  ? 0.956   -2.779  -13.627 1.00 17.70 ? 43  SER A OG  1 
ATOM   306  N  N   . SER A 1 44  ? -2.051  -3.637  -15.621 1.00 20.48 ? 44  SER A N   1 
ATOM   307  C  CA  . SER A 1 44  ? -2.627  -4.927  -16.106 1.00 23.03 ? 44  SER A CA  1 
ATOM   308  C  C   . SER A 1 44  ? -1.560  -6.008  -16.195 1.00 24.10 ? 44  SER A C   1 
ATOM   309  O  O   . SER A 1 44  ? -0.384  -5.670  -16.508 1.00 27.13 ? 44  SER A O   1 
ATOM   310  C  CB  . SER A 1 44  ? -3.228  -4.711  -17.445 1.00 25.32 ? 44  SER A CB  1 
ATOM   311  O  OG  . SER A 1 44  ? -2.168  -4.494  -18.384 1.00 27.16 ? 44  SER A OG  1 
ATOM   312  N  N   . THR A 1 45  ? -1.928  -7.270  -15.911 1.00 27.45 ? 45  THR A N   1 
ATOM   313  C  CA  . THR A 1 45  ? -1.027  -8.445  -15.907 1.00 30.23 ? 45  THR A CA  1 
ATOM   314  C  C   . THR A 1 45  ? -1.540  -9.489  -16.919 1.00 32.75 ? 45  THR A C   1 
ATOM   315  O  O   . THR A 1 45  ? -2.730  -9.482  -17.246 1.00 32.10 ? 45  THR A O   1 
ATOM   316  C  CB  . THR A 1 45  ? -0.945  -9.110  -14.528 1.00 30.90 ? 45  THR A CB  1 
ATOM   317  O  OG1 . THR A 1 45  ? -2.255  -9.610  -14.250 1.00 31.71 ? 45  THR A OG1 1 
ATOM   318  C  CG2 . THR A 1 45  ? -0.516  -8.153  -13.435 1.00 28.07 ? 45  THR A CG2 1 
ATOM   319  N  N   . THR A 1 46  ? -0.691  -10.426 -17.319 1.00 39.35 ? 46  THR A N   1 
ATOM   320  C  CA  . THR A 1 46  ? -1.126  -11.522 -18.223 1.00 40.28 ? 46  THR A CA  1 
ATOM   321  C  C   . THR A 1 46  ? -1.618  -12.689 -17.347 1.00 39.71 ? 46  THR A C   1 
ATOM   322  O  O   . THR A 1 46  ? -2.743  -13.152 -17.567 1.00 44.02 ? 46  THR A O   1 
ATOM   323  C  CB  . THR A 1 46  ? -0.037  -11.783 -19.272 1.00 37.25 ? 46  THR A CB  1 
ATOM   324  O  OG1 . THR A 1 46  ? 1.205   -12.084 -18.641 1.00 42.51 ? 46  THR A OG1 1 
ATOM   325  C  CG2 . THR A 1 46  ? 0.181   -10.585 -20.168 1.00 39.95 ? 46  THR A CG2 1 
ATOM   326  N  N   . ALA A 1 47  ? -0.846  -13.095 -16.340 1.00 42.68 ? 47  ALA A N   1 
ATOM   327  C  CA  . ALA A 1 47  ? -1.209  -14.194 -15.410 1.00 41.94 ? 47  ALA A CA  1 
ATOM   328  C  C   . ALA A 1 47  ? -2.080  -13.649 -14.270 1.00 42.61 ? 47  ALA A C   1 
ATOM   329  O  O   . ALA A 1 47  ? -1.919  -12.455 -13.890 1.00 37.83 ? 47  ALA A O   1 
ATOM   330  C  CB  . ALA A 1 47  ? 0.041   -14.855 -14.888 1.00 42.56 ? 47  ALA A CB  1 
ATOM   331  N  N   . GLN A 1 48  ? -2.969  -14.492 -13.738 1.00 37.74 ? 48  GLN A N   1 
ATOM   332  C  CA  . GLN A 1 48  ? -3.781  -14.166 -12.537 1.00 35.41 ? 48  GLN A CA  1 
ATOM   333  C  C   . GLN A 1 48  ? -2.930  -14.268 -11.266 1.00 31.53 ? 48  GLN A C   1 
ATOM   334  O  O   . GLN A 1 48  ? -1.993  -15.117 -11.198 1.00 33.80 ? 48  GLN A O   1 
ATOM   335  C  CB  . GLN A 1 48  ? -5.013  -15.057 -12.465 1.00 38.55 ? 48  GLN A CB  1 
ATOM   336  C  CG  . GLN A 1 48  ? -6.005  -14.701 -13.550 1.00 41.00 ? 48  GLN A CG  1 
ATOM   337  C  CD  . GLN A 1 48  ? -7.383  -15.201 -13.220 1.00 50.43 ? 48  GLN A CD  1 
ATOM   338  O  OE1 . GLN A 1 48  ? -7.650  -16.397 -13.276 1.00 56.68 ? 48  GLN A OE1 1 
ATOM   339  N  NE2 . GLN A 1 48  ? -8.264  -14.280 -12.856 1.00 57.30 ? 48  GLN A NE2 1 
ATOM   340  N  N   . GLY A 1 49  ? -3.244  -13.407 -10.290 1.00 32.04 ? 49  GLY A N   1 
ATOM   341  C  CA  . GLY A 1 49  ? -2.464  -13.273 -9.047  1.00 31.52 ? 49  GLY A CA  1 
ATOM   342  C  C   . GLY A 1 49  ? -3.091  -14.009 -7.874  1.00 28.41 ? 49  GLY A C   1 
ATOM   343  O  O   . GLY A 1 49  ? -4.327  -14.256 -7.938  1.00 31.36 ? 49  GLY A O   1 
ATOM   344  N  N   . CYS A 1 50  ? -2.272  -14.257 -6.839  1.00 27.85 ? 50  CYS A N   1 
ATOM   345  C  CA  . CYS A 1 50  ? -2.551  -15.130 -5.664  1.00 27.06 ? 50  CYS A CA  1 
ATOM   346  C  C   . CYS A 1 50  ? -3.262  -14.338 -4.551  1.00 28.66 ? 50  CYS A C   1 
ATOM   347  O  O   . CYS A 1 50  ? -3.744  -15.000 -3.619  1.00 26.84 ? 50  CYS A O   1 
ATOM   348  C  CB  . CYS A 1 50  ? -1.281  -15.767 -5.070  1.00 29.25 ? 50  CYS A CB  1 
ATOM   349  S  SG  . CYS A 1 50  ? -0.475  -17.121 -6.007  1.00 34.16 ? 50  CYS A SG  1 
ATOM   350  N  N   . ASP A 1 51  ? -3.348  -13.003 -4.622  1.00 26.01 ? 51  ASP A N   1 
ATOM   351  C  CA  . ASP A 1 51  ? -3.841  -12.208 -3.464  1.00 22.37 ? 51  ASP A CA  1 
ATOM   352  C  C   . ASP A 1 51  ? -5.340  -11.936 -3.510  1.00 22.76 ? 51  ASP A C   1 
ATOM   353  O  O   . ASP A 1 51  ? -5.917  -11.763 -4.562  1.00 24.77 ? 51  ASP A O   1 
ATOM   354  C  CB  . ASP A 1 51  ? -3.084  -10.880 -3.264  1.00 22.10 ? 51  ASP A CB  1 
ATOM   355  C  CG  . ASP A 1 51  ? -1.596  -11.043 -3.084  1.00 21.97 ? 51  ASP A CG  1 
ATOM   356  O  OD1 . ASP A 1 51  ? -1.159  -11.903 -2.277  1.00 28.89 ? 51  ASP A OD1 1 
ATOM   357  O  OD2 . ASP A 1 51  ? -0.856  -10.306 -3.754  1.00 26.34 ? 51  ASP A OD2 1 
ATOM   358  N  N   . THR A 1 52  ? -5.932  -11.885 -2.307  1.00 21.64 ? 52  THR A N   1 
ATOM   359  C  CA  . THR A 1 52  ? -7.320  -11.514 -1.973  1.00 20.98 ? 52  THR A CA  1 
ATOM   360  C  C   . THR A 1 52  ? -7.308  -10.169 -1.251  1.00 18.23 ? 52  THR A C   1 
ATOM   361  O  O   . THR A 1 52  ? -6.525  -10.034 -0.300  1.00 20.02 ? 52  THR A O   1 
ATOM   362  C  CB  . THR A 1 52  ? -7.979  -12.564 -1.064  1.00 20.75 ? 52  THR A CB  1 
ATOM   363  O  OG1 . THR A 1 52  ? -7.963  -13.797 -1.800  1.00 23.94 ? 52  THR A OG1 1 
ATOM   364  C  CG2 . THR A 1 52  ? -9.414  -12.225 -0.734  1.00 23.93 ? 52  THR A CG2 1 
ATOM   365  N  N   . ILE A 1 53  ? -8.150  -9.247  -1.664  1.00 17.72 ? 53  ILE A N   1 
ATOM   366  C  CA  . ILE A 1 53  ? -8.257  -7.935  -1.014  1.00 16.24 ? 53  ILE A CA  1 
ATOM   367  C  C   . ILE A 1 53  ? -9.272  -8.009  0.108   1.00 15.72 ? 53  ILE A C   1 
ATOM   368  O  O   . ILE A 1 53  ? -10.371 -8.581  -0.067  1.00 15.94 ? 53  ILE A O   1 
ATOM   369  C  CB  . ILE A 1 53  ? -8.658  -6.827  -1.987  1.00 16.59 ? 53  ILE A CB  1 
ATOM   370  C  CG1 . ILE A 1 53  ? -7.740  -6.829  -3.232  1.00 17.13 ? 53  ILE A CG1 1 
ATOM   371  C  CG2 . ILE A 1 53  ? -8.655  -5.480  -1.294  1.00 17.06 ? 53  ILE A CG2 1 
ATOM   372  C  CD1 . ILE A 1 53  ? -6.271  -6.618  -2.976  1.00 18.36 ? 53  ILE A CD1 1 
ATOM   373  N  N   . ALA A 1 54  ? -8.879  -7.535  1.264   1.00 15.19 ? 54  ALA A N   1 
ATOM   374  C  CA  . ALA A 1 54  ? -9.784  -7.391  2.407   1.00 15.35 ? 54  ALA A CA  1 
ATOM   375  C  C   . ALA A 1 54  ? -10.911 -6.394  2.080   1.00 13.56 ? 54  ALA A C   1 
ATOM   376  O  O   . ALA A 1 54  ? -10.666 -5.360  1.424   1.00 14.71 ? 54  ALA A O   1 
ATOM   377  C  CB  . ALA A 1 54  ? -8.991  -6.916  3.593   1.00 14.29 ? 54  ALA A CB  1 
ATOM   378  N  N   . ARG A 1 55  ? -12.113 -6.674  2.598   1.00 15.91 ? 55  ARG A N   1 
ATOM   379  C  CA  . ARG A 1 55  ? -13.292 -5.805  2.448   1.00 15.47 ? 55  ARG A CA  1 
ATOM   380  C  C   . ARG A 1 55  ? -13.878 -5.738  3.864   1.00 14.79 ? 55  ARG A C   1 
ATOM   381  O  O   . ARG A 1 55  ? -14.660 -6.639  4.257   1.00 17.88 ? 55  ARG A O   1 
ATOM   382  C  CB  . ARG A 1 55  ? -14.262 -6.308  1.362   1.00 18.12 ? 55  ARG A CB  1 
ATOM   383  C  CG  . ARG A 1 55  ? -13.688 -6.490  -0.039  1.00 17.96 ? 55  ARG A CG  1 
ATOM   384  C  CD  . ARG A 1 55  ? -13.224 -5.220  -0.715  1.00 17.16 ? 55  ARG A CD  1 
ATOM   385  N  NE  . ARG A 1 55  ? -12.575 -5.522  -2.010  1.00 19.88 ? 55  ARG A NE  1 
ATOM   386  C  CZ  . ARG A 1 55  ? -11.791 -4.661  -2.676  1.00 18.95 ? 55  ARG A CZ  1 
ATOM   387  N  NH1 . ARG A 1 55  ? -11.501 -3.482  -2.183  1.00 17.66 ? 55  ARG A NH1 1 
ATOM   388  N  NH2 . ARG A 1 55  ? -11.229 -5.012  -3.821  1.00 21.72 ? 55  ARG A NH2 1 
ATOM   389  N  N   . CYS A 1 56  ? -13.510 -4.704  4.584   1.00 14.68 ? 56  CYS A N   1 
ATOM   390  C  CA  . CYS A 1 56  ? -13.657 -4.693  6.048   1.00 15.12 ? 56  CYS A CA  1 
ATOM   391  C  C   . CYS A 1 56  ? -13.227 -3.333  6.579   1.00 14.62 ? 56  CYS A C   1 
ATOM   392  O  O   . CYS A 1 56  ? -12.641 -2.498  5.833   1.00 14.91 ? 56  CYS A O   1 
ATOM   393  C  CB  . CYS A 1 56  ? -12.809 -5.770  6.696   1.00 12.52 ? 56  CYS A CB  1 
ATOM   394  S  SG  . CYS A 1 56  ? -11.011 -5.422  6.573   1.00 14.94 ? 56  CYS A SG  1 
ATOM   395  N  N   A ASP A 1 57  ? -13.456 -3.046  7.872   0.25 15.88 ? 57  ASP A N   1 
ATOM   396  N  N   B ASP A 1 57  ? -13.413 -3.212  7.895   0.25 16.90 ? 57  ASP A N   1 
ATOM   397  C  CA  A ASP A 1 57  ? -12.867 -1.870  8.574   0.25 15.65 ? 57  ASP A CA  1 
ATOM   398  C  CA  B ASP A 1 57  ? -13.130 -2.037  8.744   0.25 16.30 ? 57  ASP A CA  1 
ATOM   399  C  C   A ASP A 1 57  ? -11.990 -2.346  9.747   0.25 15.25 ? 57  ASP A C   1 
ATOM   400  C  C   B ASP A 1 57  ? -12.014 -2.359  9.760   0.25 15.77 ? 57  ASP A C   1 
ATOM   401  O  O   A ASP A 1 57  ? -11.934 -1.682  10.769  0.25 16.64 ? 57  ASP A O   1 
ATOM   402  O  O   B ASP A 1 57  ? -11.825 -1.594  10.697  0.25 17.35 ? 57  ASP A O   1 
ATOM   403  C  CB  A ASP A 1 57  ? -13.929 -0.859  9.017   0.25 17.34 ? 57  ASP A CB  1 
ATOM   404  C  CB  B ASP A 1 57  ? -14.447 -1.677  9.433   0.25 18.60 ? 57  ASP A CB  1 
ATOM   405  C  CG  A ASP A 1 57  ? -14.855 -1.398  10.082  0.25 18.76 ? 57  ASP A CG  1 
ATOM   406  C  CG  B ASP A 1 57  ? -14.482 -0.270  9.982   0.25 20.62 ? 57  ASP A CG  1 
ATOM   407  O  OD1 A ASP A 1 57  ? -14.720 -2.565  10.443  0.25 17.79 ? 57  ASP A OD1 1 
ATOM   408  O  OD1 B ASP A 1 57  ? -13.855 0.612   9.381   0.25 22.79 ? 57  ASP A OD1 1 
ATOM   409  O  OD2 A ASP A 1 57  ? -15.753 -0.644  10.477  0.25 21.01 ? 57  ASP A OD2 1 
ATOM   410  O  OD2 B ASP A 1 57  ? -15.117 -0.084  11.045  0.25 21.55 ? 57  ASP A OD2 1 
ATOM   411  N  N   . CYS A 1 58  ? -11.254 -3.435  9.566   1.00 15.48 ? 58  CYS A N   1 
ATOM   412  C  CA  . CYS A 1 58  ? -10.256 -3.879  10.565  1.00 14.33 ? 58  CYS A CA  1 
ATOM   413  C  C   . CYS A 1 58  ? -9.264  -2.734  10.807  1.00 13.65 ? 58  CYS A C   1 
ATOM   414  O  O   . CYS A 1 58  ? -8.865  -1.995  9.858   1.00 14.44 ? 58  CYS A O   1 
ATOM   415  C  CB  . CYS A 1 58  ? -9.435  -5.073  10.127  1.00 16.36 ? 58  CYS A CB  1 
ATOM   416  S  SG  . CYS A 1 58  ? -10.343 -6.633  10.127  1.00 15.42 ? 58  CYS A SG  1 
ATOM   417  N  N   . GLN A 1 59  ? -8.749  -2.749  12.030  1.00 14.10 ? 59  GLN A N   1 
ATOM   418  C  CA  . GLN A 1 59  ? -7.724  -1.808  12.568  1.00 14.74 ? 59  GLN A CA  1 
ATOM   419  C  C   . GLN A 1 59  ? -6.621  -2.629  13.228  1.00 13.79 ? 59  GLN A C   1 
ATOM   420  O  O   . GLN A 1 59  ? -5.776  -2.027  13.862  1.00 14.78 ? 59  GLN A O   1 
ATOM   421  C  CB  . GLN A 1 59  ? -8.281  -0.721  13.500  1.00 18.49 ? 59  GLN A CB  1 
ATOM   422  C  CG  . GLN A 1 59  ? -8.974  0.398   12.743  1.00 18.50 ? 59  GLN A CG  1 
ATOM   423  C  CD  . GLN A 1 59  ? -9.296  1.522   13.701  1.00 19.17 ? 59  GLN A CD  1 
ATOM   424  O  OE1 . GLN A 1 59  ? -10.418 1.607   14.193  1.00 23.57 ? 59  GLN A OE1 1 
ATOM   425  N  NE2 . GLN A 1 59  ? -8.299  2.317   14.074  1.00 20.86 ? 59  GLN A NE2 1 
ATOM   426  N  N   . THR A 1 60  ? -6.595  -3.929  13.002  1.00 14.59 ? 60  THR A N   1 
ATOM   427  C  CA  . THR A 1 60  ? -5.459  -4.773  13.428  1.00 13.69 ? 60  THR A CA  1 
ATOM   428  C  C   . THR A 1 60  ? -5.067  -5.714  12.291  1.00 12.77 ? 60  THR A C   1 
ATOM   429  O  O   . THR A 1 60  ? -5.932  -6.175  11.516  1.00 13.82 ? 60  THR A O   1 
ATOM   430  C  CB  . THR A 1 60  ? -5.716  -5.566  14.705  1.00 15.84 ? 60  THR A CB  1 
ATOM   431  O  OG1 . THR A 1 60  ? -6.702  -6.519  14.417  1.00 21.81 ? 60  THR A OG1 1 
ATOM   432  C  CG2 . THR A 1 60  ? -6.073  -4.674  15.863  1.00 17.96 ? 60  THR A CG2 1 
ATOM   433  N  N   . GLY A 1 61  ? -3.764  -5.934  12.132  1.00 12.48 ? 61  GLY A N   1 
ATOM   434  C  CA  . GLY A 1 61  ? -3.254  -6.803  11.087  1.00 12.31 ? 61  GLY A CA  1 
ATOM   435  C  C   . GLY A 1 61  ? -1.769  -7.061  11.274  1.00 12.54 ? 61  GLY A C   1 
ATOM   436  O  O   . GLY A 1 61  ? -1.248  -6.850  12.387  1.00 12.24 ? 61  GLY A O   1 
ATOM   437  N  N   . VAL A 1 62  ? -1.155  -7.490  10.217  1.00 10.86 ? 62  VAL A N   1 
ATOM   438  C  CA  . VAL A 1 62  ? 0.280   -7.881  10.224  1.00 11.25 ? 62  VAL A CA  1 
ATOM   439  C  C   . VAL A 1 62  ? 0.895   -7.304  8.970   1.00 11.46 ? 62  VAL A C   1 
ATOM   440  O  O   . VAL A 1 62  ? 0.324   -7.465  7.886   1.00 12.61 ? 62  VAL A O   1 
ATOM   441  C  CB  . VAL A 1 62  ? 0.465   -9.404  10.294  1.00 12.09 ? 62  VAL A CB  1 
ATOM   442  C  CG1 . VAL A 1 62  ? 1.938   -9.756  10.146  1.00 14.11 ? 62  VAL A CG1 1 
ATOM   443  C  CG2 . VAL A 1 62  ? -0.120  -9.967  11.570  1.00 12.25 ? 62  VAL A CG2 1 
ATOM   444  N  N   . TYR A 1 63  ? 2.060   -6.658  9.089   1.00 12.59 ? 63  TYR A N   1 
ATOM   445  C  CA  . TYR A 1 63  ? 2.737   -6.129  7.891   1.00 11.46 ? 63  TYR A CA  1 
ATOM   446  C  C   . TYR A 1 63  ? 4.161   -6.678  7.727   1.00 11.99 ? 63  TYR A C   1 
ATOM   447  O  O   . TYR A 1 63  ? 4.805   -7.008  8.745   1.00 13.14 ? 63  TYR A O   1 
ATOM   448  C  CB  . TYR A 1 63  ? 2.791   -4.599  7.825   1.00 11.93 ? 63  TYR A CB  1 
ATOM   449  C  CG  . TYR A 1 63  ? 3.914   -3.925  8.602   1.00 12.02 ? 63  TYR A CG  1 
ATOM   450  C  CD1 . TYR A 1 63  ? 3.854   -3.793  9.976   1.00 13.00 ? 63  TYR A CD1 1 
ATOM   451  C  CD2 . TYR A 1 63  ? 5.036   -3.437  7.954   1.00 12.44 ? 63  TYR A CD2 1 
ATOM   452  C  CE1 . TYR A 1 63  ? 4.861   -3.160  10.693  1.00 15.65 ? 63  TYR A CE1 1 
ATOM   453  C  CE2 . TYR A 1 63  ? 6.029   -2.777  8.629   1.00 14.05 ? 63  TYR A CE2 1 
ATOM   454  C  CZ  . TYR A 1 63  ? 5.976   -2.714  10.011  1.00 12.82 ? 63  TYR A CZ  1 
ATOM   455  O  OH  . TYR A 1 63  ? 6.928   -2.058  10.761  1.00 15.69 ? 63  TYR A OH  1 
ATOM   456  N  N   . TYR A 1 64  ? 4.602   -6.762  6.523   1.00 12.58 ? 64  TYR A N   1 
ATOM   457  C  CA  . TYR A 1 64  ? 5.980   -7.152  6.193   1.00 12.88 ? 64  TYR A CA  1 
ATOM   458  C  C   . TYR A 1 64  ? 6.890   -5.934  6.131   1.00 13.17 ? 64  TYR A C   1 
ATOM   459  O  O   . TYR A 1 64  ? 6.670   -5.020  5.369   1.00 13.31 ? 64  TYR A O   1 
ATOM   460  C  CB  . TYR A 1 64  ? 6.046   -7.955  4.908   1.00 14.15 ? 64  TYR A CB  1 
ATOM   461  C  CG  . TYR A 1 64  ? 7.443   -8.413  4.647   1.00 15.15 ? 64  TYR A CG  1 
ATOM   462  C  CD1 . TYR A 1 64  ? 8.055   -9.298  5.523   1.00 15.91 ? 64  TYR A CD1 1 
ATOM   463  C  CD2 . TYR A 1 64  ? 8.127   -8.007  3.511   1.00 15.04 ? 64  TYR A CD2 1 
ATOM   464  C  CE1 . TYR A 1 64  ? 9.369   -9.692  5.314   1.00 17.73 ? 64  TYR A CE1 1 
ATOM   465  C  CE2 . TYR A 1 64  ? 9.443   -8.382  3.296   1.00 17.70 ? 64  TYR A CE2 1 
ATOM   466  C  CZ  . TYR A 1 64  ? 10.039  -9.255  4.184   1.00 17.99 ? 64  TYR A CZ  1 
ATOM   467  O  OH  . TYR A 1 64  ? 11.351  -9.685  4.026   1.00 21.03 ? 64  TYR A OH  1 
ATOM   468  N  N   . CYS A 1 65  ? 7.976   -6.057  6.869   1.00 13.80 ? 65  CYS A N   1 
ATOM   469  C  CA  . CYS A 1 65  ? 9.066   -5.070  6.974   1.00 13.40 ? 65  CYS A CA  1 
ATOM   470  C  C   . CYS A 1 65  ? 10.343  -5.638  6.352   1.00 13.45 ? 65  CYS A C   1 
ATOM   471  O  O   . CYS A 1 65  ? 11.103  -6.337  7.097   1.00 15.22 ? 65  CYS A O   1 
ATOM   472  C  CB  . CYS A 1 65  ? 9.274   -4.691  8.422   1.00 12.57 ? 65  CYS A CB  1 
ATOM   473  S  SG  . CYS A 1 65  ? 10.591  -3.478  8.643   1.00 15.38 ? 65  CYS A SG  1 
ATOM   474  N  N   . SER A 1 66  ? 10.665  -5.274  5.110   1.00 14.07 ? 66  SER A N   1 
ATOM   475  C  CA  . SER A 1 66  ? 11.859  -5.847  4.426   1.00 16.13 ? 66  SER A CA  1 
ATOM   476  C  C   . SER A 1 66  ? 13.141  -5.449  5.162   1.00 14.33 ? 66  SER A C   1 
ATOM   477  O  O   . SER A 1 66  ? 14.079  -6.327  5.177   1.00 16.93 ? 66  SER A O   1 
ATOM   478  C  CB  . SER A 1 66  ? 11.919  -5.498  2.954   1.00 17.21 ? 66  SER A CB  1 
ATOM   479  O  OG  . SER A 1 66  ? 12.028  -4.118  2.730   1.00 23.28 ? 66  SER A OG  1 
ATOM   480  N  N   . SER A 1 67  ? 13.205  -4.265  5.741   1.00 14.31 ? 67  SER A N   1 
ATOM   481  C  CA  . SER A 1 67  ? 14.445  -3.794  6.410   1.00 15.16 ? 67  SER A CA  1 
ATOM   482  C  C   . SER A 1 67  ? 14.699  -4.553  7.710   1.00 16.86 ? 67  SER A C   1 
ATOM   483  O  O   . SER A 1 67  ? 15.729  -4.222  8.362   1.00 16.93 ? 67  SER A O   1 
ATOM   484  C  CB  . SER A 1 67  ? 14.436  -2.324  6.577   1.00 15.09 ? 67  SER A CB  1 
ATOM   485  O  OG  . SER A 1 67  ? 13.400  -1.865  7.462   1.00 16.11 ? 67  SER A OG  1 
ATOM   486  N  N   . ARG A 1 68  ? 13.796  -5.474  8.127   1.00 15.36 ? 68  ARG A N   1 
ATOM   487  C  CA  . ARG A 1 68  ? 13.963  -6.327  9.321   1.00 15.18 ? 68  ARG A CA  1 
ATOM   488  C  C   . ARG A 1 68  ? 13.848  -7.790  8.932   1.00 15.53 ? 68  ARG A C   1 
ATOM   489  O  O   . ARG A 1 68  ? 13.997  -8.615  9.848   1.00 17.87 ? 68  ARG A O   1 
ATOM   490  C  CB  . ARG A 1 68  ? 12.944  -5.938  10.395  1.00 15.55 ? 68  ARG A CB  1 
ATOM   491  C  CG  . ARG A 1 68  ? 13.141  -4.547  10.932  1.00 15.91 ? 68  ARG A CG  1 
ATOM   492  C  CD  . ARG A 1 68  ? 14.366  -4.477  11.868  1.00 17.23 ? 68  ARG A CD  1 
ATOM   493  N  NE  . ARG A 1 68  ? 14.577  -3.162  12.396  1.00 16.74 ? 68  ARG A NE  1 
ATOM   494  C  CZ  . ARG A 1 68  ? 15.318  -2.194  11.874  1.00 16.77 ? 68  ARG A CZ  1 
ATOM   495  N  NH1 . ARG A 1 68  ? 15.910  -2.424  10.713  1.00 16.84 ? 68  ARG A NH1 1 
ATOM   496  N  NH2 . ARG A 1 68  ? 15.410  -1.015  12.475  1.00 18.28 ? 68  ARG A NH2 1 
ATOM   497  N  N   . ARG A 1 69  ? 13.476  -8.091  7.700   1.00 15.87 ? 69  ARG A N   1 
ATOM   498  C  CA  . ARG A 1 69  ? 13.102  -9.442  7.263   1.00 16.35 ? 69  ARG A CA  1 
ATOM   499  C  C   . ARG A 1 69  ? 12.111  -9.993  8.273   1.00 17.63 ? 69  ARG A C   1 
ATOM   500  O  O   . ARG A 1 69  ? 12.227  -11.182 8.630   1.00 20.38 ? 69  ARG A O   1 
ATOM   501  C  CB  . ARG A 1 69  ? 14.328  -10.351 7.087   1.00 18.81 ? 69  ARG A CB  1 
ATOM   502  C  CG  . ARG A 1 69  ? 15.267  -9.910  5.982   1.00 19.90 ? 69  ARG A CG  1 
ATOM   503  C  CD  . ARG A 1 69  ? 16.367  -10.959 5.853   1.00 19.57 ? 69  ARG A CD  1 
ATOM   504  N  NE  . ARG A 1 69  ? 17.385  -10.603 4.826   1.00 21.82 ? 69  ARG A NE  1 
ATOM   505  C  CZ  . ARG A 1 69  ? 18.701  -10.359 5.038   1.00 21.80 ? 69  ARG A CZ  1 
ATOM   506  N  NH1 . ARG A 1 69  ? 19.197  -10.259 6.271   1.00 22.76 ? 69  ARG A NH1 1 
ATOM   507  N  NH2 . ARG A 1 69  ? 19.480  -10.029 4.002   1.00 25.61 ? 69  ARG A NH2 1 
ATOM   508  N  N   . LYS A 1 70  ? 11.070  -9.218  8.645   1.00 17.85 ? 70  LYS A N   1 
ATOM   509  C  CA  . LYS A 1 70  ? 10.117  -9.656  9.699   1.00 17.86 ? 70  LYS A CA  1 
ATOM   510  C  C   . LYS A 1 70  ? 8.722   -9.179  9.351   1.00 16.57 ? 70  LYS A C   1 
ATOM   511  O  O   . LYS A 1 70  ? 8.602   -8.114  8.743   1.00 17.49 ? 70  LYS A O   1 
ATOM   512  C  CB  . LYS A 1 70  ? 10.485  -9.152  11.100  1.00 20.74 ? 70  LYS A CB  1 
ATOM   513  C  CG  . LYS A 1 70  ? 11.636  -9.900  11.777  1.00 27.91 ? 70  LYS A CG  1 
ATOM   514  C  CD  . LYS A 1 70  ? 11.641  -9.797  13.286  1.00 36.14 ? 70  LYS A CD  1 
ATOM   515  C  CE  . LYS A 1 70  ? 12.763  -10.592 13.926  1.00 42.16 ? 70  LYS A CE  1 
ATOM   516  N  NZ  . LYS A 1 70  ? 14.078  -10.294 13.308  1.00 50.26 ? 70  LYS A NZ  1 
ATOM   517  N  N   . HIS A 1 71  ? 7.768   -9.970  9.776   1.00 15.67 ? 71  HIS A N   1 
ATOM   518  C  CA  . HIS A 1 71  ? 6.345   -9.571  9.846   1.00 15.91 ? 71  HIS A CA  1 
ATOM   519  C  C   . HIS A 1 71  ? 6.045   -9.123  11.255  1.00 16.93 ? 71  HIS A C   1 
ATOM   520  O  O   . HIS A 1 71  ? 6.423   -9.837  12.226  1.00 19.34 ? 71  HIS A O   1 
ATOM   521  C  CB  . HIS A 1 71  ? 5.441   -10.687 9.372   1.00 15.97 ? 71  HIS A CB  1 
ATOM   522  C  CG  . HIS A 1 71  ? 5.603   -11.120 7.960   1.00 15.34 ? 71  HIS A CG  1 
ATOM   523  N  ND1 . HIS A 1 71  ? 4.754   -10.774 6.890   1.00 16.55 ? 71  HIS A ND1 1 
ATOM   524  C  CD2 . HIS A 1 71  ? 6.570   -11.879 7.407   1.00 18.91 ? 71  HIS A CD2 1 
ATOM   525  C  CE1 . HIS A 1 71  ? 5.185   -11.347 5.781   1.00 16.00 ? 71  HIS A CE1 1 
ATOM   526  N  NE2 . HIS A 1 71  ? 6.271   -12.052 6.080   1.00 20.40 ? 71  HIS A NE2 1 
ATOM   527  N  N   . TYR A 1 72  ? 5.342   -8.012  11.410  1.00 13.78 ? 72  TYR A N   1 
ATOM   528  C  CA  . TYR A 1 72  ? 4.970   -7.448  12.708  1.00 14.32 ? 72  TYR A CA  1 
ATOM   529  C  C   . TYR A 1 72  ? 3.461   -7.295  12.835  1.00 13.44 ? 72  TYR A C   1 
ATOM   530  O  O   . TYR A 1 72  ? 2.830   -6.704  11.938  1.00 14.39 ? 72  TYR A O   1 
ATOM   531  C  CB  . TYR A 1 72  ? 5.581   -6.056  12.977  1.00 15.87 ? 72  TYR A CB  1 
ATOM   532  C  CG  . TYR A 1 72  ? 7.088   -6.034  13.032  1.00 17.09 ? 72  TYR A CG  1 
ATOM   533  C  CD1 . TYR A 1 72  ? 7.746   -6.383  14.211  1.00 18.91 ? 72  TYR A CD1 1 
ATOM   534  C  CD2 . TYR A 1 72  ? 7.866   -5.634  11.958  1.00 17.50 ? 72  TYR A CD2 1 
ATOM   535  C  CE1 . TYR A 1 72  ? 9.139   -6.400  14.285  1.00 19.04 ? 72  TYR A CE1 1 
ATOM   536  C  CE2 . TYR A 1 72  ? 9.262   -5.603  12.027  1.00 18.00 ? 72  TYR A CE2 1 
ATOM   537  C  CZ  . TYR A 1 72  ? 9.885   -5.986  13.197  1.00 20.69 ? 72  TYR A CZ  1 
ATOM   538  O  OH  . TYR A 1 72  ? 11.259  -5.992  13.233  1.00 19.98 ? 72  TYR A OH  1 
ATOM   539  N  N   . PRO A 1 73  ? 2.872   -7.678  13.979  1.00 13.31 ? 73  PRO A N   1 
ATOM   540  C  CA  . PRO A 1 73  ? 1.457   -7.424  14.202  1.00 13.99 ? 73  PRO A CA  1 
ATOM   541  C  C   . PRO A 1 73  ? 1.351   -5.957  14.627  1.00 14.19 ? 73  PRO A C   1 
ATOM   542  O  O   . PRO A 1 73  ? 2.120   -5.473  15.486  1.00 16.94 ? 73  PRO A O   1 
ATOM   543  C  CB  . PRO A 1 73  ? 1.089   -8.373  15.360  1.00 14.41 ? 73  PRO A CB  1 
ATOM   544  C  CG  . PRO A 1 73  ? 2.401   -8.625  16.073  1.00 17.04 ? 73  PRO A CG  1 
ATOM   545  C  CD  . PRO A 1 73  ? 3.502   -8.493  15.037  1.00 15.44 ? 73  PRO A CD  1 
ATOM   546  N  N   . VAL A 1 74  ? 0.385   -5.212  14.079  1.00 12.75 ? 74  VAL A N   1 
ATOM   547  C  CA  . VAL A 1 74  ? 0.155   -3.780  14.384  1.00 13.26 ? 74  VAL A CA  1 
ATOM   548  C  C   . VAL A 1 74  ? -1.332  -3.493  14.523  1.00 13.79 ? 74  VAL A C   1 
ATOM   549  O  O   . VAL A 1 74  ? -2.187  -4.146  13.883  1.00 14.06 ? 74  VAL A O   1 
ATOM   550  C  CB  . VAL A 1 74  ? 0.777   -2.873  13.331  1.00 15.44 ? 74  VAL A CB  1 
ATOM   551  C  CG1 . VAL A 1 74  ? 2.284   -2.917  13.419  1.00 15.48 ? 74  VAL A CG1 1 
ATOM   552  C  CG2 . VAL A 1 74  ? 0.291   -3.233  11.952  1.00 17.07 ? 74  VAL A CG2 1 
ATOM   553  N  N   . SER A 1 75  ? -1.598  -2.435  15.254  1.00 13.31 ? 75  SER A N   1 
ATOM   554  C  CA  . SER A 1 75  ? -2.868  -1.684  15.261  1.00 14.36 ? 75  SER A CA  1 
ATOM   555  C  C   . SER A 1 75  ? -2.666  -0.450  14.374  1.00 15.35 ? 75  SER A C   1 
ATOM   556  O  O   . SER A 1 75  ? -1.588  0.122   14.359  1.00 13.34 ? 75  SER A O   1 
ATOM   557  C  CB  . SER A 1 75  ? -3.233  -1.273  16.640  1.00 17.06 ? 75  SER A CB  1 
ATOM   558  O  OG  . SER A 1 75  ? -3.415  -2.363  17.504  1.00 22.83 ? 75  SER A OG  1 
ATOM   559  N  N   . PHE A 1 76  ? -3.663  -0.120  13.561  1.00 13.66 ? 76  PHE A N   1 
ATOM   560  C  CA  . PHE A 1 76  ? -3.509  1.006   12.626  1.00 13.56 ? 76  PHE A CA  1 
ATOM   561  C  C   . PHE A 1 76  ? -4.755  1.848   12.562  1.00 13.99 ? 76  PHE A C   1 
ATOM   562  O  O   . PHE A 1 76  ? -5.867  1.371   12.809  1.00 15.11 ? 76  PHE A O   1 
ATOM   563  C  CB  . PHE A 1 76  ? -3.063  0.511   11.235  1.00 12.32 ? 76  PHE A CB  1 
ATOM   564  C  CG  . PHE A 1 76  ? -3.918  -0.571  10.606  1.00 11.70 ? 76  PHE A CG  1 
ATOM   565  C  CD1 . PHE A 1 76  ? -3.697  -1.898  10.827  1.00 12.04 ? 76  PHE A CD1 1 
ATOM   566  C  CD2 . PHE A 1 76  ? -4.977  -0.234  9.755   1.00 12.57 ? 76  PHE A CD2 1 
ATOM   567  C  CE1 . PHE A 1 76  ? -4.500  -2.894  10.296  1.00 12.92 ? 76  PHE A CE1 1 
ATOM   568  C  CE2 . PHE A 1 76  ? -5.788  -1.218  9.246   1.00 13.49 ? 76  PHE A CE2 1 
ATOM   569  C  CZ  . PHE A 1 76  ? -5.533  -2.544  9.487   1.00 13.22 ? 76  PHE A CZ  1 
ATOM   570  N  N   . SER A 1 77  ? -4.518  3.131   12.273  1.00 14.16 ? 77  SER A N   1 
ATOM   571  C  CA  . SER A 1 77  ? -5.637  4.098   12.083  1.00 15.12 ? 77  SER A CA  1 
ATOM   572  C  C   . SER A 1 77  ? -6.423  3.855   10.802  1.00 17.27 ? 77  SER A C   1 
ATOM   573  O  O   . SER A 1 77  ? -5.945  3.240   9.917   1.00 16.49 ? 77  SER A O   1 
ATOM   574  C  CB  . SER A 1 77  ? -5.054  5.469   12.138  1.00 16.29 ? 77  SER A CB  1 
ATOM   575  O  OG  . SER A 1 77  ? -4.212  5.766   11.042  1.00 17.60 ? 77  SER A OG  1 
ATOM   576  N  N   . LYS A 1 78  ? -7.664  4.329   10.767  1.00 16.23 ? 78  LYS A N   1 
ATOM   577  C  CA  . LYS A 1 78  ? -8.527  4.227   9.551   1.00 16.34 ? 78  LYS A CA  1 
ATOM   578  C  C   . LYS A 1 78  ? -7.967  5.153   8.482   1.00 17.54 ? 78  LYS A C   1 
ATOM   579  O  O   . LYS A 1 78  ? -7.307  6.131   8.770   1.00 17.97 ? 78  LYS A O   1 
ATOM   580  C  CB  . LYS A 1 78  ? -9.983  4.538   9.901   1.00 18.39 ? 78  LYS A CB  1 
ATOM   581  C  CG  . LYS A 1 78  ? -10.629 3.541   10.848  1.00 19.09 ? 78  LYS A CG  1 
ATOM   582  C  CD  . LYS A 1 78  ? -12.075 3.860   11.183  1.00 22.20 ? 78  LYS A CD  1 
ATOM   583  C  CE  . LYS A 1 78  ? -12.744 2.690   11.863  1.00 27.75 ? 78  LYS A CE  1 
ATOM   584  N  NZ  . LYS A 1 78  ? -14.207 2.881   11.997  1.00 31.51 ? 78  LYS A NZ  1 
ATOM   585  N  N   . PRO A 1 79  ? -8.131  4.775   7.198   1.00 16.36 ? 79  PRO A N   1 
ATOM   586  C  CA  . PRO A 1 79  ? -7.581  5.560   6.087   1.00 16.88 ? 79  PRO A CA  1 
ATOM   587  C  C   . PRO A 1 79  ? -8.050  7.022   6.192   1.00 16.37 ? 79  PRO A C   1 
ATOM   588  O  O   . PRO A 1 79  ? -9.255  7.259   6.343   1.00 20.76 ? 79  PRO A O   1 
ATOM   589  C  CB  . PRO A 1 79  ? -8.161  4.890   4.832   1.00 18.22 ? 79  PRO A CB  1 
ATOM   590  C  CG  . PRO A 1 79  ? -8.566  3.551   5.272   1.00 19.23 ? 79  PRO A CG  1 
ATOM   591  C  CD  . PRO A 1 79  ? -8.863  3.589   6.758   1.00 16.68 ? 79  PRO A CD  1 
ATOM   592  N  N   A SER A 1 80  ? -7.105  7.956   6.134   0.25 18.51 ? 80  SER A N   1 
ATOM   593  N  N   B SER A 1 80  ? -7.142  7.963   6.034   0.25 18.53 ? 80  SER A N   1 
ATOM   594  C  CA  A SER A 1 80  ? -7.350  9.416   6.301   0.25 21.30 ? 80  SER A CA  1 
ATOM   595  C  CA  B SER A 1 80  ? -7.476  9.405   6.129   0.25 21.15 ? 80  SER A CA  1 
ATOM   596  C  C   A SER A 1 80  ? -6.389  10.240  5.444   0.25 22.36 ? 80  SER A C   1 
ATOM   597  C  C   B SER A 1 80  ? -6.459  10.232  5.357   0.25 22.51 ? 80  SER A C   1 
ATOM   598  O  O   A SER A 1 80  ? -5.391  9.702   4.923   0.25 20.15 ? 80  SER A O   1 
ATOM   599  O  O   B SER A 1 80  ? -5.535  9.659   4.770   0.25 20.80 ? 80  SER A O   1 
ATOM   600  C  CB  A SER A 1 80  ? -7.201  9.858   7.752   0.25 23.47 ? 80  SER A CB  1 
ATOM   601  C  CB  B SER A 1 80  ? -7.523  9.840   7.579   0.25 23.89 ? 80  SER A CB  1 
ATOM   602  O  OG  A SER A 1 80  ? -7.351  8.776   8.657   0.25 26.92 ? 80  SER A OG  1 
ATOM   603  O  OG  B SER A 1 80  ? -8.487  9.083   8.285   0.25 28.26 ? 80  SER A OG  1 
ATOM   604  N  N   . LEU A 1 81  ? -6.636  11.551  5.404   1.00 21.21 ? 81  LEU A N   1 
ATOM   605  C  CA  . LEU A 1 81  ? -5.763  12.514  4.719   1.00 24.43 ? 81  LEU A CA  1 
ATOM   606  C  C   . LEU A 1 81  ? -4.781  13.024  5.753   1.00 23.33 ? 81  LEU A C   1 
ATOM   607  O  O   . LEU A 1 81  ? -5.224  13.677  6.716   1.00 25.65 ? 81  LEU A O   1 
ATOM   608  C  CB  . LEU A 1 81  ? -6.667  13.629  4.169   1.00 25.94 ? 81  LEU A CB  1 
ATOM   609  C  CG  . LEU A 1 81  ? -5.937  14.799  3.515   1.00 31.38 ? 81  LEU A CG  1 
ATOM   610  C  CD1 . LEU A 1 81  ? -5.065  14.325  2.354   1.00 34.20 ? 81  LEU A CD1 1 
ATOM   611  C  CD2 . LEU A 1 81  ? -6.962  15.834  3.021   1.00 31.71 ? 81  LEU A CD2 1 
ATOM   612  N  N   . ILE A 1 82  ? -3.497  12.763  5.572   1.00 22.22 ? 82  ILE A N   1 
ATOM   613  C  CA  . ILE A 1 82  ? -2.461  12.939  6.603   1.00 21.58 ? 82  ILE A CA  1 
ATOM   614  C  C   . ILE A 1 82  ? -1.303  13.707  6.015   1.00 21.50 ? 82  ILE A C   1 
ATOM   615  O  O   . ILE A 1 82  ? -0.892  13.353  4.906   1.00 20.38 ? 82  ILE A O   1 
ATOM   616  C  CB  . ILE A 1 82  ? -1.948  11.560  7.084   1.00 24.33 ? 82  ILE A CB  1 
ATOM   617  C  CG1 . ILE A 1 82  ? -3.112  10.680  7.551   1.00 25.88 ? 82  ILE A CG1 1 
ATOM   618  C  CG2 . ILE A 1 82  ? -0.856  11.719  8.120   1.00 26.59 ? 82  ILE A CG2 1 
ATOM   619  C  CD1 . ILE A 1 82  ? -3.825  11.154  8.779   1.00 31.85 ? 82  ILE A CD1 1 
ATOM   620  N  N   . PHE A 1 83  ? -0.708  14.605  6.786   1.00 19.55 ? 83  PHE A N   1 
ATOM   621  C  CA  . PHE A 1 83  ? 0.550   15.259  6.405   1.00 20.27 ? 83  PHE A CA  1 
ATOM   622  C  C   . PHE A 1 83  ? 1.722   14.312  6.616   1.00 20.53 ? 83  PHE A C   1 
ATOM   623  O  O   . PHE A 1 83  ? 1.818   13.682  7.723   1.00 22.19 ? 83  PHE A O   1 
ATOM   624  C  CB  . PHE A 1 83  ? 0.746   16.568  7.169   1.00 22.98 ? 83  PHE A CB  1 
ATOM   625  C  CG  . PHE A 1 83  ? 1.916   17.341  6.633   1.00 21.87 ? 83  PHE A CG  1 
ATOM   626  C  CD1 . PHE A 1 83  ? 1.772   18.056  5.464   1.00 25.94 ? 83  PHE A CD1 1 
ATOM   627  C  CD2 . PHE A 1 83  ? 3.140   17.360  7.285   1.00 26.81 ? 83  PHE A CD2 1 
ATOM   628  C  CE1 . PHE A 1 83  ? 2.825   18.804  4.959   1.00 26.91 ? 83  PHE A CE1 1 
ATOM   629  C  CE2 . PHE A 1 83  ? 4.195   18.106  6.778   1.00 28.97 ? 83  PHE A CE2 1 
ATOM   630  C  CZ  . PHE A 1 83  ? 4.033   18.811  5.608   1.00 28.34 ? 83  PHE A CZ  1 
ATOM   631  N  N   . VAL A 1 84  ? 2.526   14.111  5.567   1.00 21.28 ? 84  VAL A N   1 
ATOM   632  C  CA  . VAL A 1 84  ? 3.694   13.216  5.590   1.00 20.67 ? 84  VAL A CA  1 
ATOM   633  C  C   . VAL A 1 84  ? 4.939   14.081  5.423   1.00 19.48 ? 84  VAL A C   1 
ATOM   634  O  O   . VAL A 1 84  ? 5.020   14.828  4.410   1.00 24.65 ? 84  VAL A O   1 
ATOM   635  C  CB  . VAL A 1 84  ? 3.599   12.119  4.502   1.00 19.93 ? 84  VAL A CB  1 
ATOM   636  C  CG1 . VAL A 1 84  ? 4.782   11.170  4.592   1.00 19.92 ? 84  VAL A CG1 1 
ATOM   637  C  CG2 . VAL A 1 84  ? 2.256   11.425  4.606   1.00 21.13 ? 84  VAL A CG2 1 
ATOM   638  N  N   . GLU A 1 85  ? 5.912   13.953  6.313   1.00 22.51 ? 85  GLU A N   1 
ATOM   639  C  CA  . GLU A 1 85  ? 7.177   14.706  6.210   1.00 21.98 ? 85  GLU A CA  1 
ATOM   640  C  C   . GLU A 1 85  ? 7.966   14.186  5.009   1.00 23.99 ? 85  GLU A C   1 
ATOM   641  O  O   . GLU A 1 85  ? 7.645   13.096  4.463   1.00 24.57 ? 85  GLU A O   1 
ATOM   642  C  CB  . GLU A 1 85  ? 8.059   14.540  7.449   1.00 26.64 ? 85  GLU A CB  1 
ATOM   643  C  CG  . GLU A 1 85  ? 7.483   15.189  8.692   1.00 28.64 ? 85  GLU A CG  1 
ATOM   644  C  CD  . GLU A 1 85  ? 7.269   16.700  8.675   1.00 30.06 ? 85  GLU A CD  1 
ATOM   645  O  OE1 . GLU A 1 85  ? 7.885   17.406  7.839   1.00 30.75 ? 85  GLU A OE1 1 
ATOM   646  O  OE2 . GLU A 1 85  ? 6.445   17.159  9.485   1.00 28.98 ? 85  GLU A OE2 1 
ATOM   647  N  N   . ALA A 1 86  ? 8.991   14.922  4.621   1.00 26.16 ? 86  ALA A N   1 
ATOM   648  C  CA  . ALA A 1 86  ? 9.748   14.654  3.385   1.00 24.04 ? 86  ALA A CA  1 
ATOM   649  C  C   . ALA A 1 86  ? 10.458  13.328  3.543   1.00 27.06 ? 86  ALA A C   1 
ATOM   650  O  O   . ALA A 1 86  ? 10.965  13.015  4.651   1.00 24.81 ? 86  ALA A O   1 
ATOM   651  C  CB  . ALA A 1 86  ? 10.717  15.793  3.108   1.00 24.80 ? 86  ALA A CB  1 
ATOM   652  N  N   . SER A 1 87  ? 10.525  12.562  2.459   1.00 27.83 ? 87  SER A N   1 
ATOM   653  C  CA  . SER A 1 87  ? 11.255  11.274  2.426   1.00 25.59 ? 87  SER A CA  1 
ATOM   654  C  C   . SER A 1 87  ? 12.227  11.311  1.252   1.00 29.26 ? 87  SER A C   1 
ATOM   655  O  O   . SER A 1 87  ? 12.229  12.320  0.487   1.00 27.15 ? 87  SER A O   1 
ATOM   656  C  CB  . SER A 1 87  ? 10.288  10.137  2.285   1.00 25.41 ? 87  SER A CB  1 
ATOM   657  O  OG  . SER A 1 87  ? 9.675   10.224  0.994   1.00 22.64 ? 87  SER A OG  1 
ATOM   658  N  N   . GLU A 1 88  ? 12.988  10.228  1.066   1.00 29.47 ? 88  GLU A N   1 
ATOM   659  C  CA  . GLU A 1 88  ? 13.930  10.170  -0.083  1.00 30.91 ? 88  GLU A CA  1 
ATOM   660  C  C   . GLU A 1 88  ? 13.148  10.208  -1.407  1.00 30.69 ? 88  GLU A C   1 
ATOM   661  O  O   . GLU A 1 88  ? 13.770  10.637  -2.390  1.00 26.86 ? 88  GLU A O   1 
ATOM   662  C  CB  . GLU A 1 88  ? 14.891  8.982   0.043   1.00 31.97 ? 88  GLU A CB  1 
ATOM   663  C  CG  . GLU A 1 88  ? 14.378  7.675   -0.519  1.00 38.84 ? 88  GLU A CG  1 
ATOM   664  C  CD  . GLU A 1 88  ? 15.417  6.554   -0.538  1.00 44.03 ? 88  GLU A CD  1 
ATOM   665  O  OE1 . GLU A 1 88  ? 16.349  6.594   0.297   1.00 46.58 ? 88  GLU A OE1 1 
ATOM   666  O  OE2 . GLU A 1 88  ? 15.282  5.640   -1.386  1.00 48.30 ? 88  GLU A OE2 1 
ATOM   667  N  N   . TYR A 1 89  ? 11.837  9.885   -1.450  1.00 27.38 ? 89  TYR A N   1 
ATOM   668  C  CA  . TYR A 1 89  ? 11.085  9.728   -2.730  1.00 23.74 ? 89  TYR A CA  1 
ATOM   669  C  C   . TYR A 1 89  ? 9.937   10.731  -2.860  1.00 24.76 ? 89  TYR A C   1 
ATOM   670  O  O   . TYR A 1 89  ? 9.385   10.852  -3.998  1.00 24.23 ? 89  TYR A O   1 
ATOM   671  C  CB  . TYR A 1 89  ? 10.596  8.280   -2.896  1.00 22.41 ? 89  TYR A CB  1 
ATOM   672  C  CG  . TYR A 1 89  ? 9.865   7.716   -1.706  1.00 22.28 ? 89  TYR A CG  1 
ATOM   673  C  CD1 . TYR A 1 89  ? 10.586  7.094   -0.698  1.00 24.73 ? 89  TYR A CD1 1 
ATOM   674  C  CD2 . TYR A 1 89  ? 8.493   7.841   -1.539  1.00 22.88 ? 89  TYR A CD2 1 
ATOM   675  C  CE1 . TYR A 1 89  ? 9.970   6.590   0.437   1.00 23.56 ? 89  TYR A CE1 1 
ATOM   676  C  CE2 . TYR A 1 89  ? 7.863   7.371   -0.388  1.00 24.33 ? 89  TYR A CE2 1 
ATOM   677  C  CZ  . TYR A 1 89  ? 8.595   6.678   0.568   1.00 22.99 ? 89  TYR A CZ  1 
ATOM   678  O  OH  . TYR A 1 89  ? 8.014   6.188   1.700   1.00 22.28 ? 89  TYR A OH  1 
ATOM   679  N  N   . TYR A 1 90  ? 9.547   11.457  -1.803  1.00 24.17 ? 90  TYR A N   1 
ATOM   680  C  CA  . TYR A 1 90  ? 8.521   12.530  -1.915  1.00 21.00 ? 90  TYR A CA  1 
ATOM   681  C  C   . TYR A 1 90  ? 8.903   13.726  -1.047  1.00 24.55 ? 90  TYR A C   1 
ATOM   682  O  O   . TYR A 1 90  ? 9.514   13.587  0.012   1.00 23.75 ? 90  TYR A O   1 
ATOM   683  C  CB  . TYR A 1 90  ? 7.122   12.095  -1.461  1.00 23.07 ? 90  TYR A CB  1 
ATOM   684  C  CG  . TYR A 1 90  ? 6.342   11.217  -2.422  1.00 22.92 ? 90  TYR A CG  1 
ATOM   685  C  CD1 . TYR A 1 90  ? 6.077   11.568  -3.746  1.00 23.20 ? 90  TYR A CD1 1 
ATOM   686  C  CD2 . TYR A 1 90  ? 5.801   10.022  -1.983  1.00 23.01 ? 90  TYR A CD2 1 
ATOM   687  C  CE1 . TYR A 1 90  ? 5.309   10.760  -4.580  1.00 22.84 ? 90  TYR A CE1 1 
ATOM   688  C  CE2 . TYR A 1 90  ? 5.044   9.199   -2.818  1.00 22.53 ? 90  TYR A CE2 1 
ATOM   689  C  CZ  . TYR A 1 90  ? 4.796   9.554   -4.127  1.00 21.88 ? 90  TYR A CZ  1 
ATOM   690  O  OH  . TYR A 1 90  ? 4.006   8.754   -4.939  1.00 23.73 ? 90  TYR A OH  1 
ATOM   691  N  N   . PRO A 1 91  ? 8.460   14.939  -1.454  1.00 25.60 ? 91  PRO A N   1 
ATOM   692  C  CA  . PRO A 1 91  ? 8.550   16.113  -0.581  1.00 27.44 ? 91  PRO A CA  1 
ATOM   693  C  C   . PRO A 1 91  ? 7.585   15.933  0.594   1.00 28.68 ? 91  PRO A C   1 
ATOM   694  O  O   . PRO A 1 91  ? 6.741   15.046  0.558   1.00 24.63 ? 91  PRO A O   1 
ATOM   695  C  CB  . PRO A 1 91  ? 8.032   17.206  -1.531  1.00 25.24 ? 91  PRO A CB  1 
ATOM   696  C  CG  . PRO A 1 91  ? 6.955   16.480  -2.335  1.00 27.96 ? 91  PRO A CG  1 
ATOM   697  C  CD  . PRO A 1 91  ? 7.705   15.214  -2.697  1.00 26.13 ? 91  PRO A CD  1 
ATOM   698  N  N   . ALA A 1 92  ? 7.655   16.796  1.593   1.00 28.11 ? 92  ALA A N   1 
ATOM   699  C  CA  . ALA A 1 92  ? 6.582   16.908  2.604   1.00 28.12 ? 92  ALA A CA  1 
ATOM   700  C  C   . ALA A 1 92  ? 5.246   17.205  1.882   1.00 29.55 ? 92  ALA A C   1 
ATOM   701  O  O   . ALA A 1 92  ? 5.198   18.126  1.036   1.00 32.44 ? 92  ALA A O   1 
ATOM   702  C  CB  . ALA A 1 92  ? 6.965   17.996  3.589   1.00 28.96 ? 92  ALA A CB  1 
ATOM   703  N  N   . ARG A 1 93  ? 4.167   16.466  2.142   1.00 24.42 ? 93  ARG A N   1 
ATOM   704  C  CA  . ARG A 1 93  ? 2.874   16.695  1.470   1.00 26.48 ? 93  ARG A CA  1 
ATOM   705  C  C   . ARG A 1 93  ? 1.770   15.929  2.202   1.00 26.30 ? 93  ARG A C   1 
ATOM   706  O  O   . ARG A 1 93  ? 2.088   15.156  3.185   1.00 24.64 ? 93  ARG A O   1 
ATOM   707  C  CB  . ARG A 1 93  ? 3.050   16.237  0.020   1.00 28.13 ? 93  ARG A CB  1 
ATOM   708  C  CG  . ARG A 1 93  ? 3.191   14.729  -0.058  1.00 27.35 ? 93  ARG A CG  1 
ATOM   709  C  CD  . ARG A 1 93  ? 3.556   14.128  -1.395  1.00 29.38 ? 93  ARG A CD  1 
ATOM   710  N  NE  . ARG A 1 93  ? 3.057   12.764  -1.306  1.00 29.57 ? 93  ARG A NE  1 
ATOM   711  C  CZ  . ARG A 1 93  ? 2.329   12.100  -2.214  1.00 30.13 ? 93  ARG A CZ  1 
ATOM   712  N  NH1 . ARG A 1 93  ? 2.012   12.619  -3.399  1.00 30.05 ? 93  ARG A NH1 1 
ATOM   713  N  NH2 . ARG A 1 93  ? 1.911   10.888  -1.897  1.00 28.16 ? 93  ARG A NH2 1 
ATOM   714  N  N   . TYR A 1 94  ? 0.543   16.200  1.799   1.00 23.73 ? 94  TYR A N   1 
ATOM   715  C  CA  . TYR A 1 94  ? -0.689  15.513  2.227   1.00 23.77 ? 94  TYR A CA  1 
ATOM   716  C  C   . TYR A 1 94  ? -0.832  14.272  1.359   1.00 25.03 ? 94  TYR A C   1 
ATOM   717  O  O   . TYR A 1 94  ? -0.685  14.327  0.120   1.00 27.83 ? 94  TYR A O   1 
ATOM   718  C  CB  . TYR A 1 94  ? -1.883  16.456  2.153   1.00 26.75 ? 94  TYR A CB  1 
ATOM   719  C  CG  . TYR A 1 94  ? -1.955  17.325  3.391   1.00 31.47 ? 94  TYR A CG  1 
ATOM   720  C  CD1 . TYR A 1 94  ? -2.488  16.812  4.563   1.00 32.21 ? 94  TYR A CD1 1 
ATOM   721  C  CD2 . TYR A 1 94  ? -1.380  18.591  3.440   1.00 38.51 ? 94  TYR A CD2 1 
ATOM   722  C  CE1 . TYR A 1 94  ? -2.537  17.555  5.732   1.00 37.72 ? 94  TYR A CE1 1 
ATOM   723  C  CE2 . TYR A 1 94  ? -1.422  19.357  4.607   1.00 39.39 ? 94  TYR A CE2 1 
ATOM   724  C  CZ  . TYR A 1 94  ? -2.002  18.834  5.756   1.00 41.97 ? 94  TYR A CZ  1 
ATOM   725  O  OH  . TYR A 1 94  ? -2.078  19.534  6.928   1.00 42.16 ? 94  TYR A OH  1 
ATOM   726  N  N   . GLN A 1 95  ? -1.003  13.124  2.004   1.00 20.73 ? 95  GLN A N   1 
ATOM   727  C  CA  . GLN A 1 95  ? -1.299  11.854  1.301   1.00 20.17 ? 95  GLN A CA  1 
ATOM   728  C  C   . GLN A 1 95  ? -2.674  11.396  1.764   1.00 19.37 ? 95  GLN A C   1 
ATOM   729  O  O   . GLN A 1 95  ? -2.918  11.441  3.026   1.00 20.79 ? 95  GLN A O   1 
ATOM   730  C  CB  . GLN A 1 95  ? -0.197  10.846  1.583   1.00 18.95 ? 95  GLN A CB  1 
ATOM   731  C  CG  . GLN A 1 95  ? -0.443  9.491   0.945   1.00 20.12 ? 95  GLN A CG  1 
ATOM   732  C  CD  . GLN A 1 95  ? 0.810   8.667   0.790   1.00 19.18 ? 95  GLN A CD  1 
ATOM   733  O  OE1 . GLN A 1 95  ? 1.893   9.165   0.648   1.00 18.64 ? 95  GLN A OE1 1 
ATOM   734  N  NE2 . GLN A 1 95  ? 0.608   7.367   0.854   1.00 21.46 ? 95  GLN A NE2 1 
ATOM   735  N  N   . SER A 1 96  ? -3.570  10.987  0.882   1.00 17.40 ? 96  SER A N   1 
ATOM   736  C  CA  . SER A 1 96  ? -4.929  10.498  1.206   1.00 18.65 ? 96  SER A CA  1 
ATOM   737  C  C   . SER A 1 96  ? -4.960  8.976   1.349   1.00 19.16 ? 96  SER A C   1 
ATOM   738  O  O   . SER A 1 96  ? -4.047  8.277   0.867   1.00 17.22 ? 96  SER A O   1 
ATOM   739  C  CB  . SER A 1 96  ? -5.919  10.879  0.154   1.00 20.48 ? 96  SER A CB  1 
ATOM   740  O  OG  . SER A 1 96  ? -5.520  10.375  -1.105  1.00 22.44 ? 96  SER A OG  1 
ATOM   741  N  N   . HIS A 1 97  ? -6.036  8.488   1.932   1.00 17.44 ? 97  HIS A N   1 
ATOM   742  C  CA  . HIS A 1 97  ? -6.282  7.040   2.085   1.00 17.27 ? 97  HIS A CA  1 
ATOM   743  C  C   . HIS A 1 97  ? -5.107  6.373   2.842   1.00 16.09 ? 97  HIS A C   1 
ATOM   744  O  O   . HIS A 1 97  ? -4.814  5.202   2.516   1.00 16.50 ? 97  HIS A O   1 
ATOM   745  C  CB  . HIS A 1 97  ? -6.561  6.460   0.706   1.00 17.88 ? 97  HIS A CB  1 
ATOM   746  C  CG  . HIS A 1 97  ? -7.806  6.984   0.100   1.00 19.11 ? 97  HIS A CG  1 
ATOM   747  N  ND1 . HIS A 1 97  ? -9.017  6.400   0.289   1.00 17.66 ? 97  HIS A ND1 1 
ATOM   748  C  CD2 . HIS A 1 97  ? -7.999  8.079   -0.685  1.00 19.55 ? 97  HIS A CD2 1 
ATOM   749  C  CE1 . HIS A 1 97  ? -9.933  7.046   -0.455  1.00 18.75 ? 97  HIS A CE1 1 
ATOM   750  N  NE2 . HIS A 1 97  ? -9.348  8.115   -0.969  1.00 21.24 ? 97  HIS A NE2 1 
ATOM   751  N  N   . LEU A 1 98  ? -4.498  7.093   3.759   1.00 16.00 ? 98  LEU A N   1 
ATOM   752  C  CA  . LEU A 1 98  ? -3.306  6.622   4.481   1.00 14.82 ? 98  LEU A CA  1 
ATOM   753  C  C   . LEU A 1 98  ? -3.673  6.146   5.892   1.00 14.60 ? 98  LEU A C   1 
ATOM   754  O  O   . LEU A 1 98  ? -4.389  6.867   6.600   1.00 16.42 ? 98  LEU A O   1 
ATOM   755  C  CB  . LEU A 1 98  ? -2.260  7.729   4.551   1.00 15.74 ? 98  LEU A CB  1 
ATOM   756  C  CG  . LEU A 1 98  ? -0.918  7.327   5.154   1.00 17.67 ? 98  LEU A CG  1 
ATOM   757  C  CD1 . LEU A 1 98  ? -0.180  6.363   4.270   1.00 16.16 ? 98  LEU A CD1 1 
ATOM   758  C  CD2 . LEU A 1 98  ? -0.068  8.550   5.460   1.00 16.93 ? 98  LEU A CD2 1 
ATOM   759  N  N   . MET A 1 99  ? -3.118  5.003   6.318   1.00 14.15 ? 99  MET A N   1 
ATOM   760  C  CA  . MET A 1 99  ? -3.305  4.400   7.669   1.00 14.27 ? 99  MET A CA  1 
ATOM   761  C  C   . MET A 1 99  ? -1.965  4.460   8.355   1.00 15.76 ? 99  MET A C   1 
ATOM   762  O  O   . MET A 1 99  ? -0.947  4.158   7.719   1.00 15.31 ? 99  MET A O   1 
ATOM   763  C  CB  . MET A 1 99  ? -3.768  2.940   7.536   1.00 14.65 ? 99  MET A CB  1 
ATOM   764  C  CG  . MET A 1 99  ? -5.145  2.773   6.886   1.00 17.65 ? 99  MET A CG  1 
ATOM   765  S  SD  . MET A 1 99  ? -5.599  1.164   6.368   1.00 16.49 ? 99  MET A SD  1 
ATOM   766  C  CE  . MET A 1 99  ? -4.392  0.784   5.108   1.00 15.47 ? 99  MET A CE  1 
ATOM   767  N  N   . LEU A 1 100 ? -1.920  4.796   9.646   1.00 14.84 ? 100 LEU A N   1 
ATOM   768  C  CA  . LEU A 1 100 ? -0.629  4.828   10.377  1.00 14.50 ? 100 LEU A CA  1 
ATOM   769  C  C   . LEU A 1 100 ? -0.626  3.784   11.501  1.00 14.49 ? 100 LEU A C   1 
ATOM   770  O  O   . LEU A 1 100 ? -1.656  3.519   12.127  1.00 14.68 ? 100 LEU A O   1 
ATOM   771  C  CB  . LEU A 1 100 ? -0.441  6.219   10.998  1.00 16.65 ? 100 LEU A CB  1 
ATOM   772  C  CG  . LEU A 1 100 ? -0.176  7.352   10.026  1.00 19.16 ? 100 LEU A CG  1 
ATOM   773  C  CD1 . LEU A 1 100 ? -0.149  8.697   10.738  1.00 21.08 ? 100 LEU A CD1 1 
ATOM   774  C  CD2 . LEU A 1 100 ? 1.122   7.107   9.257   1.00 19.76 ? 100 LEU A CD2 1 
ATOM   775  N  N   . ALA A 1 101 ? 0.529   3.206   11.742  1.00 12.93 ? 101 ALA A N   1 
ATOM   776  C  CA  . ALA A 1 101 ? 0.812   2.340   12.887  1.00 12.37 ? 101 ALA A CA  1 
ATOM   777  C  C   . ALA A 1 101 ? 2.155   2.701   13.466  1.00 14.73 ? 101 ALA A C   1 
ATOM   778  O  O   . ALA A 1 101 ? 3.039   3.265   12.771  1.00 13.78 ? 101 ALA A O   1 
ATOM   779  C  CB  . ALA A 1 101 ? 0.785   0.889   12.501  1.00 12.45 ? 101 ALA A CB  1 
ATOM   780  N  N   . VAL A 1 102 ? 2.360   2.256   14.696  1.00 14.14 ? 102 VAL A N   1 
ATOM   781  C  CA  . VAL A 1 102 ? 3.689   2.337   15.364  1.00 13.70 ? 102 VAL A CA  1 
ATOM   782  C  C   . VAL A 1 102 ? 4.521   1.144   14.900  1.00 13.83 ? 102 VAL A C   1 
ATOM   783  O  O   . VAL A 1 102 ? 4.151   -0.005  15.133  1.00 14.84 ? 102 VAL A O   1 
ATOM   784  C  CB  . VAL A 1 102 ? 3.580   2.431   16.896  1.00 14.55 ? 102 VAL A CB  1 
ATOM   785  C  CG1 . VAL A 1 102 ? 4.961   2.457   17.539  1.00 14.40 ? 102 VAL A CG1 1 
ATOM   786  C  CG2 . VAL A 1 102 ? 2.753   3.632   17.309  1.00 12.84 ? 102 VAL A CG2 1 
ATOM   787  N  N   . GLY A 1 103 ? 5.617   1.451   14.231  1.00 14.46 ? 103 GLY A N   1 
ATOM   788  C  CA  . GLY A 1 103 ? 6.540   0.425   13.789  1.00 14.02 ? 103 GLY A CA  1 
ATOM   789  C  C   . GLY A 1 103 ? 7.585   0.976   12.849  1.00 14.14 ? 103 GLY A C   1 
ATOM   790  O  O   . GLY A 1 103 ? 7.663   2.166   12.607  1.00 16.15 ? 103 GLY A O   1 
ATOM   791  N  N   . HIS A 1 104 ? 8.455   0.089   12.431  1.00 14.41 ? 104 HIS A N   1 
ATOM   792  C  CA  . HIS A 1 104 ? 9.632   0.457   11.627  1.00 15.37 ? 104 HIS A CA  1 
ATOM   793  C  C   . HIS A 1 104 ? 9.305   0.462   10.123  1.00 13.95 ? 104 HIS A C   1 
ATOM   794  O  O   . HIS A 1 104 ? 8.804   -0.564  9.598   1.00 14.82 ? 104 HIS A O   1 
ATOM   795  C  CB  . HIS A 1 104 ? 10.792  -0.506  11.921  1.00 14.73 ? 104 HIS A CB  1 
ATOM   796  C  CG  . HIS A 1 104 ? 12.026  -0.073  11.222  1.00 16.60 ? 104 HIS A CG  1 
ATOM   797  N  ND1 . HIS A 1 104 ? 12.683  1.087   11.536  1.00 17.37 ? 104 HIS A ND1 1 
ATOM   798  C  CD2 . HIS A 1 104 ? 12.659  -0.628  10.171  1.00 15.87 ? 104 HIS A CD2 1 
ATOM   799  C  CE1 . HIS A 1 104 ? 13.675  1.239   10.642  1.00 16.47 ? 104 HIS A CE1 1 
ATOM   800  N  NE2 . HIS A 1 104 ? 13.713  0.189   9.863   1.00 17.03 ? 104 HIS A NE2 1 
ATOM   801  N  N   . SER A 1 105 ? 9.745   1.532   9.444   1.00 15.84 ? 105 SER A N   1 
ATOM   802  C  CA  . SER A 1 105 ? 9.562   1.727   7.998   1.00 15.41 ? 105 SER A CA  1 
ATOM   803  C  C   . SER A 1 105 ? 10.659  2.636   7.478   1.00 17.22 ? 105 SER A C   1 
ATOM   804  O  O   . SER A 1 105 ? 10.721  3.790   7.922   1.00 21.13 ? 105 SER A O   1 
ATOM   805  C  CB  . SER A 1 105 ? 8.201   2.253   7.672   1.00 15.83 ? 105 SER A CB  1 
ATOM   806  O  OG  . SER A 1 105 ? 8.032   2.405   6.265   1.00 17.99 ? 105 SER A OG  1 
ATOM   807  N  N   . GLU A 1 106 ? 11.452  2.118   6.589   1.00 15.63 ? 106 GLU A N   1 
ATOM   808  C  CA  . GLU A 1 106 ? 12.424  2.880   5.758   1.00 17.58 ? 106 GLU A CA  1 
ATOM   809  C  C   . GLU A 1 106 ? 11.914  2.897   4.325   1.00 18.95 ? 106 GLU A C   1 
ATOM   810  O  O   . GLU A 1 106 ? 11.079  2.052   3.961   1.00 17.37 ? 106 GLU A O   1 
ATOM   811  C  CB  . GLU A 1 106 ? 13.776  2.167   5.774   1.00 19.70 ? 106 GLU A CB  1 
ATOM   812  C  CG  . GLU A 1 106 ? 14.412  2.133   7.145   1.00 23.50 ? 106 GLU A CG  1 
ATOM   813  C  CD  . GLU A 1 106 ? 15.676  1.285   7.262   1.00 22.65 ? 106 GLU A CD  1 
ATOM   814  O  OE1 . GLU A 1 106 ? 16.541  1.370   6.390   1.00 29.34 ? 106 GLU A OE1 1 
ATOM   815  O  OE2 . GLU A 1 106 ? 15.814  0.610   8.255   1.00 22.13 ? 106 GLU A OE2 1 
ATOM   816  N  N   . PRO A 1 107 ? 12.445  3.774   3.439   1.00 19.72 ? 107 PRO A N   1 
ATOM   817  C  CA  . PRO A 1 107 ? 11.931  3.864   2.065   1.00 19.39 ? 107 PRO A CA  1 
ATOM   818  C  C   . PRO A 1 107 ? 11.837  2.526   1.313   1.00 19.26 ? 107 PRO A C   1 
ATOM   819  O  O   . PRO A 1 107 ? 10.834  2.258   0.583   1.00 21.35 ? 107 PRO A O   1 
ATOM   820  C  CB  . PRO A 1 107 ? 12.962  4.817   1.421   1.00 21.93 ? 107 PRO A CB  1 
ATOM   821  C  CG  . PRO A 1 107 ? 13.319  5.749   2.575   1.00 21.94 ? 107 PRO A CG  1 
ATOM   822  C  CD  . PRO A 1 107 ? 13.493  4.790   3.755   1.00 22.46 ? 107 PRO A CD  1 
ATOM   823  N  N   . GLY A 1 108 ? 12.844  1.677   1.437   1.00 18.75 ? 108 GLY A N   1 
ATOM   824  C  CA  . GLY A 1 108 ? 12.833  0.419   0.709   1.00 18.07 ? 108 GLY A CA  1 
ATOM   825  C  C   . GLY A 1 108 ? 11.765  -0.536  1.207   1.00 15.56 ? 108 GLY A C   1 
ATOM   826  O  O   . GLY A 1 108 ? 11.565  -1.553  0.521   1.00 16.47 ? 108 GLY A O   1 
ATOM   827  N  N   . ASP A 1 109 ? 11.162  -0.267  2.373   1.00 15.87 ? 109 ASP A N   1 
ATOM   828  C  CA  . ASP A 1 109 ? 10.058  -1.113  2.863   1.00 14.27 ? 109 ASP A CA  1 
ATOM   829  C  C   . ASP A 1 109 ? 8.775   -0.873  2.086   1.00 16.04 ? 109 ASP A C   1 
ATOM   830  O  O   . ASP A 1 109 ? 7.834   -1.693  2.203   1.00 14.27 ? 109 ASP A O   1 
ATOM   831  C  CB  . ASP A 1 109 ? 9.804   -0.880  4.350   1.00 13.50 ? 109 ASP A CB  1 
ATOM   832  C  CG  . ASP A 1 109 ? 10.956  -1.409  5.194   1.00 13.25 ? 109 ASP A CG  1 
ATOM   833  O  OD1 . ASP A 1 109 ? 11.479  -2.470  4.774   1.00 16.29 ? 109 ASP A OD1 1 
ATOM   834  O  OD2 . ASP A 1 109 ? 11.341  -0.741  6.152   1.00 15.95 ? 109 ASP A OD2 1 
ATOM   835  N  N   . CYS A 1 110 ? 8.674   0.190   1.307   1.00 15.66 ? 110 CYS A N   1 
ATOM   836  C  CA  . CYS A 1 110 ? 7.453   0.434   0.522   1.00 15.45 ? 110 CYS A CA  1 
ATOM   837  C  C   . CYS A 1 110 ? 7.129   -0.802  -0.334  1.00 13.73 ? 110 CYS A C   1 
ATOM   838  O  O   . CYS A 1 110 ? 8.010   -1.419  -0.939  1.00 13.77 ? 110 CYS A O   1 
ATOM   839  C  CB  . CYS A 1 110 ? 7.652   1.636   -0.392  1.00 14.94 ? 110 CYS A CB  1 
ATOM   840  S  SG  . CYS A 1 110 ? 7.538   3.201   0.488   1.00 16.89 ? 110 CYS A SG  1 
ATOM   841  N  N   . GLY A 1 111 ? 5.856   -1.212  -0.353  1.00 12.33 ? 111 GLY A N   1 
ATOM   842  C  CA  . GLY A 1 111 ? 5.306   -2.315  -1.122  1.00 12.24 ? 111 GLY A CA  1 
ATOM   843  C  C   . GLY A 1 111 ? 5.070   -3.507  -0.214  1.00 12.78 ? 111 GLY A C   1 
ATOM   844  O  O   . GLY A 1 111 ? 4.458   -4.453  -0.686  1.00 14.13 ? 111 GLY A O   1 
ATOM   845  N  N   . GLY A 1 112 ? 5.603   -3.540  0.992   1.00 13.68 ? 112 GLY A N   1 
ATOM   846  C  CA  . GLY A 1 112 ? 5.278   -4.643  1.914   1.00 12.78 ? 112 GLY A CA  1 
ATOM   847  C  C   . GLY A 1 112 ? 3.791   -4.719  2.164   1.00 11.53 ? 112 GLY A C   1 
ATOM   848  O  O   . GLY A 1 112 ? 3.181   -3.650  2.387   1.00 12.31 ? 112 GLY A O   1 
ATOM   849  N  N   . ILE A 1 113 ? 3.233   -5.894  2.254   1.00 12.31 ? 113 ILE A N   1 
ATOM   850  C  CA  . ILE A 1 113 ? 1.786   -6.072  2.502   1.00 12.54 ? 113 ILE A CA  1 
ATOM   851  C  C   . ILE A 1 113 ? 1.456   -5.892  3.971   1.00 11.61 ? 113 ILE A C   1 
ATOM   852  O  O   . ILE A 1 113 ? 2.106   -6.500  4.836   1.00 11.70 ? 113 ILE A O   1 
ATOM   853  C  CB  . ILE A 1 113 ? 1.380   -7.431  1.947   1.00 14.95 ? 113 ILE A CB  1 
ATOM   854  C  CG1 . ILE A 1 113 ? 1.265   -7.244  0.430   1.00 16.41 ? 113 ILE A CG1 1 
ATOM   855  C  CG2 . ILE A 1 113 ? 0.057   -7.952  2.524   1.00 13.97 ? 113 ILE A CG2 1 
ATOM   856  C  CD1 . ILE A 1 113 ? 1.064   -8.499  -0.322  1.00 18.45 ? 113 ILE A CD1 1 
ATOM   857  N  N   . LEU A 1 114 ? 0.340   -5.202  4.216   1.00 11.84 ? 114 LEU A N   1 
ATOM   858  C  CA  . LEU A 1 114 ? -0.434  -5.225  5.474   1.00 12.30 ? 114 LEU A CA  1 
ATOM   859  C  C   . LEU A 1 114 ? -1.644  -6.128  5.185   1.00 11.77 ? 114 LEU A C   1 
ATOM   860  O  O   . LEU A 1 114 ? -2.388  -5.867  4.194   1.00 12.44 ? 114 LEU A O   1 
ATOM   861  C  CB  . LEU A 1 114 ? -0.848  -3.808  5.839   1.00 11.87 ? 114 LEU A CB  1 
ATOM   862  C  CG  . LEU A 1 114 ? -1.799  -3.699  7.022   1.00 11.79 ? 114 LEU A CG  1 
ATOM   863  C  CD1 . LEU A 1 114 ? -1.157  -4.134  8.314   1.00 11.96 ? 114 LEU A CD1 1 
ATOM   864  C  CD2 . LEU A 1 114 ? -2.314  -2.266  7.120   1.00 12.67 ? 114 LEU A CD2 1 
ATOM   865  N  N   . ARG A 1 115 ? -1.863  -7.084  6.057   1.00 11.72 ? 115 ARG A N   1 
ATOM   866  C  CA  . ARG A 1 115 ? -2.977  -8.050  5.925   1.00 11.56 ? 115 ARG A CA  1 
ATOM   867  C  C   . ARG A 1 115 ? -3.710  -8.206  7.233   1.00 12.15 ? 115 ARG A C   1 
ATOM   868  O  O   . ARG A 1 115 ? -3.148  -8.099  8.332   1.00 12.53 ? 115 ARG A O   1 
ATOM   869  C  CB  . ARG A 1 115 ? -2.520  -9.410  5.427   1.00 13.14 ? 115 ARG A CB  1 
ATOM   870  C  CG  . ARG A 1 115 ? -1.581  -10.114 6.393   1.00 14.67 ? 115 ARG A CG  1 
ATOM   871  C  CD  . ARG A 1 115 ? -1.048  -11.413 5.842   1.00 17.22 ? 115 ARG A CD  1 
ATOM   872  N  NE  . ARG A 1 115 ? 0.018   -11.229 4.881   1.00 20.29 ? 115 ARG A NE  1 
ATOM   873  C  CZ  . ARG A 1 115 ? 0.049   -11.630 3.589   1.00 21.22 ? 115 ARG A CZ  1 
ATOM   874  N  NH1 . ARG A 1 115 ? -0.972  -12.219 2.974   1.00 25.32 ? 115 ARG A NH1 1 
ATOM   875  N  NH2 . ARG A 1 115 ? 1.138   -11.396 2.885   1.00 25.11 ? 115 ARG A NH2 1 
ATOM   876  N  N   . CYS A 1 116 ? -4.992  -8.465  7.104   1.00 11.68 ? 116 CYS A N   1 
ATOM   877  C  CA  . CYS A 1 116 ? -5.901  -8.791  8.229   1.00 12.98 ? 116 CYS A CA  1 
ATOM   878  C  C   . CYS A 1 116 ? -6.500  -10.152 7.960   1.00 13.11 ? 116 CYS A C   1 
ATOM   879  O  O   . CYS A 1 116 ? -6.194  -10.839 6.993   1.00 15.76 ? 116 CYS A O   1 
ATOM   880  C  CB  . CYS A 1 116 ? -6.941  -7.707  8.404   1.00 11.67 ? 116 CYS A CB  1 
ATOM   881  S  SG  . CYS A 1 116 ? -8.156  -7.680  7.040   1.00 13.59 ? 116 CYS A SG  1 
ATOM   882  N  N   . GLN A 1 117 ? -7.440  -10.545 8.806   1.00 17.32 ? 117 GLN A N   1 
ATOM   883  C  CA  . GLN A 1 117 ? -8.143  -11.807 8.620   1.00 17.69 ? 117 GLN A CA  1 
ATOM   884  C  C   . GLN A 1 117 ? -8.912  -11.859 7.311   1.00 18.90 ? 117 GLN A C   1 
ATOM   885  O  O   . GLN A 1 117 ? -9.174  -12.977 6.868   1.00 22.63 ? 117 GLN A O   1 
ATOM   886  C  CB  . GLN A 1 117 ? -9.079  -12.068 9.793   1.00 18.80 ? 117 GLN A CB  1 
ATOM   887  C  CG  . GLN A 1 117 ? -10.225 -11.076 9.883   1.00 20.87 ? 117 GLN A CG  1 
ATOM   888  C  CD  . GLN A 1 117 ? -11.192 -11.332 11.013  1.00 26.91 ? 117 GLN A CD  1 
ATOM   889  O  OE1 . GLN A 1 117 ? -11.056 -10.771 12.102  1.00 31.80 ? 117 GLN A OE1 1 
ATOM   890  N  NE2 . GLN A 1 117 ? -12.137 -12.230 10.768  1.00 29.23 ? 117 GLN A NE2 1 
ATOM   891  N  N   . HIS A 1 118 ? -9.261  -10.742 6.687   1.00 16.16 ? 118 HIS A N   1 
ATOM   892  C  CA  . HIS A 1 118 ? -10.036 -10.755 5.435   1.00 15.65 ? 118 HIS A CA  1 
ATOM   893  C  C   . HIS A 1 118 ? -9.155  -10.738 4.178   1.00 18.01 ? 118 HIS A C   1 
ATOM   894  O  O   . HIS A 1 118 ? -9.751  -10.795 3.091   1.00 20.70 ? 118 HIS A O   1 
ATOM   895  C  CB  . HIS A 1 118 ? -10.978 -9.572  5.431   1.00 16.36 ? 118 HIS A CB  1 
ATOM   896  C  CG  . HIS A 1 118 ? -11.840 -9.521  6.643   1.00 15.89 ? 118 HIS A CG  1 
ATOM   897  N  ND1 . HIS A 1 118 ? -11.619 -8.655  7.688   1.00 15.98 ? 118 HIS A ND1 1 
ATOM   898  C  CD2 . HIS A 1 118 ? -12.994 -10.188 6.940   1.00 18.72 ? 118 HIS A CD2 1 
ATOM   899  C  CE1 . HIS A 1 118 ? -12.515 -8.905  8.650   1.00 17.24 ? 118 HIS A CE1 1 
ATOM   900  N  NE2 . HIS A 1 118 ? -13.379 -9.755  8.161   1.00 18.55 ? 118 HIS A NE2 1 
ATOM   901  N  N   . GLY A 1 119 ? -7.823  -10.608 4.309   1.00 15.76 ? 119 GLY A N   1 
ATOM   902  C  CA  . GLY A 1 119 ? -6.906  -10.512 3.183   1.00 15.93 ? 119 GLY A CA  1 
ATOM   903  C  C   . GLY A 1 119 ? -6.057  -9.264  3.215   1.00 14.65 ? 119 GLY A C   1 
ATOM   904  O  O   . GLY A 1 119 ? -5.745  -8.752  4.268   1.00 14.77 ? 119 GLY A O   1 
ATOM   905  N  N   . VAL A 1 120 ? -5.694  -8.788  2.025   1.00 13.20 ? 120 VAL A N   1 
ATOM   906  C  CA  . VAL A 1 120 ? -4.716  -7.694  1.911   1.00 13.39 ? 120 VAL A CA  1 
ATOM   907  C  C   . VAL A 1 120 ? -5.416  -6.379  2.171   1.00 14.46 ? 120 VAL A C   1 
ATOM   908  O  O   . VAL A 1 120 ? -6.434  -6.067  1.481   1.00 13.96 ? 120 VAL A O   1 
ATOM   909  C  CB  . VAL A 1 120 ? -4.009  -7.713  0.553   1.00 13.17 ? 120 VAL A CB  1 
ATOM   910  C  CG1 . VAL A 1 120 ? -3.138  -6.470  0.375   1.00 14.18 ? 120 VAL A CG1 1 
ATOM   911  C  CG2 . VAL A 1 120 ? -3.271  -8.997  0.301   1.00 13.70 ? 120 VAL A CG2 1 
ATOM   912  N  N   . VAL A 1 121 ? -4.924  -5.580  3.087   1.00 12.18 ? 121 VAL A N   1 
ATOM   913  C  CA  . VAL A 1 121 ? -5.475  -4.265  3.436   1.00 12.36 ? 121 VAL A CA  1 
ATOM   914  C  C   . VAL A 1 121 ? -4.819  -3.175  2.635   1.00 12.64 ? 121 VAL A C   1 
ATOM   915  O  O   . VAL A 1 121 ? -5.448  -2.194  2.311   1.00 12.99 ? 121 VAL A O   1 
ATOM   916  C  CB  . VAL A 1 121 ? -5.238  -4.064  4.939   1.00 12.58 ? 121 VAL A CB  1 
ATOM   917  C  CG1 . VAL A 1 121 ? -5.658  -2.657  5.406   1.00 12.42 ? 121 VAL A CG1 1 
ATOM   918  C  CG2 . VAL A 1 121 ? -5.926  -5.164  5.729   1.00 13.34 ? 121 VAL A CG2 1 
ATOM   919  N  N   . GLY A 1 122 ? -3.503  -3.222  2.473   1.00 12.91 ? 122 GLY A N   1 
ATOM   920  C  CA  . GLY A 1 122 ? -2.765  -2.155  1.814   1.00 14.29 ? 122 GLY A CA  1 
ATOM   921  C  C   . GLY A 1 122 ? -1.304  -2.478  1.712   1.00 11.57 ? 122 GLY A C   1 
ATOM   922  O  O   . GLY A 1 122 ? -0.875  -3.618  1.998   1.00 11.70 ? 122 GLY A O   1 
ATOM   923  N  N   . ILE A 1 123 ? -0.517  -1.476  1.345   1.00 12.53 ? 123 ILE A N   1 
ATOM   924  C  CA  . ILE A 1 123 ? 0.943   -1.657  1.160   1.00 12.13 ? 123 ILE A CA  1 
ATOM   925  C  C   . ILE A 1 123 ? 1.669   -0.514  1.876   1.00 11.78 ? 123 ILE A C   1 
ATOM   926  O  O   . ILE A 1 123 ? 1.164   0.622   1.938   1.00 12.62 ? 123 ILE A O   1 
ATOM   927  C  CB  . ILE A 1 123 ? 1.397   -1.765  -0.309  1.00 12.40 ? 123 ILE A CB  1 
ATOM   928  C  CG1 . ILE A 1 123 ? 0.904   -0.596  -1.193  1.00 12.60 ? 123 ILE A CG1 1 
ATOM   929  C  CG2 . ILE A 1 123 ? 1.124   -3.177  -0.864  1.00 12.62 ? 123 ILE A CG2 1 
ATOM   930  C  CD1 . ILE A 1 123 ? 1.552   -0.569  -2.557  1.00 13.63 ? 123 ILE A CD1 1 
ATOM   931  N  N   . VAL A 1 124 ? 2.850   -0.814  2.375   1.00 11.80 ? 124 VAL A N   1 
ATOM   932  C  CA  . VAL A 1 124 ? 3.696   0.211   3.016   1.00 12.08 ? 124 VAL A CA  1 
ATOM   933  C  C   . VAL A 1 124 ? 3.915   1.327   2.010   1.00 12.55 ? 124 VAL A C   1 
ATOM   934  O  O   . VAL A 1 124 ? 4.284   1.030   0.852   1.00 11.76 ? 124 VAL A O   1 
ATOM   935  C  CB  . VAL A 1 124 ? 5.018   -0.358  3.522   1.00 11.67 ? 124 VAL A CB  1 
ATOM   936  C  CG1 . VAL A 1 124 ? 5.936   0.757   4.015   1.00 12.61 ? 124 VAL A CG1 1 
ATOM   937  C  CG2 . VAL A 1 124 ? 4.839   -1.391  4.621   1.00 11.60 ? 124 VAL A CG2 1 
ATOM   938  N  N   . SER A 1 125 ? 3.775   2.592   2.455   1.00 13.55 ? 125 SER A N   1 
ATOM   939  C  CA  . SER A 1 125 ? 3.917   3.785   1.612   1.00 14.41 ? 125 SER A CA  1 
ATOM   940  C  C   . SER A 1 125 ? 4.690   4.893   2.313   1.00 14.60 ? 125 SER A C   1 
ATOM   941  O  O   . SER A 1 125 ? 5.329   5.696   1.604   1.00 15.96 ? 125 SER A O   1 
ATOM   942  C  CB  . SER A 1 125 ? 2.557   4.299   1.260   1.00 14.75 ? 125 SER A CB  1 
ATOM   943  O  OG  . SER A 1 125 ? 2.633   5.459   0.402   1.00 16.01 ? 125 SER A OG  1 
ATOM   944  N  N   . THR A 1 126 ? 4.705   4.970   3.640   1.00 15.61 ? 126 THR A N   1 
ATOM   945  C  CA  . THR A 1 126 ? 5.456   6.044   4.366   1.00 16.07 ? 126 THR A CA  1 
ATOM   946  C  C   . THR A 1 126 ? 6.195   5.439   5.568   1.00 16.30 ? 126 THR A C   1 
ATOM   947  O  O   . THR A 1 126 ? 5.903   4.306   6.005   1.00 15.12 ? 126 THR A O   1 
ATOM   948  C  CB  . THR A 1 126 ? 4.544   7.200   4.852   1.00 17.20 ? 126 THR A CB  1 
ATOM   949  O  OG1 . THR A 1 126 ? 3.815   6.723   5.990   1.00 18.63 ? 126 THR A OG1 1 
ATOM   950  C  CG2 . THR A 1 126 ? 3.613   7.713   3.780   1.00 18.36 ? 126 THR A CG2 1 
ATOM   951  N  N   . GLY A 1 127 ? 7.141   6.190   6.134   1.00 16.24 ? 127 GLY A N   1 
ATOM   952  C  CA  . GLY A 1 127 ? 7.874   5.829   7.344   1.00 18.51 ? 127 GLY A CA  1 
ATOM   953  C  C   . GLY A 1 127 ? 8.529   7.055   7.959   1.00 19.45 ? 127 GLY A C   1 
ATOM   954  O  O   . GLY A 1 127 ? 8.199   8.169   7.590   1.00 22.80 ? 127 GLY A O   1 
ATOM   955  N  N   . GLY A 1 128 ? 9.375   6.817   8.947   1.00 23.61 ? 128 GLY A N   1 
ATOM   956  C  CA  . GLY A 1 128 ? 10.044  7.856   9.767   1.00 22.11 ? 128 GLY A CA  1 
ATOM   957  C  C   . GLY A 1 128 ? 9.394   8.011   11.132  1.00 23.63 ? 128 GLY A C   1 
ATOM   958  O  O   . GLY A 1 128 ? 8.176   7.799   11.301  1.00 23.01 ? 128 GLY A O   1 
ATOM   959  N  N   . ASN A 1 129 ? 10.165  8.528   12.075  1.00 25.64 ? 129 ASN A N   1 
ATOM   960  C  CA  . ASN A 1 129 ? 9.710   8.927   13.436  1.00 25.04 ? 129 ASN A CA  1 
ATOM   961  C  C   . ASN A 1 129 ? 8.894   7.798   14.055  1.00 20.91 ? 129 ASN A C   1 
ATOM   962  O  O   . ASN A 1 129 ? 7.892   8.088   14.771  1.00 22.96 ? 129 ASN A O   1 
ATOM   963  C  CB  . ASN A 1 129 ? 8.824   10.177  13.475  1.00 27.82 ? 129 ASN A CB  1 
ATOM   964  C  CG  . ASN A 1 129 ? 9.572   11.475  13.275  1.00 34.96 ? 129 ASN A CG  1 
ATOM   965  O  OD1 . ASN A 1 129 ? 10.715  11.613  13.706  1.00 34.09 ? 129 ASN A OD1 1 
ATOM   966  N  ND2 . ASN A 1 129 ? 8.921   12.435  12.645  1.00 38.48 ? 129 ASN A ND2 1 
ATOM   967  N  N   . GLY A 1 130 ? 9.305   6.557   13.826  1.00 20.43 ? 130 GLY A N   1 
ATOM   968  C  CA  . GLY A 1 130 ? 8.740   5.428   14.566  1.00 19.92 ? 130 GLY A CA  1 
ATOM   969  C  C   . GLY A 1 130 ? 7.363   4.986   14.075  1.00 16.64 ? 130 GLY A C   1 
ATOM   970  O  O   . GLY A 1 130 ? 6.752   4.196   14.734  1.00 15.82 ? 130 GLY A O   1 
ATOM   971  N  N   . LEU A 1 131 ? 6.872   5.557   12.978  1.00 17.14 ? 131 LEU A N   1 
ATOM   972  C  CA  . LEU A 1 131 ? 5.576   5.155   12.396  1.00 16.91 ? 131 LEU A CA  1 
ATOM   973  C  C   . LEU A 1 131 ? 5.824   4.472   11.039  1.00 16.20 ? 131 LEU A C   1 
ATOM   974  O  O   . LEU A 1 131 ? 6.813   4.728   10.317  1.00 17.86 ? 131 LEU A O   1 
ATOM   975  C  CB  . LEU A 1 131 ? 4.667   6.347   12.194  1.00 19.18 ? 131 LEU A CB  1 
ATOM   976  C  CG  . LEU A 1 131 ? 4.338   7.215   13.404  1.00 19.08 ? 131 LEU A CG  1 
ATOM   977  C  CD1 . LEU A 1 131 ? 3.208   8.150   13.004  1.00 21.57 ? 131 LEU A CD1 1 
ATOM   978  C  CD2 . LEU A 1 131 ? 3.923   6.370   14.591  1.00 20.50 ? 131 LEU A CD2 1 
ATOM   979  N  N   . VAL A 1 132 ? 4.855   3.675   10.651  1.00 15.75 ? 132 VAL A N   1 
ATOM   980  C  CA  . VAL A 1 132 ? 4.748   3.100   9.285   1.00 14.56 ? 132 VAL A CA  1 
ATOM   981  C  C   . VAL A 1 132 ? 3.380   3.489   8.777   1.00 15.32 ? 132 VAL A C   1 
ATOM   982  O  O   . VAL A 1 132 ? 2.342   3.362   9.494   1.00 16.04 ? 132 VAL A O   1 
ATOM   983  C  CB  . VAL A 1 132 ? 4.982   1.587   9.312   1.00 14.81 ? 132 VAL A CB  1 
ATOM   984  C  CG1 . VAL A 1 132 ? 4.142   0.836   10.329  1.00 16.22 ? 132 VAL A CG1 1 
ATOM   985  C  CG2 . VAL A 1 132 ? 4.823   1.017   7.905   1.00 15.45 ? 132 VAL A CG2 1 
ATOM   986  N  N   . GLY A 1 133 ? 3.329   4.016   7.573   1.00 13.69 ? 133 GLY A N   1 
ATOM   987  C  CA  . GLY A 1 133 ? 2.095   4.378   6.871   1.00 13.76 ? 133 GLY A CA  1 
ATOM   988  C  C   . GLY A 1 133 ? 1.822   3.417   5.727   1.00 13.90 ? 133 GLY A C   1 
ATOM   989  O  O   . GLY A 1 133 ? 2.755   3.076   5.008   1.00 14.52 ? 133 GLY A O   1 
ATOM   990  N  N   . PHE A 1 134 ? 0.567   3.031   5.596   1.00 13.37 ? 134 PHE A N   1 
ATOM   991  C  CA  . PHE A 1 134 ? 0.068   2.070   4.586   1.00 12.36 ? 134 PHE A CA  1 
ATOM   992  C  C   . PHE A 1 134 ? -0.939  2.752   3.699   1.00 11.90 ? 134 PHE A C   1 
ATOM   993  O  O   . PHE A 1 134 ? -1.880  3.443   4.203   1.00 14.16 ? 134 PHE A O   1 
ATOM   994  C  CB  . PHE A 1 134 ? -0.588  0.846   5.229   1.00 11.71 ? 134 PHE A CB  1 
ATOM   995  C  CG  . PHE A 1 134 ? 0.250   0.242   6.316   1.00 11.70 ? 134 PHE A CG  1 
ATOM   996  C  CD1 . PHE A 1 134 ? 1.222   -0.678  5.992   1.00 12.61 ? 134 PHE A CD1 1 
ATOM   997  C  CD2 . PHE A 1 134 ? 0.051   0.550   7.662   1.00 12.41 ? 134 PHE A CD2 1 
ATOM   998  C  CE1 . PHE A 1 134 ? 1.983   -1.309  6.965   1.00 12.49 ? 134 PHE A CE1 1 
ATOM   999  C  CE2 . PHE A 1 134 ? 0.862   -0.066  8.630   1.00 12.26 ? 134 PHE A CE2 1 
ATOM   1000 C  CZ  . PHE A 1 134 ? 1.773   -1.054  8.286   1.00 12.41 ? 134 PHE A CZ  1 
ATOM   1001 N  N   . ALA A 1 135 ? -0.794  2.576   2.389   1.00 13.10 ? 135 ALA A N   1 
ATOM   1002 C  CA  . ALA A 1 135 ? -1.806  3.005   1.415   1.00 13.07 ? 135 ALA A CA  1 
ATOM   1003 C  C   . ALA A 1 135 ? -2.899  1.969   1.391   1.00 12.73 ? 135 ALA A C   1 
ATOM   1004 O  O   . ALA A 1 135 ? -2.674  0.831   1.020   1.00 12.67 ? 135 ALA A O   1 
ATOM   1005 C  CB  . ALA A 1 135 ? -1.174  3.221   0.056   1.00 13.59 ? 135 ALA A CB  1 
ATOM   1006 N  N   . ASP A 1 136 ? -4.113  2.359   1.764   1.00 11.93 ? 136 ASP A N   1 
ATOM   1007 C  CA  . ASP A 1 136 ? -5.275  1.470   1.800   1.00 13.06 ? 136 ASP A CA  1 
ATOM   1008 C  C   . ASP A 1 136 ? -5.670  1.060   0.379   1.00 12.75 ? 136 ASP A C   1 
ATOM   1009 O  O   . ASP A 1 136 ? -5.586  1.906   -0.582  1.00 15.91 ? 136 ASP A O   1 
ATOM   1010 C  CB  . ASP A 1 136 ? -6.471  2.154   2.466   1.00 14.31 ? 136 ASP A CB  1 
ATOM   1011 C  CG  . ASP A 1 136 ? -7.663  1.254   2.639   1.00 15.19 ? 136 ASP A CG  1 
ATOM   1012 O  OD1 . ASP A 1 136 ? -7.516  0.146   3.121   1.00 15.33 ? 136 ASP A OD1 1 
ATOM   1013 O  OD2 . ASP A 1 136 ? -8.739  1.634   2.133   1.00 18.00 ? 136 ASP A OD2 1 
ATOM   1014 N  N   . VAL A 1 137 ? -6.140  -0.158  0.229   1.00 13.07 ? 137 VAL A N   1 
ATOM   1015 C  CA  . VAL A 1 137 ? -6.731  -0.560  -1.087  1.00 15.42 ? 137 VAL A CA  1 
ATOM   1016 C  C   . VAL A 1 137 ? -8.156  -1.115  -0.907  1.00 15.82 ? 137 VAL A C   1 
ATOM   1017 O  O   . VAL A 1 137 ? -8.757  -1.563  -1.894  1.00 14.62 ? 137 VAL A O   1 
ATOM   1018 C  CB  . VAL A 1 137 ? -5.841  -1.597  -1.829  1.00 14.13 ? 137 VAL A CB  1 
ATOM   1019 C  CG1 . VAL A 1 137 ? -4.514  -0.965  -2.190  1.00 14.09 ? 137 VAL A CG1 1 
ATOM   1020 C  CG2 . VAL A 1 137 ? -5.627  -2.840  -1.016  1.00 14.59 ? 137 VAL A CG2 1 
ATOM   1021 N  N   . ARG A 1 138 ? -8.663  -1.197  0.331   1.00 13.83 ? 138 ARG A N   1 
ATOM   1022 C  CA  . ARG A 1 138 ? -9.937  -1.921  0.607   1.00 14.59 ? 138 ARG A CA  1 
ATOM   1023 C  C   . ARG A 1 138 ? -11.131 -1.182  0.003   1.00 16.43 ? 138 ARG A C   1 
ATOM   1024 O  O   . ARG A 1 138 ? -12.152 -1.836  -0.165  1.00 17.32 ? 138 ARG A O   1 
ATOM   1025 C  CB  . ARG A 1 138 ? -10.153 -2.095  2.106   1.00 14.66 ? 138 ARG A CB  1 
ATOM   1026 C  CG  . ARG A 1 138 ? -9.082  -2.935  2.797   1.00 13.45 ? 138 ARG A CG  1 
ATOM   1027 C  CD  . ARG A 1 138 ? -9.326  -2.924  4.278   1.00 14.18 ? 138 ARG A CD  1 
ATOM   1028 N  NE  . ARG A 1 138 ? -9.023  -1.676  4.844   1.00 14.42 ? 138 ARG A NE  1 
ATOM   1029 C  CZ  . ARG A 1 138 ? -9.045  -1.386  6.123   1.00 13.11 ? 138 ARG A CZ  1 
ATOM   1030 N  NH1 . ARG A 1 138 ? -9.550  -2.250  6.986   1.00 13.80 ? 138 ARG A NH1 1 
ATOM   1031 N  NH2 . ARG A 1 138 ? -8.577  -0.225  6.537   1.00 13.96 ? 138 ARG A NH2 1 
ATOM   1032 N  N   . ASP A 1 139 ? -10.995 0.102   -0.296  1.00 14.84 ? 139 ASP A N   1 
ATOM   1033 C  CA  . ASP A 1 139 ? -12.089 0.844   -0.991  1.00 15.95 ? 139 ASP A CA  1 
ATOM   1034 C  C   . ASP A 1 139 ? -12.118 0.537   -2.498  1.00 19.89 ? 139 ASP A C   1 
ATOM   1035 O  O   . ASP A 1 139 ? -13.125 0.931   -3.130  1.00 20.86 ? 139 ASP A O   1 
ATOM   1036 C  CB  . ASP A 1 139 ? -11.994 2.333   -0.707  1.00 17.89 ? 139 ASP A CB  1 
ATOM   1037 C  CG  . ASP A 1 139 ? -10.764 3.000   -1.298  1.00 21.19 ? 139 ASP A CG  1 
ATOM   1038 O  OD1 . ASP A 1 139 ? -9.700  2.368   -1.214  1.00 19.46 ? 139 ASP A OD1 1 
ATOM   1039 O  OD2 . ASP A 1 139 ? -10.864 4.156   -1.750  1.00 22.66 ? 139 ASP A OD2 1 
ATOM   1040 N  N   . LEU A 1 140 ? -11.098 -0.089  -3.077  1.00 17.94 ? 140 LEU A N   1 
ATOM   1041 C  CA  . LEU A 1 140 ? -11.005 -0.210  -4.540  1.00 17.53 ? 140 LEU A CA  1 
ATOM   1042 C  C   . LEU A 1 140 ? -11.700 -1.498  -4.936  1.00 16.74 ? 140 LEU A C   1 
ATOM   1043 O  O   . LEU A 1 140 ? -11.107 -2.503  -5.222  1.00 18.25 ? 140 LEU A O   1 
ATOM   1044 C  CB  . LEU A 1 140 ? -9.529  -0.223  -4.919  1.00 16.79 ? 140 LEU A CB  1 
ATOM   1045 C  CG  . LEU A 1 140 ? -8.762  1.039   -4.571  1.00 17.60 ? 140 LEU A CG  1 
ATOM   1046 C  CD1 . LEU A 1 140 ? -7.287  0.842   -4.935  1.00 17.27 ? 140 LEU A CD1 1 
ATOM   1047 C  CD2 . LEU A 1 140 ? -9.317  2.280   -5.244  1.00 19.52 ? 140 LEU A CD2 1 
ATOM   1048 N  N   . LEU A 1 141 ? -13.046 -1.436  -4.927  1.00 19.67 ? 141 LEU A N   1 
ATOM   1049 C  CA  . LEU A 1 141 ? -13.854 -2.664  -5.085  1.00 19.52 ? 141 LEU A CA  1 
ATOM   1050 C  C   . LEU A 1 141 ? -13.709 -3.265  -6.497  1.00 18.56 ? 141 LEU A C   1 
ATOM   1051 O  O   . LEU A 1 141 ? -13.719 -4.480  -6.672  1.00 21.66 ? 141 LEU A O   1 
ATOM   1052 C  CB  . LEU A 1 141 ? -15.333 -2.381  -4.792  1.00 20.63 ? 141 LEU A CB  1 
ATOM   1053 C  CG  . LEU A 1 141 ? -15.684 -1.669  -3.490  1.00 23.07 ? 141 LEU A CG  1 
ATOM   1054 C  CD1 . LEU A 1 141 ? -17.193 -1.610  -3.325  1.00 25.88 ? 141 LEU A CD1 1 
ATOM   1055 C  CD2 . LEU A 1 141 ? -15.095 -2.364  -2.293  1.00 20.77 ? 141 LEU A CD2 1 
ATOM   1056 N  N   . TRP A 1 142 ? -13.386 -2.380  -7.452  1.00 20.96 ? 142 TRP A N   1 
ATOM   1057 C  CA  . TRP A 1 142 ? -13.200 -2.780  -8.865  1.00 21.17 ? 142 TRP A CA  1 
ATOM   1058 C  C   . TRP A 1 142 ? -12.007 -3.721  -8.998  1.00 21.02 ? 142 TRP A C   1 
ATOM   1059 O  O   . TRP A 1 142 ? -11.923 -4.439  -10.002 1.00 23.55 ? 142 TRP A O   1 
ATOM   1060 C  CB  . TRP A 1 142 ? -13.085 -1.541  -9.753  1.00 19.89 ? 142 TRP A CB  1 
ATOM   1061 C  CG  . TRP A 1 142 ? -11.969 -0.614  -9.400  1.00 18.40 ? 142 TRP A CG  1 
ATOM   1062 C  CD1 . TRP A 1 142 ? -12.108 0.542   -8.700  1.00 19.10 ? 142 TRP A CD1 1 
ATOM   1063 C  CD2 . TRP A 1 142 ? -10.579 -0.750  -9.745  1.00 18.75 ? 142 TRP A CD2 1 
ATOM   1064 N  NE1 . TRP A 1 142 ? -10.900 1.155   -8.557  1.00 20.88 ? 142 TRP A NE1 1 
ATOM   1065 C  CE2 . TRP A 1 142 ? -9.970  0.392   -9.197  1.00 18.02 ? 142 TRP A CE2 1 
ATOM   1066 C  CE3 . TRP A 1 142 ? -9.834  -1.662  -10.517 1.00 19.76 ? 142 TRP A CE3 1 
ATOM   1067 C  CZ2 . TRP A 1 142 ? -8.602  0.626   -9.400  1.00 18.36 ? 142 TRP A CZ2 1 
ATOM   1068 C  CZ3 . TRP A 1 142 ? -8.474  -1.455  -10.650 1.00 20.51 ? 142 TRP A CZ3 1 
ATOM   1069 C  CH2 . TRP A 1 142 ? -7.885  -0.317  -10.110 1.00 18.31 ? 142 TRP A CH2 1 
ATOM   1070 N  N   . LEU A 1 143 ? -11.072 -3.773  -8.026  1.00 19.60 ? 143 LEU A N   1 
ATOM   1071 C  CA  . LEU A 1 143 ? -9.935  -4.724  -8.106  1.00 21.63 ? 143 LEU A CA  1 
ATOM   1072 C  C   . LEU A 1 143 ? -10.457 -6.164  -8.154  1.00 24.57 ? 143 LEU A C   1 
ATOM   1073 O  O   . LEU A 1 143 ? -9.719  -7.032  -8.625  1.00 23.93 ? 143 LEU A O   1 
ATOM   1074 C  CB  . LEU A 1 143 ? -8.991  -4.570  -6.908  1.00 21.59 ? 143 LEU A CB  1 
ATOM   1075 C  CG  . LEU A 1 143 ? -8.047  -3.367  -6.875  1.00 18.93 ? 143 LEU A CG  1 
ATOM   1076 C  CD1 . LEU A 1 143 ? -7.339  -3.299  -5.547  1.00 18.45 ? 143 LEU A CD1 1 
ATOM   1077 C  CD2 . LEU A 1 143 ? -7.014  -3.483  -7.994  1.00 20.11 ? 143 LEU A CD2 1 
ATOM   1078 N  N   . ASP A 1 144 ? -11.651 -6.429  -7.607  1.00 27.40 ? 144 ASP A N   1 
ATOM   1079 C  CA  . ASP A 1 144 ? -12.175 -7.814  -7.447  1.00 33.54 ? 144 ASP A CA  1 
ATOM   1080 C  C   . ASP A 1 144 ? -12.814 -8.356  -8.731  1.00 36.79 ? 144 ASP A C   1 
ATOM   1081 O  O   . ASP A 1 144 ? -13.117 -9.572  -8.721  1.00 39.17 ? 144 ASP A O   1 
ATOM   1082 C  CB  . ASP A 1 144 ? -13.232 -7.899  -6.346  1.00 32.83 ? 144 ASP A CB  1 
ATOM   1083 C  CG  . ASP A 1 144 ? -12.686 -7.672  -4.954  1.00 30.70 ? 144 ASP A CG  1 
ATOM   1084 O  OD1 . ASP A 1 144 ? -11.467 -7.789  -4.780  1.00 35.54 ? 144 ASP A OD1 1 
ATOM   1085 O  OD2 . ASP A 1 144 ? -13.475 -7.248  -4.089  1.00 33.19 ? 144 ASP A OD2 1 
ATOM   1086 N  N   . GLU A 1 145 ? -12.981 -7.542  -9.784  1.00 46.20 ? 145 GLU A N   1 
ATOM   1087 C  CA  . GLU A 1 145 ? -13.680 -7.958  -11.038 1.00 51.01 ? 145 GLU A CA  1 
ATOM   1088 C  C   . GLU A 1 145 ? -12.973 -7.470  -12.317 1.00 53.30 ? 145 GLU A C   1 
ATOM   1089 O  O   . GLU A 1 145 ? -11.990 -6.689  -12.222 1.00 47.63 ? 145 GLU A O   1 
ATOM   1090 C  CB  . GLU A 1 145 ? -15.100 -7.405  -11.016 1.00 55.30 ? 145 GLU A CB  1 
ATOM   1091 C  CG  . GLU A 1 145 ? -15.149 -5.889  -11.134 1.00 56.71 ? 145 GLU A CG  1 
ATOM   1092 C  CD  . GLU A 1 145 ? -16.285 -5.246  -10.362 1.00 61.07 ? 145 GLU A CD  1 
ATOM   1093 O  OE1 . GLU A 1 145 ? -16.549 -4.048  -10.577 1.00 66.67 ? 145 GLU A OE1 1 
ATOM   1094 O  OE2 . GLU A 1 145 ? -16.896 -5.944  -9.541  1.00 67.73 ? 145 GLU A OE2 1 
ATOM   1095 N  N   . GLU A 1 146 ? -13.489 -7.921  -13.469 1.00 63.87 ? 146 GLU A N   1 
ATOM   1096 C  CA  . GLU A 1 146 ? -13.223 -7.384  -14.835 1.00 66.84 ? 146 GLU A CA  1 
ATOM   1097 C  C   . GLU A 1 146 ? -11.713 -7.351  -15.096 1.00 75.66 ? 146 GLU A C   1 
ATOM   1098 O  O   . GLU A 1 146 ? -11.218 -8.065  -15.974 1.00 85.76 ? 146 GLU A O   1 
ATOM   1099 C  CB  . GLU A 1 146 ? -13.909 -6.023  -14.980 1.00 61.90 ? 146 GLU A CB  1 
ATOM   1100 C  CG  . GLU A 1 146 ? -13.034 -4.920  -15.553 1.00 66.63 ? 146 GLU A CG  1 
ATOM   1101 C  CD  . GLU A 1 146 ? -12.858 -4.885  -17.063 1.00 71.00 ? 146 GLU A CD  1 
ATOM   1102 O  OE1 . GLU A 1 146 ? -12.204 -3.936  -17.553 1.00 65.36 ? 146 GLU A OE1 1 
ATOM   1103 O  OE2 . GLU A 1 146 ? -13.372 -5.793  -17.749 1.00 71.83 ? 146 GLU A OE2 1 
HETATM 1104 C  C10 . YG5 B 2 .   ? -10.886 6.205   -8.591  0.50 20.00 ? 201 YG5 A C10 1 
HETATM 1105 C  C13 . YG5 B 2 .   ? -11.576 7.754   -10.790 0.50 20.00 ? 201 YG5 A C13 1 
HETATM 1106 C  C15 . YG5 B 2 .   ? -10.835 5.693   -9.890  0.50 20.00 ? 201 YG5 A C15 1 
HETATM 1107 C  C01 . YG5 B 2 .   ? -10.033 1.532   -12.562 0.50 20.00 ? 201 YG5 A C01 1 
HETATM 1108 N  N02 . YG5 B 2 .   ? -11.363 1.686   -12.082 0.50 20.00 ? 201 YG5 A N02 1 
HETATM 1109 C  C03 . YG5 B 2 .   ? -12.223 0.607   -12.572 0.50 20.00 ? 201 YG5 A C03 1 
HETATM 1110 C  C04 . YG5 B 2 .   ? -11.521 2.749   -11.274 0.50 20.00 ? 201 YG5 A C04 1 
HETATM 1111 O  O05 . YG5 B 2 .   ? -12.606 3.051   -10.775 0.50 20.00 ? 201 YG5 A O05 1 
HETATM 1112 C  C06 . YG5 B 2 .   ? -10.239 3.422   -10.805 0.50 20.00 ? 201 YG5 A C06 1 
HETATM 1113 N  N07 . YG5 B 2 .   ? -10.504 4.385   -9.779  0.50 20.00 ? 201 YG5 A N07 1 
HETATM 1114 N  N08 . YG5 B 2 .   ? -10.362 4.014   -8.476  0.50 20.00 ? 201 YG5 A N08 1 
HETATM 1115 C  C09 . YG5 B 2 .   ? -10.623 5.085   -7.762  0.50 20.00 ? 201 YG5 A C09 1 
HETATM 1116 C  C11 . YG5 B 2 .   ? -11.162 7.555   -8.409  0.50 20.00 ? 201 YG5 A C11 1 
HETATM 1117 C  C12 . YG5 B 2 .   ? -11.591 8.303   -9.527  0.50 20.00 ? 201 YG5 A C12 1 
HETATM 1118 C  C14 . YG5 B 2 .   ? -11.148 6.460   -10.978 0.50 20.00 ? 201 YG5 A C14 1 
HETATM 1119 ZN ZN  . ZN  C 3 .   ? -10.195 -7.164  7.871   1.00 14.55 ? 202 ZN  A ZN  1 
HETATM 1120 S  S   . DMS D 4 .   ? -7.146  -14.284 2.489   1.00 38.68 ? 203 DMS A S   1 
HETATM 1121 O  O   . DMS D 4 .   ? -7.156  -15.718 1.952   1.00 46.63 ? 203 DMS A O   1 
HETATM 1122 C  C1  . DMS D 4 .   ? -7.328  -14.454 4.260   1.00 34.62 ? 203 DMS A C1  1 
HETATM 1123 C  C2  . DMS D 4 .   ? -5.461  -13.794 2.412   1.00 33.37 ? 203 DMS A C2  1 
HETATM 1124 S  S   . DMS E 4 .   ? -4.269  12.240  -7.829  0.50 40.60 ? 204 DMS A S   1 
HETATM 1125 O  O   . DMS E 4 .   ? -3.544  12.670  -6.765  0.50 34.37 ? 204 DMS A O   1 
HETATM 1126 C  C1  . DMS E 4 .   ? -5.960  12.190  -7.372  0.50 43.15 ? 204 DMS A C1  1 
HETATM 1127 C  C2  . DMS E 4 .   ? -4.378  13.595  -9.006  0.50 38.51 ? 204 DMS A C2  1 
HETATM 1128 S  S   . DMS F 4 .   ? 8.489   -11.544 1.409   1.00 80.02 ? 205 DMS A S   1 
HETATM 1129 O  O   . DMS F 4 .   ? 9.602   -12.244 2.151   1.00 70.13 ? 205 DMS A O   1 
HETATM 1130 C  C1  . DMS F 4 .   ? 7.727   -12.776 0.362   1.00 78.60 ? 205 DMS A C1  1 
HETATM 1131 C  C2  . DMS F 4 .   ? 7.166   -11.366 2.567   1.00 74.86 ? 205 DMS A C2  1 
HETATM 1132 S  S   . DMS G 4 .   ? 6.803   -0.956  17.981  1.00 50.75 ? 206 DMS A S   1 
HETATM 1133 O  O   . DMS G 4 .   ? 7.712   -0.076  17.177  1.00 40.33 ? 206 DMS A O   1 
HETATM 1134 C  C1  . DMS G 4 .   ? 7.461   -2.598  17.849  1.00 49.84 ? 206 DMS A C1  1 
HETATM 1135 C  C2  . DMS G 4 .   ? 7.208   -0.658  19.694  1.00 48.44 ? 206 DMS A C2  1 
HETATM 1136 S  S   . DMS H 4 .   ? 11.737  13.281  -4.359  1.00 56.43 ? 207 DMS A S   1 
HETATM 1137 O  O   . DMS H 4 .   ? 11.070  13.772  -5.622  1.00 73.48 ? 207 DMS A O   1 
HETATM 1138 C  C1  . DMS H 4 .   ? 13.440  13.766  -4.513  1.00 64.32 ? 207 DMS A C1  1 
HETATM 1139 C  C2  . DMS H 4 .   ? 11.288  14.441  -3.111  1.00 59.47 ? 207 DMS A C2  1 
HETATM 1140 S  S   . SO4 I 5 .   ? 0.995   22.281  6.414   1.00 59.00 ? 208 SO4 A S   1 
HETATM 1141 O  O1  . SO4 I 5 .   ? 0.032   23.321  6.177   1.00 56.36 ? 208 SO4 A O1  1 
HETATM 1142 O  O2  . SO4 I 5 .   ? 0.324   21.112  6.923   1.00 61.11 ? 208 SO4 A O2  1 
HETATM 1143 O  O3  . SO4 I 5 .   ? 1.966   22.735  7.370   1.00 58.97 ? 208 SO4 A O3  1 
HETATM 1144 O  O4  . SO4 I 5 .   ? 1.662   21.947  5.187   1.00 61.20 ? 208 SO4 A O4  1 
HETATM 1145 O  O   . HOH J 6 .   ? -3.758  -12.416 -19.372 1.00 69.92 ? 301 HOH A O   1 
HETATM 1146 O  O   . HOH J 6 .   ? -2.820  21.684  7.254   1.00 63.36 ? 302 HOH A O   1 
HETATM 1147 O  O   . HOH J 6 .   ? 12.206  -11.853 4.426   1.00 45.08 ? 303 HOH A O   1 
HETATM 1148 O  O   . HOH J 6 .   ? 6.952   10.125  8.118   1.00 21.43 ? 304 HOH A O   1 
HETATM 1149 O  O   . HOH J 6 .   ? -6.112  -13.133 -6.810  1.00 29.85 ? 305 HOH A O   1 
HETATM 1150 O  O   . HOH J 6 .   ? -6.107  -6.148  -16.053 1.00 44.54 ? 306 HOH A O   1 
HETATM 1151 O  O   . HOH J 6 .   ? -8.477  -9.066  -12.766 1.00 33.75 ? 307 HOH A O   1 
HETATM 1152 O  O   . HOH J 6 .   ? 11.824  14.367  6.498   1.00 46.70 ? 308 HOH A O   1 
HETATM 1153 O  O   . HOH J 6 .   ? 16.297  0.501   4.109   1.00 30.24 ? 309 HOH A O   1 
HETATM 1154 O  O   . HOH J 6 .   ? 4.866   19.001  -1.256  1.00 46.18 ? 310 HOH A O   1 
HETATM 1155 O  O   . HOH J 6 .   ? -8.614  8.309   10.756  1.00 39.52 ? 311 HOH A O   1 
HETATM 1156 O  O   . HOH J 6 .   ? 13.445  9.305   3.342   1.00 42.15 ? 312 HOH A O   1 
HETATM 1157 O  O   . HOH J 6 .   ? 1.672   -10.026 -3.640  1.00 24.25 ? 313 HOH A O   1 
HETATM 1158 O  O   . HOH J 6 .   ? 8.165   -1.539  -8.860  1.00 38.19 ? 314 HOH A O   1 
HETATM 1159 O  O   . HOH J 6 .   ? -0.211  16.010  -1.755  1.00 54.19 ? 315 HOH A O   1 
HETATM 1160 O  O   . HOH J 6 .   ? 3.670   12.390  -7.433  1.00 30.32 ? 316 HOH A O   1 
HETATM 1161 O  O   . HOH J 6 .   ? -0.236  -13.721 -5.345  1.00 21.78 ? 317 HOH A O   1 
HETATM 1162 O  O   . HOH J 6 .   ? -11.554 6.582   7.310   1.00 34.76 ? 318 HOH A O   1 
HETATM 1163 O  O   . HOH J 6 .   ? 12.645  -8.861  1.945   1.00 24.72 ? 319 HOH A O   1 
HETATM 1164 O  O   . HOH J 6 .   ? -6.785  -18.367 -11.842 1.00 51.78 ? 320 HOH A O   1 
HETATM 1165 O  O   . HOH J 6 .   ? -17.761 0.090   9.017   1.00 32.82 ? 321 HOH A O   1 
HETATM 1166 O  O   . HOH J 6 .   ? 11.935  14.754  -0.341  1.00 56.44 ? 322 HOH A O   1 
HETATM 1167 O  O   . HOH J 6 .   ? -12.920 -4.059  -12.361 1.00 49.70 ? 323 HOH A O   1 
HETATM 1168 O  O   . HOH J 6 .   ? -2.094  11.312  -10.000 1.00 25.65 ? 324 HOH A O   1 
HETATM 1169 O  O   . HOH J 6 .   ? -4.557  9.105   -14.546 1.00 30.51 ? 325 HOH A O   1 
HETATM 1170 O  O   . HOH J 6 .   ? -11.490 -12.642 2.442   1.00 35.66 ? 326 HOH A O   1 
HETATM 1171 O  O   . HOH J 6 .   ? -16.825 -1.449  -10.773 1.00 42.08 ? 327 HOH A O   1 
HETATM 1172 O  O   . HOH J 6 .   ? -5.055  7.517   9.282   1.00 23.76 ? 328 HOH A O   1 
HETATM 1173 O  O   . HOH J 6 .   ? 6.460   -8.334  -7.281  1.00 32.75 ? 329 HOH A O   1 
HETATM 1174 O  O   . HOH J 6 .   ? -9.970  -8.716  -10.629 1.00 56.80 ? 330 HOH A O   1 
HETATM 1175 O  O   . HOH J 6 .   ? -9.495  4.172   1.624   1.00 19.22 ? 331 HOH A O   1 
HETATM 1176 O  O   . HOH J 6 .   ? 5.585   -0.980  -4.700  1.00 15.16 ? 332 HOH A O   1 
HETATM 1177 O  O   . HOH J 6 .   ? 9.538   9.727   -6.395  1.00 25.74 ? 333 HOH A O   1 
HETATM 1178 O  O   . HOH J 6 .   ? -15.369 -8.966  -3.381  1.00 27.82 ? 334 HOH A O   1 
HETATM 1179 O  O   . HOH J 6 .   ? 8.805   5.086   -10.651 1.00 37.30 ? 335 HOH A O   1 
HETATM 1180 O  O   . HOH J 6 .   ? -8.367  -14.289 -10.196 1.00 45.36 ? 336 HOH A O   1 
HETATM 1181 O  O   . HOH J 6 .   ? -5.664  -15.140 -1.763  1.00 26.45 ? 337 HOH A O   1 
HETATM 1182 O  O   . HOH J 6 .   ? 14.116  -12.639 9.818   1.00 40.43 ? 338 HOH A O   1 
HETATM 1183 O  O   . HOH J 6 .   ? 9.726   17.381  5.913   1.00 33.00 ? 339 HOH A O   1 
HETATM 1184 O  O   . HOH J 6 .   ? -11.725 1.469   8.022   1.00 22.82 ? 340 HOH A O   1 
HETATM 1185 O  O   . HOH J 6 .   ? 4.568   -4.719  16.249  1.00 25.31 ? 341 HOH A O   1 
HETATM 1186 O  O   . HOH J 6 .   ? -9.947  -9.788  -3.860  1.00 22.91 ? 342 HOH A O   1 
HETATM 1187 O  O   . HOH J 6 .   ? -8.776  -7.530  -15.012 1.00 53.35 ? 343 HOH A O   1 
HETATM 1188 O  O   . HOH J 6 .   ? -12.624 5.699   -0.446  1.00 37.09 ? 344 HOH A O   1 
HETATM 1189 O  O   . HOH J 6 .   ? 12.549  -6.607  15.509  1.00 26.28 ? 345 HOH A O   1 
HETATM 1190 O  O   . HOH J 6 .   ? 3.355   -1.493  17.224  1.00 24.50 ? 346 HOH A O   1 
HETATM 1191 O  O   . HOH J 6 .   ? 1.691   -5.329  -14.821 1.00 34.51 ? 347 HOH A O   1 
HETATM 1192 O  O   . HOH J 6 .   ? -0.670  3.136   -20.585 1.00 23.05 ? 348 HOH A O   1 
HETATM 1193 O  O   . HOH J 6 .   ? 9.805   -6.848  -4.144  1.00 42.60 ? 349 HOH A O   1 
HETATM 1194 O  O   . HOH J 6 .   ? 7.387   -3.964  -14.247 1.00 29.21 ? 350 HOH A O   1 
HETATM 1195 O  O   . HOH J 6 .   ? -10.831 -1.966  -14.156 1.00 42.71 ? 351 HOH A O   1 
HETATM 1196 O  O   . HOH J 6 .   ? 2.642   14.304  10.221  1.00 29.34 ? 352 HOH A O   1 
HETATM 1197 O  O   . HOH J 6 .   ? -3.169  -17.064 -14.548 1.00 34.61 ? 353 HOH A O   1 
HETATM 1198 O  O   . HOH J 6 .   ? 10.103  -0.884  -9.076  1.00 33.95 ? 354 HOH A O   1 
HETATM 1199 O  O   . HOH J 6 .   ? 4.719   -4.311  -14.771 1.00 29.63 ? 355 HOH A O   1 
HETATM 1200 O  O   . HOH J 6 .   ? 12.719  9.129   11.401  1.00 34.95 ? 356 HOH A O   1 
HETATM 1201 O  O   . HOH J 6 .   ? 4.965   15.606  11.149  1.00 26.72 ? 357 HOH A O   1 
HETATM 1202 O  O   . HOH J 6 .   ? -7.294  10.941  -3.712  1.00 59.16 ? 358 HOH A O   1 
HETATM 1203 O  O   . HOH J 6 .   ? 11.897  2.925   13.382  1.00 34.25 ? 359 HOH A O   1 
HETATM 1204 O  O   . HOH J 6 .   ? -8.516  2.199   -16.886 1.00 38.09 ? 360 HOH A O   1 
HETATM 1205 O  O   . HOH J 6 .   ? -11.142 1.347   3.390   1.00 17.25 ? 361 HOH A O   1 
HETATM 1206 O  O   . HOH J 6 .   ? -12.071 0.165   5.594   1.00 18.14 ? 362 HOH A O   1 
HETATM 1207 O  O   . HOH J 6 .   ? 8.628   -5.547  1.044   1.00 19.06 ? 363 HOH A O   1 
HETATM 1208 O  O   . HOH J 6 .   ? 7.352   5.359   -19.002 1.00 25.60 ? 364 HOH A O   1 
HETATM 1209 O  O   . HOH J 6 .   ? 0.278   0.937   16.199  1.00 14.96 ? 365 HOH A O   1 
HETATM 1210 O  O   . HOH J 6 .   ? 8.444   -4.054  3.493   1.00 13.25 ? 366 HOH A O   1 
HETATM 1211 O  O   . HOH J 6 .   ? 10.545  3.582   -1.820  1.00 21.68 ? 367 HOH A O   1 
HETATM 1212 O  O   . HOH J 6 .   ? -6.230  -15.836 -9.161  1.00 54.14 ? 368 HOH A O   1 
HETATM 1213 O  O   . HOH J 6 .   ? -2.290  6.182   0.466   1.00 18.94 ? 369 HOH A O   1 
HETATM 1214 O  O   . HOH J 6 .   ? -9.282  0.711   9.040   1.00 19.15 ? 370 HOH A O   1 
HETATM 1215 O  O   . HOH J 6 .   ? 6.934   -9.881  14.943  1.00 28.52 ? 371 HOH A O   1 
HETATM 1216 O  O   . HOH J 6 .   ? 8.793   4.599   -14.087 1.00 26.13 ? 372 HOH A O   1 
HETATM 1217 O  O   . HOH J 6 .   ? 14.790  -7.710  2.883   1.00 30.68 ? 373 HOH A O   1 
HETATM 1218 O  O   . HOH J 6 .   ? 15.442  2.195   2.261   1.00 26.52 ? 374 HOH A O   1 
HETATM 1219 O  O   . HOH J 6 .   ? -8.013  -15.353 7.717   1.00 31.20 ? 375 HOH A O   1 
HETATM 1220 O  O   . HOH J 6 .   ? 18.139  -2.918  7.891   1.00 16.25 ? 376 HOH A O   1 
HETATM 1221 O  O   . HOH J 6 .   ? -13.083 -11.261 -6.512  1.00 58.55 ? 377 HOH A O   1 
HETATM 1222 O  O   . HOH J 6 .   ? 8.042   10.834  6.031   1.00 24.12 ? 378 HOH A O   1 
HETATM 1223 O  O   . HOH J 6 .   ? 0.618   15.069  -5.892  1.00 45.80 ? 379 HOH A O   1 
HETATM 1224 O  O   . HOH J 6 .   ? 4.605   8.903   -7.704  1.00 21.66 ? 380 HOH A O   1 
HETATM 1225 O  O   . HOH J 6 .   ? 8.264   2.682   16.521  1.00 22.21 ? 381 HOH A O   1 
HETATM 1226 O  O   . HOH J 6 .   ? 5.975   9.164   10.261  1.00 22.19 ? 382 HOH A O   1 
HETATM 1227 O  O   . HOH J 6 .   ? -9.986  -4.192  14.074  1.00 28.69 ? 383 HOH A O   1 
HETATM 1228 O  O   . HOH J 6 .   ? 6.473   6.213   -11.283 1.00 27.43 ? 384 HOH A O   1 
HETATM 1229 O  O   . HOH J 6 .   ? -16.256 -7.701  6.290   1.00 26.78 ? 385 HOH A O   1 
HETATM 1230 O  O   . HOH J 6 .   ? -4.343  4.401   -0.858  1.00 15.53 ? 386 HOH A O   1 
HETATM 1231 O  O   . HOH J 6 .   ? 9.513   -1.496  -17.335 1.00 24.34 ? 387 HOH A O   1 
HETATM 1232 O  O   . HOH J 6 .   ? 12.121  -0.619  -2.806  1.00 29.03 ? 388 HOH A O   1 
HETATM 1233 O  O   . HOH J 6 .   ? -2.278  -10.229 -10.471 1.00 27.65 ? 389 HOH A O   1 
HETATM 1234 O  O   . HOH J 6 .   ? -0.261  -11.782 -11.718 1.00 28.21 ? 390 HOH A O   1 
HETATM 1235 O  O   . HOH J 6 .   ? 5.262   20.936  1.228   1.00 50.00 ? 391 HOH A O   1 
HETATM 1236 O  O   . HOH J 6 .   ? 1.563   -12.100 -15.270 1.00 44.79 ? 392 HOH A O   1 
HETATM 1237 O  O   . HOH J 6 .   ? 9.424   4.018   11.108  1.00 20.94 ? 393 HOH A O   1 
HETATM 1238 O  O   . HOH J 6 .   ? -4.261  -12.556 8.121   1.00 29.86 ? 394 HOH A O   1 
HETATM 1239 O  O   . HOH J 6 .   ? 17.210  0.431   10.701  1.00 19.64 ? 395 HOH A O   1 
HETATM 1240 O  O   . HOH J 6 .   ? -12.456 4.543   -4.051  1.00 29.26 ? 396 HOH A O   1 
HETATM 1241 O  O   . HOH J 6 .   ? 8.271   -12.514 10.904  1.00 25.39 ? 397 HOH A O   1 
HETATM 1242 O  O   . HOH J 6 .   ? 4.564   8.234   0.585   1.00 20.80 ? 398 HOH A O   1 
HETATM 1243 O  O   . HOH J 6 .   ? 1.822   -1.093  -23.858 1.00 28.86 ? 399 HOH A O   1 
HETATM 1244 O  O   . HOH J 6 .   ? -9.000  5.517   12.968  1.00 24.66 ? 400 HOH A O   1 
HETATM 1245 O  O   . HOH J 6 .   ? 5.752   9.919   15.120  1.00 25.70 ? 401 HOH A O   1 
HETATM 1246 O  O   . HOH J 6 .   ? 6.442   12.961  11.357  1.00 25.18 ? 402 HOH A O   1 
HETATM 1247 O  O   . HOH J 6 .   ? -0.323  11.503  -13.208 1.00 24.97 ? 403 HOH A O   1 
HETATM 1248 O  O   . HOH J 6 .   ? -15.284 -5.058  9.168   1.00 19.90 ? 404 HOH A O   1 
HETATM 1249 O  O   . HOH J 6 .   ? 4.242   -7.194  -1.465  1.00 23.06 ? 405 HOH A O   1 
HETATM 1250 O  O   . HOH J 6 .   ? 0.399   18.350  -0.079  1.00 39.89 ? 406 HOH A O   1 
HETATM 1251 O  O   . HOH J 6 .   ? -8.402  9.865   2.760   1.00 24.53 ? 407 HOH A O   1 
HETATM 1252 O  O   . HOH J 6 .   ? 12.702  5.141   9.486   1.00 28.98 ? 408 HOH A O   1 
HETATM 1253 O  O   . HOH J 6 .   ? -12.288 -2.133  13.575  1.00 47.89 ? 409 HOH A O   1 
HETATM 1254 O  O   . HOH J 6 .   ? -10.975 4.348   14.817  1.00 37.70 ? 410 HOH A O   1 
HETATM 1255 O  O   . HOH J 6 .   ? -15.704 -9.906  9.833   1.00 41.89 ? 411 HOH A O   1 
HETATM 1256 O  O   . HOH J 6 .   ? -13.714 -9.154  3.243   1.00 20.19 ? 412 HOH A O   1 
HETATM 1257 O  O   . HOH J 6 .   ? -5.417  10.508  -10.455 1.00 51.88 ? 413 HOH A O   1 
HETATM 1258 O  O   . HOH J 6 .   ? -1.658  1.165   -22.534 1.00 30.42 ? 414 HOH A O   1 
HETATM 1259 O  O   . HOH J 6 .   ? 6.391   12.478  1.942   1.00 21.82 ? 415 HOH A O   1 
HETATM 1260 O  O   . HOH J 6 .   ? -9.301  12.388  6.124   1.00 37.89 ? 416 HOH A O   1 
HETATM 1261 O  O   . HOH J 6 .   ? 11.993  -4.362  -0.280  1.00 32.16 ? 417 HOH A O   1 
HETATM 1262 O  O   . HOH J 6 .   ? 2.073   -9.259  5.682   1.00 20.06 ? 418 HOH A O   1 
HETATM 1263 O  O   . HOH J 6 .   ? 1.493   -12.225 0.144   1.00 31.88 ? 419 HOH A O   1 
HETATM 1264 O  O   . HOH J 6 .   ? 5.751   -8.117  -11.817 1.00 37.17 ? 420 HOH A O   1 
HETATM 1265 O  O   . HOH J 6 .   ? 5.544   -2.505  14.668  1.00 21.21 ? 421 HOH A O   1 
HETATM 1266 O  O   . HOH J 6 .   ? -3.526  2.947   -20.234 1.00 35.01 ? 422 HOH A O   1 
HETATM 1267 O  O   . HOH J 6 .   ? 8.801   4.154   4.076   1.00 20.09 ? 423 HOH A O   1 
HETATM 1268 O  O   . HOH J 6 .   ? -0.704  -6.768  -19.450 1.00 45.86 ? 424 HOH A O   1 
HETATM 1269 O  O   . HOH J 6 .   ? -9.756  -15.508 -0.279  1.00 41.74 ? 425 HOH A O   1 
HETATM 1270 O  O   . HOH J 6 .   ? -9.369  7.459   -4.878  1.00 30.96 ? 426 HOH A O   1 
HETATM 1271 O  O   . HOH J 6 .   ? 4.424   8.867   7.876   1.00 23.37 ? 427 HOH A O   1 
HETATM 1272 O  O   . HOH J 6 .   ? 18.612  -0.167  7.857   1.00 21.47 ? 428 HOH A O   1 
HETATM 1273 O  O   . HOH J 6 .   ? -2.339  -7.087  15.097  1.00 30.79 ? 429 HOH A O   1 
HETATM 1274 O  O   . HOH J 6 .   ? 8.060   -2.598  13.577  1.00 17.05 ? 430 HOH A O   1 
HETATM 1275 O  O   . HOH J 6 .   ? 0.629   -1.593  16.994  1.00 22.53 ? 431 HOH A O   1 
HETATM 1276 O  O   . HOH J 6 .   ? -4.644  -12.657 0.233   1.00 27.20 ? 432 HOH A O   1 
HETATM 1277 O  O   . HOH J 6 .   ? -17.384 -3.834  10.331  1.00 29.66 ? 433 HOH A O   1 
HETATM 1278 O  O   . HOH J 6 .   ? 12.859  -2.540  14.716  1.00 29.85 ? 434 HOH A O   1 
HETATM 1279 O  O   . HOH J 6 .   ? 2.898   11.173  8.845   1.00 23.32 ? 435 HOH A O   1 
HETATM 1280 O  O   . HOH J 6 .   ? 1.181   -5.228  18.279  1.00 39.92 ? 436 HOH A O   1 
HETATM 1281 O  O   . HOH J 6 .   ? -1.326  -13.394 0.279   1.00 38.50 ? 437 HOH A O   1 
HETATM 1282 O  O   . HOH J 6 .   ? 4.028   11.499  1.193   1.00 33.69 ? 438 HOH A O   1 
HETATM 1283 O  O   . HOH J 6 .   ? 11.305  6.152   -6.366  1.00 50.24 ? 439 HOH A O   1 
HETATM 1284 O  O   . HOH J 6 .   ? 15.993  12.443  -3.198  1.00 56.83 ? 440 HOH A O   1 
HETATM 1285 O  O   . HOH J 6 .   ? 3.996   -10.643 3.224   1.00 24.93 ? 441 HOH A O   1 
HETATM 1286 O  O   . HOH J 6 .   ? 14.993  2.676   -1.352  1.00 43.12 ? 442 HOH A O   1 
HETATM 1287 O  O   . HOH J 6 .   ? 9.585   19.067  1.448   1.00 24.13 ? 443 HOH A O   1 
HETATM 1288 O  O   . HOH J 6 .   ? 4.781   -8.371  1.623   1.00 19.76 ? 444 HOH A O   1 
HETATM 1289 O  O   . HOH J 6 .   ? -15.922 -5.796  -5.014  1.00 35.12 ? 445 HOH A O   1 
HETATM 1290 O  O   . HOH J 6 .   ? 11.406  5.315   12.083  1.00 28.10 ? 446 HOH A O   1 
HETATM 1291 O  O   . HOH J 6 .   ? 16.729  4.544   2.463   1.00 28.91 ? 447 HOH A O   1 
HETATM 1292 O  O   . HOH J 6 .   ? 14.067  8.510   -4.495  1.00 49.48 ? 448 HOH A O   1 
HETATM 1293 O  O   . HOH J 6 .   ? 5.608   -8.435  -4.615  1.00 27.37 ? 449 HOH A O   1 
HETATM 1294 O  O   . HOH J 6 .   ? -8.472  -11.007 13.645  1.00 51.91 ? 450 HOH A O   1 
HETATM 1295 O  O   . HOH J 6 .   ? 5.541   12.080  8.653   1.00 25.13 ? 451 HOH A O   1 
HETATM 1296 O  O   . HOH J 6 .   ? 2.080   -9.376  -16.729 1.00 42.13 ? 452 HOH A O   1 
HETATM 1297 O  O   . HOH J 6 .   ? 7.188   -4.616  -7.332  1.00 26.76 ? 453 HOH A O   1 
HETATM 1298 O  O   . HOH J 6 .   ? 7.773   -2.221  -5.824  1.00 19.16 ? 454 HOH A O   1 
HETATM 1299 O  O   . HOH J 6 .   ? 6.777   9.665   1.735   1.00 24.22 ? 455 HOH A O   1 
HETATM 1300 O  O   . HOH J 6 .   ? -6.000  7.057   -13.316 1.00 24.39 ? 456 HOH A O   1 
HETATM 1301 O  O   . HOH J 6 .   ? -2.279  -5.199  17.309  1.00 39.71 ? 457 HOH A O   1 
HETATM 1302 O  O   . HOH J 6 .   ? 11.315  1.203   -15.348 1.00 28.09 ? 458 HOH A O   1 
HETATM 1303 O  O   . HOH J 6 .   ? 15.214  -7.697  14.480  1.00 27.52 ? 459 HOH A O   1 
HETATM 1304 O  O   . HOH J 6 .   ? 18.256  -11.537 1.601   1.00 46.15 ? 460 HOH A O   1 
HETATM 1305 O  O   . HOH J 6 .   ? -6.863  -9.120  11.516  1.00 27.90 ? 461 HOH A O   1 
HETATM 1306 O  O   . HOH J 6 .   ? -9.456  -11.369 -13.630 1.00 42.29 ? 462 HOH A O   1 
HETATM 1307 O  O   . HOH J 6 .   ? 10.824  10.475  6.414   1.00 37.42 ? 463 HOH A O   1 
HETATM 1308 O  O   . HOH J 6 .   ? 7.795   8.561   4.247   1.00 21.25 ? 464 HOH A O   1 
HETATM 1309 O  O   . HOH J 6 .   ? -9.650  7.887   3.319   1.00 35.93 ? 465 HOH A O   1 
HETATM 1310 O  O   . HOH J 6 .   ? -15.080 1.310   -5.547  1.00 28.09 ? 466 HOH A O   1 
HETATM 1311 O  O   . HOH J 6 .   ? 12.531  5.055   -2.788  1.00 34.36 ? 467 HOH A O   1 
HETATM 1312 O  O   . HOH J 6 .   ? -5.500  -14.654 -16.987 1.00 47.89 ? 468 HOH A O   1 
HETATM 1313 O  O   . HOH J 6 .   ? 6.096   0.649   -24.538 1.00 31.94 ? 469 HOH A O   1 
HETATM 1314 O  O   . HOH J 6 .   ? -15.459 1.813   -9.973  1.00 36.03 ? 470 HOH A O   1 
HETATM 1315 O  O   . HOH J 6 .   ? 0.883   -13.732 -7.230  1.00 36.20 ? 471 HOH A O   1 
HETATM 1316 O  O   . HOH J 6 .   ? 16.948  4.433   5.448   1.00 35.33 ? 472 HOH A O   1 
HETATM 1317 O  O   . HOH J 6 .   ? -3.750  -12.988 4.479   1.00 43.23 ? 473 HOH A O   1 
HETATM 1318 O  O   . HOH J 6 .   ? 9.133   -3.592  -9.795  1.00 31.65 ? 474 HOH A O   1 
HETATM 1319 O  O   . HOH J 6 .   ? 10.008  6.727   4.404   1.00 30.20 ? 475 HOH A O   1 
HETATM 1320 O  O   . HOH J 6 .   ? -15.328 0.411   -7.636  0.26 33.34 ? 476 HOH A O   1 
HETATM 1321 O  O   . HOH J 6 .   ? -2.643  24.129  8.128   1.00 39.79 ? 477 HOH A O   1 
HETATM 1322 O  O   . HOH J 6 .   ? 1.687   16.006  -3.716  1.00 33.46 ? 478 HOH A O   1 
HETATM 1323 O  O   . HOH J 6 .   ? -12.869 2.822   -6.009  1.00 31.68 ? 479 HOH A O   1 
HETATM 1324 O  O   . HOH J 6 .   ? -3.746  15.418  -1.088  1.00 44.39 ? 480 HOH A O   1 
HETATM 1325 O  O   . HOH J 6 .   ? 9.828   -13.664 8.975   1.00 40.38 ? 481 HOH A O   1 
HETATM 1326 O  O   . HOH J 6 .   ? 8.598   -4.964  -12.037 1.00 43.87 ? 482 HOH A O   1 
HETATM 1327 O  O   . HOH J 6 .   ? 8.308   11.272  9.287   1.00 37.70 ? 483 HOH A O   1 
HETATM 1328 O  O   . HOH J 6 .   ? -6.077  14.072  -1.688  1.00 43.76 ? 484 HOH A O   1 
HETATM 1329 O  O   . HOH J 6 .   ? 10.348  15.005  10.613  1.00 49.50 ? 485 HOH A O   1 
HETATM 1330 O  O   . HOH J 6 .   ? 10.412  1.616   15.507  1.00 28.91 ? 486 HOH A O   1 
HETATM 1331 O  O   . HOH J 6 .   ? -8.004  6.039   -14.186 1.00 48.69 ? 487 HOH A O   1 
HETATM 1332 O  O   . HOH J 6 .   ? -13.368 -5.912  11.129  1.00 21.27 ? 488 HOH A O   1 
HETATM 1333 O  O   . HOH J 6 .   ? 13.124  6.546   7.505   1.00 52.71 ? 489 HOH A O   1 
HETATM 1334 O  O   . HOH J 6 .   ? -4.177  -16.463 -16.718 1.00 39.61 ? 490 HOH A O   1 
HETATM 1335 O  O   . HOH J 6 .   ? 2.421   20.013  -0.587  1.00 42.44 ? 491 HOH A O   1 
HETATM 1336 O  O   . HOH J 6 .   ? -13.139 -4.569  13.203  1.00 42.13 ? 492 HOH A O   1 
HETATM 1337 O  O   . HOH J 6 .   ? 11.467  3.357   -10.949 1.00 51.98 ? 493 HOH A O   1 
HETATM 1338 O  O   . HOH J 6 .   ? 19.102  -13.741 3.305   1.00 63.52 ? 494 HOH A O   1 
HETATM 1339 O  O   . HOH J 6 .   ? 10.330  12.164  8.307   1.00 58.53 ? 495 HOH A O   1 
HETATM 1340 O  O   . HOH J 6 .   ? 3.561   -8.469  -12.787 1.00 49.52 ? 496 HOH A O   1 
HETATM 1341 O  O   . HOH J 6 .   ? -12.496 -15.591 8.982   1.00 68.40 ? 497 HOH A O   1 
HETATM 1342 O  O   . HOH J 6 .   ? -14.047 -8.391  12.041  1.00 48.53 ? 498 HOH A O   1 
HETATM 1343 O  O   . HOH J 6 .   ? 12.774  2.144   -2.712  1.00 40.11 ? 499 HOH A O   1 
HETATM 1344 O  O   . HOH J 6 .   ? -8.255  -18.251 -0.708  1.00 42.80 ? 500 HOH A O   1 
HETATM 1345 O  O   . HOH J 6 .   ? 12.112  7.155   16.427  1.00 46.79 ? 501 HOH A O   1 
HETATM 1346 O  O   . HOH J 6 .   ? 19.016  -14.138 5.936   1.00 43.37 ? 502 HOH A O   1 
HETATM 1347 O  O   . HOH J 6 .   ? 11.612  8.081   5.564   1.00 34.78 ? 503 HOH A O   1 
HETATM 1348 O  O   . HOH J 6 .   ? 10.219  -2.654  15.277  1.00 29.86 ? 504 HOH A O   1 
HETATM 1349 O  O   . HOH J 6 .   ? -11.675 3.936   3.780   1.00 30.05 ? 505 HOH A O   1 
HETATM 1350 O  O   . HOH J 6 .   ? -0.522  -16.918 -18.058 1.00 51.06 ? 506 HOH A O   1 
HETATM 1351 O  O   . HOH J 6 .   ? 5.013   10.873  12.408  1.00 25.20 ? 507 HOH A O   1 
HETATM 1352 O  O   . HOH J 6 .   ? 13.216  9.775   9.405   1.00 48.37 ? 508 HOH A O   1 
HETATM 1353 O  O   . HOH J 6 .   ? -4.905  18.723  3.867   1.00 65.71 ? 509 HOH A O   1 
HETATM 1354 O  O   . HOH J 6 .   ? 1.919   -10.743 -13.132 1.00 34.56 ? 510 HOH A O   1 
HETATM 1355 O  O   . HOH J 6 .   ? 2.393   11.719  11.520  1.00 23.31 ? 511 HOH A O   1 
HETATM 1356 O  O   . HOH J 6 .   ? 7.114   9.445   -8.124  1.00 29.25 ? 512 HOH A O   1 
HETATM 1357 O  O   . HOH J 6 .   ? 12.173  17.081  6.613   1.00 47.37 ? 513 HOH A O   1 
HETATM 1358 O  O   . HOH J 6 .   ? -15.492 -0.162  -12.324 1.00 42.33 ? 514 HOH A O   1 
HETATM 1359 O  O   . HOH J 6 .   ? -12.534 4.223   7.046   1.00 34.49 ? 515 HOH A O   1 
HETATM 1360 O  O   . HOH J 6 .   ? 10.229  -4.680  17.355  1.00 36.94 ? 516 HOH A O   1 
HETATM 1361 O  O   . HOH J 6 .   ? 10.339  -1.708  -6.599  1.00 27.96 ? 517 HOH A O   1 
HETATM 1362 O  O   . HOH J 6 .   ? 10.061  19.670  4.006   1.00 46.21 ? 518 HOH A O   1 
HETATM 1363 O  O   . HOH J 6 .   ? 1.650   -13.187 -9.490  1.00 51.87 ? 519 HOH A O   1 
HETATM 1364 O  O   . HOH J 6 .   ? 17.040  -11.880 9.877   1.00 29.26 ? 520 HOH A O   1 
HETATM 1365 O  O   . HOH J 6 .   ? 12.129  14.173  8.832   1.00 55.70 ? 521 HOH A O   1 
HETATM 1366 O  O   . HOH J 6 .   ? 6.011   -6.023  17.774  1.00 41.37 ? 522 HOH A O   1 
HETATM 1367 O  O   . HOH J 6 .   ? 15.470  -14.236 7.450   1.00 50.86 ? 523 HOH A O   1 
HETATM 1368 O  O   . HOH J 6 .   ? 3.793   -0.576  -25.037 1.00 36.33 ? 524 HOH A O   1 
HETATM 1369 O  O   . HOH J 6 .   ? 12.690  -0.581  -5.297  1.00 35.61 ? 525 HOH A O   1 
HETATM 1370 O  O   . HOH J 6 .   ? -6.717  -3.843  -17.663 1.00 46.92 ? 526 HOH A O   1 
HETATM 1371 O  O   . HOH J 6 .   ? 12.413  -0.444  -11.328 1.00 55.90 ? 527 HOH A O   1 
HETATM 1372 O  O   . HOH J 6 .   ? 9.211   -8.718  16.803  1.00 45.08 ? 528 HOH A O   1 
HETATM 1373 O  O   . HOH J 6 .   ? 6.723   -8.217  17.208  1.00 46.59 ? 529 HOH A O   1 
HETATM 1374 O  O   . HOH J 6 .   ? -4.315  18.060  0.650   1.00 47.57 ? 530 HOH A O   1 
HETATM 1375 O  O   . HOH J 6 .   ? -7.705  -20.461 -16.587 1.00 60.21 ? 531 HOH A O   1 
HETATM 1376 O  O   . HOH J 6 .   ? 13.741  1.869   -5.119  1.00 39.55 ? 532 HOH A O   1 
HETATM 1377 O  O   . HOH J 6 .   ? -8.076  19.142  1.753   1.00 44.69 ? 533 HOH A O   1 
# 
